data_5ZSM
#
_entry.id   5ZSM
#
_cell.length_a   99.655
_cell.length_b   139.173
_cell.length_c   150.794
_cell.angle_alpha   90.00
_cell.angle_beta   90.00
_cell.angle_gamma   90.00
#
_symmetry.space_group_name_H-M   'P 21 21 21'
#
loop_
_entity.id
_entity.type
_entity.pdbx_description
1 polymer 'Toll-like receptor 7'
2 polymer "RNA (5'-R(*GP*UP*CP*CP*C)-3')"
3 branched 2-acetamido-2-deoxy-beta-D-glucopyranose-(1-4)-2-acetamido-2-deoxy-beta-D-glucopyranose
4 non-polymer 2-acetamido-2-deoxy-beta-D-glucopyranose
5 non-polymer 'SULFATE ION'
6 non-polymer 2-amino-9-[(2S,3aR,4R,6R,6aR)-2-hydroxy-6-(hydroxymethyl)-2-oxotetrahydro-2H-2lambda~5~-furo[3,4-d][1,3,2]dioxaphosphol-4-yl]-3,9-dihydro-6H-purin-6-one
7 water water
#
loop_
_entity_poly.entity_id
_entity_poly.type
_entity_poly.pdbx_seq_one_letter_code
_entity_poly.pdbx_strand_id
1 'polypeptide(L)'
;RSPWARWFPKTLPCDVTLDVSKNHVIVDCTDKHLTEIPGGIPTNTTNLTLTINHIPDISPASFHRLVHLVEIDFRCNCVP
IRLGSKSNMCPRRLQIKPRSFSGLTYLKSLYLDGNQLLEIPQGLPPSLQLLSLEANNIFSIRKEQLTELANIEILYLGQN
CYYRNPCYVSYSIEKDAFLNLTKLKVLSLKDNNVTTVPTVLPSTLTELYLYNNMIAEIQEDDFNNLNQLQILDLSGNCPR
CYNAPFPCTPCKNNSPLQIPVNAFDALTELKVLRLHSNSLQHVPPRWFKNINNLQELDLSQNFLAKEIGDAKFLHFLPNL
IQLDLSFNFELQVYRASMNLSQAFSSLKSLKILRIRGYVFKELKSFQLSPLHNLQNLEVLDLGTNFIKIANLSMFKQFKR
LKVIDLSVNKISPSGDSLVPRGSSNARTSVESYEPQVLEQLYYFRYDKYARSCRFKNKEASFTSVQESCYKYGQTLDLSK
NSIFFIKSSDFQHLSFLKCLNLSGNLISQTLNGSEFQPLAELRYLDFSNNRLDLLHSTAFEELRKLEVLDISSNSHYFQS
EGITHMLNFTKNLKVLQKLMMNDNDISSSTSRTMESESLRTLEFRGNHLDVLWRDGDNRYLQLFKNLLKLEELDISKNSL
SFLPSGVFDGMPPNLKNLSLAKNGLKSFIWEKLRYLKNLETLDLSHNQLTTVPERLSNCSRSLKNLILKNNQIRSLTKYF
LQDAFQLRYLDLSSNKIQMIQKTSFPENVLNNLKMLLLHHNRFLCTCDAVWFVWWVQHTEVTIPYLATDVTCVGPGAHKG
QSVISLDLYTCELDLTNEFLVPR
;
B,A
2 'polyribonucleotide' GGUCCC D,E
#
loop_
_chem_comp.id
_chem_comp.type
_chem_comp.name
_chem_comp.formula
9K9 non-polymer 2-amino-9-[(2S,3aR,4R,6R,6aR)-2-hydroxy-6-(hydroxymethyl)-2-oxotetrahydro-2H-2lambda~5~-furo[3,4-d][1,3,2]dioxaphosphol-4-yl]-3,9-dihydro-6H-purin-6-one 'C10 H12 N5 O7 P'
C RNA linking CYTIDINE-5'-MONOPHOSPHATE 'C9 H14 N3 O8 P'
G RNA linking GUANOSINE-5'-MONOPHOSPHATE 'C10 H14 N5 O8 P'
NAG D-saccharide, beta linking 2-acetamido-2-deoxy-beta-D-glucopyranose 'C8 H15 N O6'
SO4 non-polymer 'SULFATE ION' 'O4 S -2'
U RNA linking URIDINE-5'-MONOPHOSPHATE 'C9 H13 N2 O9 P'
#
# COMPACT_ATOMS: atom_id res chain seq x y z
N ALA A 5 31.23 31.99 10.90
CA ALA A 5 32.21 31.87 9.82
C ALA A 5 31.90 32.97 8.78
N ARG A 6 30.77 32.88 8.06
CA ARG A 6 30.39 33.83 6.98
C ARG A 6 30.19 35.26 7.51
N TRP A 7 30.68 36.25 6.76
CA TRP A 7 30.50 37.66 7.13
C TRP A 7 29.22 38.23 6.54
N PHE A 8 28.81 37.76 5.35
CA PHE A 8 27.59 38.25 4.69
C PHE A 8 26.63 37.12 4.33
N PRO A 9 25.55 36.90 5.12
CA PRO A 9 24.55 35.88 4.82
C PRO A 9 24.00 35.92 3.38
N LYS A 10 23.75 34.72 2.85
CA LYS A 10 23.23 34.48 1.52
C LYS A 10 21.71 34.52 1.62
N THR A 11 21.11 35.52 1.00
CA THR A 11 19.70 35.79 1.22
C THR A 11 18.89 35.45 -0.05
N LEU A 12 19.60 35.38 -1.18
CA LEU A 12 19.03 35.07 -2.49
C LEU A 12 18.43 33.66 -2.47
N PRO A 13 17.14 33.50 -2.87
CA PRO A 13 16.48 32.21 -2.83
C PRO A 13 16.84 31.28 -4.00
N CYS A 14 18.12 31.23 -4.37
CA CYS A 14 18.63 30.46 -5.52
C CYS A 14 19.96 29.81 -5.11
N ASP A 15 20.20 28.58 -5.58
CA ASP A 15 21.49 27.91 -5.43
C ASP A 15 22.52 28.63 -6.31
N VAL A 16 23.73 28.82 -5.79
CA VAL A 16 24.81 29.51 -6.50
C VAL A 16 26.09 28.64 -6.44
N THR A 17 26.66 28.36 -7.61
CA THR A 17 27.78 27.48 -7.75
C THR A 17 28.82 28.15 -8.64
N LEU A 18 30.10 28.05 -8.25
CA LEU A 18 31.23 28.50 -9.05
C LEU A 18 31.84 27.28 -9.72
N ASP A 19 31.93 27.33 -11.04
CA ASP A 19 32.78 26.45 -11.85
C ASP A 19 33.92 27.32 -12.40
N VAL A 20 35.00 27.43 -11.61
CA VAL A 20 36.02 28.44 -11.84
C VAL A 20 36.78 28.11 -13.14
N SER A 21 36.94 26.82 -13.45
CA SER A 21 37.69 26.30 -14.63
C SER A 21 37.04 26.73 -15.97
N LYS A 22 35.71 26.56 -16.06
CA LYS A 22 34.95 26.89 -17.28
C LYS A 22 34.43 28.34 -17.22
N ASN A 23 34.81 29.12 -16.19
CA ASN A 23 34.53 30.58 -16.15
C ASN A 23 33.02 30.85 -15.99
N HIS A 24 32.33 29.98 -15.25
CA HIS A 24 30.87 29.98 -15.14
C HIS A 24 30.44 30.35 -13.70
N VAL A 25 29.37 31.15 -13.60
CA VAL A 25 28.71 31.48 -12.31
C VAL A 25 27.25 31.07 -12.44
N ILE A 26 26.87 29.98 -11.75
CA ILE A 26 25.60 29.31 -11.99
C ILE A 26 24.60 29.60 -10.89
N VAL A 27 23.47 30.17 -11.28
CA VAL A 27 22.40 30.52 -10.42
C VAL A 27 21.16 29.71 -10.81
N ASP A 28 20.76 28.80 -9.92
CA ASP A 28 19.60 27.91 -10.09
C ASP A 28 18.44 28.33 -9.18
N CYS A 29 17.40 28.94 -9.76
CA CYS A 29 16.19 29.36 -9.04
C CYS A 29 15.03 28.45 -9.42
N THR A 30 15.32 27.18 -9.67
CA THR A 30 14.28 26.27 -10.12
C THR A 30 13.29 26.09 -8.96
N ASP A 31 12.00 26.38 -9.23
CA ASP A 31 10.90 25.97 -8.34
C ASP A 31 11.06 26.61 -6.97
N LYS A 32 11.06 27.94 -6.91
CA LYS A 32 11.15 28.64 -5.67
C LYS A 32 9.97 29.60 -5.53
N HIS A 33 8.82 29.21 -6.08
CA HIS A 33 7.58 29.94 -5.91
C HIS A 33 7.84 31.44 -5.99
N LEU A 34 8.65 31.84 -6.98
CA LEU A 34 8.98 33.24 -7.24
C LEU A 34 7.90 33.86 -8.14
N THR A 35 7.55 35.12 -7.87
CA THR A 35 6.63 35.91 -8.68
C THR A 35 7.34 37.12 -9.31
N GLU A 36 8.62 37.33 -8.93
CA GLU A 36 9.50 38.38 -9.46
C GLU A 36 10.87 37.74 -9.66
N ILE A 37 11.70 38.27 -10.55
CA ILE A 37 13.11 37.86 -10.54
C ILE A 37 13.72 38.40 -9.25
N PRO A 38 14.36 37.59 -8.39
CA PRO A 38 14.97 38.11 -7.17
C PRO A 38 16.09 39.14 -7.48
N GLY A 39 16.13 40.21 -6.68
CA GLY A 39 17.25 41.14 -6.67
C GLY A 39 18.52 40.50 -6.11
N GLY A 40 19.68 41.05 -6.48
CA GLY A 40 20.95 40.62 -5.90
C GLY A 40 21.56 39.41 -6.61
N ILE A 41 21.03 39.05 -7.79
CA ILE A 41 21.67 38.01 -8.60
C ILE A 41 23.07 38.49 -8.99
N PRO A 42 24.15 37.70 -8.79
CA PRO A 42 25.51 38.16 -9.03
C PRO A 42 25.64 38.69 -10.45
N THR A 43 26.46 39.73 -10.64
CA THR A 43 26.72 40.41 -11.91
C THR A 43 27.51 39.46 -12.83
N ASN A 44 28.43 38.68 -12.23
CA ASN A 44 29.31 37.70 -12.92
C ASN A 44 28.49 36.47 -13.40
N THR A 45 27.16 36.46 -13.16
CA THR A 45 26.25 35.33 -13.47
C THR A 45 26.26 35.03 -14.98
N THR A 46 26.50 33.75 -15.31
CA THR A 46 26.61 33.27 -16.67
C THR A 46 25.47 32.33 -17.02
N ASN A 47 25.09 31.41 -16.11
CA ASN A 47 23.93 30.48 -16.32
C ASN A 47 22.87 30.74 -15.25
N LEU A 48 21.71 31.24 -15.66
CA LEU A 48 20.59 31.63 -14.80
C LEU A 48 19.35 30.79 -15.13
N THR A 49 18.89 29.96 -14.21
CA THR A 49 17.67 29.18 -14.43
C THR A 49 16.53 29.69 -13.52
N LEU A 50 15.37 29.97 -14.12
CA LEU A 50 14.20 30.45 -13.44
C LEU A 50 12.98 29.54 -13.76
N THR A 51 13.28 28.29 -14.12
CA THR A 51 12.25 27.33 -14.48
C THR A 51 11.27 27.11 -13.32
N ILE A 52 9.99 26.96 -13.67
CA ILE A 52 8.92 26.63 -12.71
C ILE A 52 8.88 27.70 -11.60
N ASN A 53 8.35 28.85 -11.97
CA ASN A 53 8.11 29.99 -11.11
C ASN A 53 6.89 30.67 -11.72
N HIS A 54 6.48 31.80 -11.18
CA HIS A 54 5.29 32.49 -11.67
C HIS A 54 5.63 33.94 -11.95
N ILE A 55 6.78 34.15 -12.61
CA ILE A 55 7.20 35.50 -12.94
C ILE A 55 6.43 35.92 -14.18
N PRO A 56 5.58 36.95 -14.12
CA PRO A 56 4.57 37.14 -15.17
C PRO A 56 5.06 37.93 -16.38
N ASP A 57 6.27 38.50 -16.26
CA ASP A 57 6.80 39.43 -17.26
C ASP A 57 8.33 39.50 -17.20
N ILE A 58 8.92 39.76 -18.37
CA ILE A 58 10.31 40.04 -18.60
C ILE A 58 10.41 41.44 -19.24
N SER A 59 11.48 42.17 -18.87
CA SER A 59 11.66 43.61 -19.19
C SER A 59 13.15 43.89 -19.26
N PRO A 60 13.60 45.04 -19.81
CA PRO A 60 15.02 45.41 -19.76
C PRO A 60 15.63 45.40 -18.35
N ALA A 61 14.82 45.69 -17.33
CA ALA A 61 15.29 45.60 -15.93
C ALA A 61 15.57 44.15 -15.49
N SER A 62 14.90 43.17 -16.10
CA SER A 62 15.03 41.75 -15.73
C SER A 62 16.51 41.35 -15.64
N PHE A 63 17.29 41.64 -16.69
CA PHE A 63 18.68 41.15 -16.76
C PHE A 63 19.71 42.30 -16.90
N HIS A 64 19.29 43.54 -16.65
CA HIS A 64 20.06 44.81 -16.93
C HIS A 64 21.54 44.65 -16.58
N ARG A 65 21.82 44.20 -15.35
CA ARG A 65 23.18 44.15 -14.79
C ARG A 65 23.94 42.92 -15.28
N LEU A 66 23.22 41.90 -15.74
CA LEU A 66 23.75 40.55 -15.88
C LEU A 66 24.35 40.35 -17.27
N VAL A 67 25.35 41.19 -17.61
CA VAL A 67 25.77 41.37 -19.00
C VAL A 67 26.62 40.18 -19.44
N HIS A 68 26.98 39.28 -18.51
CA HIS A 68 27.85 38.13 -18.83
C HIS A 68 27.05 36.84 -19.09
N LEU A 69 25.72 36.94 -19.28
CA LEU A 69 24.83 35.74 -19.38
C LEU A 69 25.10 35.00 -20.69
N VAL A 70 25.40 33.70 -20.61
CA VAL A 70 25.47 32.84 -21.79
C VAL A 70 24.17 32.00 -21.93
N GLU A 71 23.45 31.74 -20.82
CA GLU A 71 22.26 30.88 -20.83
C GLU A 71 21.21 31.43 -19.87
N ILE A 72 20.00 31.66 -20.38
CA ILE A 72 18.85 31.90 -19.57
C ILE A 72 17.89 30.75 -19.80
N ASP A 73 17.48 30.06 -18.71
CA ASP A 73 16.47 29.01 -18.78
C ASP A 73 15.26 29.54 -18.05
N PHE A 74 14.27 29.99 -18.80
CA PHE A 74 13.09 30.62 -18.30
C PHE A 74 11.86 29.79 -18.71
N ARG A 75 11.92 28.47 -18.50
CA ARG A 75 10.81 27.56 -18.89
C ARG A 75 9.67 27.54 -17.85
N CYS A 76 8.45 27.34 -18.35
CA CYS A 76 7.34 26.89 -17.53
C CYS A 76 7.04 27.92 -16.43
N ASN A 77 7.03 29.21 -16.77
CA ASN A 77 6.57 30.20 -15.88
C ASN A 77 5.12 30.53 -16.22
N CYS A 78 4.59 29.94 -17.29
CA CYS A 78 3.18 30.04 -17.60
C CYS A 78 2.80 28.88 -18.53
N VAL A 79 2.65 27.67 -17.96
CA VAL A 79 2.49 26.51 -18.83
C VAL A 79 1.06 26.46 -19.34
N PRO A 80 0.84 26.00 -20.60
CA PRO A 80 -0.51 25.92 -21.14
C PRO A 80 -1.46 25.13 -20.23
N ILE A 81 -2.71 25.57 -20.25
CA ILE A 81 -3.73 25.20 -19.28
C ILE A 81 -3.70 23.69 -18.99
N ARG A 82 -3.68 22.82 -20.02
CA ARG A 82 -3.88 21.36 -19.82
C ARG A 82 -2.60 20.61 -19.44
N LEU A 83 -1.43 21.25 -19.60
CA LEU A 83 -0.14 20.67 -19.24
C LEU A 83 0.23 21.06 -17.80
N GLY A 84 -0.35 22.15 -17.31
CA GLY A 84 0.08 22.78 -16.07
C GLY A 84 -0.77 22.35 -14.89
N SER A 85 -0.37 22.84 -13.72
CA SER A 85 -1.13 22.66 -12.49
C SER A 85 -2.56 23.18 -12.69
N LYS A 86 -3.57 22.40 -12.27
CA LYS A 86 -4.94 22.91 -12.20
C LYS A 86 -5.20 23.68 -10.89
N SER A 87 -4.35 23.49 -9.87
CA SER A 87 -4.49 24.24 -8.59
C SER A 87 -3.76 25.60 -8.63
N ASN A 88 -2.89 25.80 -9.62
CA ASN A 88 -2.10 27.01 -9.77
C ASN A 88 -2.00 27.39 -11.25
N MET A 89 -3.15 27.37 -11.94
CA MET A 89 -3.24 27.80 -13.34
C MET A 89 -2.56 29.17 -13.48
N CYS A 90 -1.92 29.40 -14.63
CA CYS A 90 -1.32 30.68 -14.94
C CYS A 90 -2.43 31.60 -15.48
N PRO A 91 -2.60 32.82 -14.94
CA PRO A 91 -3.71 33.69 -15.35
C PRO A 91 -3.58 34.24 -16.78
N ARG A 92 -2.39 34.71 -17.13
CA ARG A 92 -2.15 35.45 -18.36
C ARG A 92 -0.75 35.12 -18.86
N ARG A 93 -0.63 35.00 -20.18
CA ARG A 93 0.61 34.60 -20.84
C ARG A 93 1.78 35.51 -20.39
N LEU A 94 3.00 34.96 -20.39
CA LEU A 94 4.23 35.69 -20.16
C LEU A 94 4.32 36.86 -21.16
N GLN A 95 4.64 38.04 -20.63
CA GLN A 95 4.83 39.27 -21.41
C GLN A 95 6.32 39.55 -21.46
N ILE A 96 6.87 39.64 -22.67
CA ILE A 96 8.25 39.99 -22.85
C ILE A 96 8.28 41.36 -23.53
N LYS A 97 8.76 42.38 -22.81
CA LYS A 97 8.83 43.74 -23.33
C LYS A 97 10.04 43.84 -24.26
N PRO A 98 10.07 44.82 -25.19
CA PRO A 98 11.17 44.90 -26.15
C PRO A 98 12.46 45.28 -25.42
N ARG A 99 13.59 44.85 -25.97
CA ARG A 99 14.95 45.22 -25.56
C ARG A 99 15.40 44.37 -24.36
N SER A 100 14.56 43.40 -23.96
CA SER A 100 14.84 42.56 -22.77
C SER A 100 16.08 41.69 -22.97
N PHE A 101 16.35 41.29 -24.20
CA PHE A 101 17.43 40.39 -24.50
C PHE A 101 18.54 41.07 -25.31
N SER A 102 18.23 42.16 -26.03
CA SER A 102 19.17 42.73 -27.01
C SER A 102 20.43 43.22 -26.29
N GLY A 103 20.31 43.55 -24.99
CA GLY A 103 21.47 43.85 -24.14
C GLY A 103 22.46 42.71 -24.00
N LEU A 104 22.03 41.44 -24.14
CA LEU A 104 22.84 40.31 -23.68
C LEU A 104 23.73 39.79 -24.80
N THR A 105 24.90 40.42 -24.91
CA THR A 105 25.79 40.26 -26.03
C THR A 105 26.39 38.85 -26.09
N TYR A 106 26.44 38.14 -24.95
CA TYR A 106 27.09 36.83 -24.93
C TYR A 106 26.11 35.66 -24.87
N LEU A 107 24.81 35.93 -24.99
CA LEU A 107 23.74 34.92 -24.75
C LEU A 107 23.78 33.85 -25.85
N LYS A 108 24.11 32.61 -25.49
CA LYS A 108 24.20 31.51 -26.43
C LYS A 108 22.91 30.67 -26.46
N SER A 109 22.27 30.46 -25.30
CA SER A 109 21.10 29.55 -25.17
C SER A 109 19.97 30.28 -24.44
N LEU A 110 18.77 30.25 -25.01
CA LEU A 110 17.57 30.80 -24.41
C LEU A 110 16.45 29.76 -24.44
N TYR A 111 15.91 29.39 -23.27
CA TYR A 111 14.77 28.48 -23.19
C TYR A 111 13.54 29.31 -22.75
N LEU A 112 12.47 29.36 -23.55
CA LEU A 112 11.25 30.03 -23.14
C LEU A 112 10.05 29.10 -23.35
N ASP A 113 10.32 27.80 -23.23
CA ASP A 113 9.31 26.78 -23.34
C ASP A 113 8.27 27.01 -22.26
N GLY A 114 6.99 26.78 -22.59
CA GLY A 114 5.96 26.64 -21.61
C GLY A 114 5.59 27.97 -20.97
N ASN A 115 5.35 28.98 -21.80
CA ASN A 115 5.10 30.33 -21.31
C ASN A 115 3.88 30.92 -22.03
N GLN A 116 3.18 30.14 -22.85
CA GLN A 116 1.95 30.55 -23.57
C GLN A 116 2.22 31.73 -24.55
N LEU A 117 3.45 31.81 -25.08
CA LEU A 117 3.82 32.85 -26.03
C LEU A 117 3.07 32.64 -27.36
N LEU A 118 2.68 33.75 -28.01
CA LEU A 118 1.89 33.75 -29.27
C LEU A 118 2.81 33.87 -30.50
N GLU A 119 4.05 34.33 -30.29
CA GLU A 119 4.94 34.72 -31.38
C GLU A 119 6.37 34.44 -30.99
N ILE A 120 7.23 34.32 -32.01
CA ILE A 120 8.64 34.15 -31.75
C ILE A 120 9.17 35.46 -31.20
N PRO A 121 9.74 35.48 -29.99
CA PRO A 121 10.21 36.72 -29.39
C PRO A 121 11.27 37.40 -30.27
N GLN A 122 11.14 38.71 -30.46
CA GLN A 122 12.01 39.50 -31.32
C GLN A 122 13.08 40.16 -30.45
N GLY A 123 14.10 40.74 -31.08
CA GLY A 123 15.13 41.47 -30.37
C GLY A 123 16.16 40.55 -29.75
N LEU A 124 16.25 39.32 -30.23
CA LEU A 124 17.21 38.40 -29.67
C LEU A 124 18.60 38.72 -30.21
N PRO A 125 19.65 38.62 -29.38
CA PRO A 125 20.99 38.98 -29.82
C PRO A 125 21.53 38.00 -30.84
N PRO A 126 22.50 38.43 -31.67
CA PRO A 126 23.02 37.60 -32.75
C PRO A 126 23.99 36.52 -32.27
N SER A 127 24.25 36.50 -30.96
CA SER A 127 25.16 35.52 -30.38
C SER A 127 24.47 34.16 -30.22
N LEU A 128 23.13 34.16 -30.38
CA LEU A 128 22.26 33.07 -29.95
C LEU A 128 22.42 31.85 -30.85
N GLN A 129 22.86 30.73 -30.25
CA GLN A 129 23.03 29.42 -30.89
C GLN A 129 21.79 28.51 -30.67
N LEU A 130 21.05 28.68 -29.56
CA LEU A 130 19.97 27.74 -29.20
C LEU A 130 18.77 28.54 -28.70
N LEU A 131 17.61 28.31 -29.31
CA LEU A 131 16.32 28.91 -28.93
C LEU A 131 15.32 27.77 -28.83
N SER A 132 14.48 27.81 -27.78
CA SER A 132 13.57 26.70 -27.46
C SER A 132 12.23 27.29 -27.03
N LEU A 133 11.18 26.93 -27.78
CA LEU A 133 9.87 27.50 -27.60
C LEU A 133 8.82 26.38 -27.58
N GLU A 134 9.16 25.23 -26.99
CA GLU A 134 8.21 24.13 -26.87
C GLU A 134 7.04 24.60 -25.98
N ALA A 135 5.86 24.02 -26.22
CA ALA A 135 4.70 24.18 -25.35
C ALA A 135 4.38 25.65 -25.16
N ASN A 136 4.56 26.45 -26.22
CA ASN A 136 3.98 27.75 -26.37
C ASN A 136 2.82 27.63 -27.37
N ASN A 137 2.34 28.77 -27.90
CA ASN A 137 1.14 28.89 -28.74
C ASN A 137 1.53 29.61 -30.03
N ILE A 138 2.62 29.14 -30.65
CA ILE A 138 3.18 29.67 -31.85
C ILE A 138 3.03 28.60 -32.93
N PHE A 139 2.05 28.83 -33.82
CA PHE A 139 1.66 27.84 -34.83
C PHE A 139 1.62 28.42 -36.26
N SER A 140 2.38 29.51 -36.48
CA SER A 140 2.59 30.15 -37.77
C SER A 140 4.02 30.73 -37.80
N ILE A 141 4.88 30.15 -38.65
CA ILE A 141 6.27 30.55 -38.79
C ILE A 141 6.44 31.32 -40.11
N ARG A 142 7.07 32.49 -40.02
CA ARG A 142 7.22 33.45 -41.12
C ARG A 142 8.70 33.84 -41.21
N LYS A 143 9.22 33.94 -42.44
CA LYS A 143 10.65 34.20 -42.68
C LYS A 143 11.10 35.43 -41.91
N GLU A 144 10.21 36.43 -41.85
CA GLU A 144 10.49 37.74 -41.31
C GLU A 144 10.89 37.64 -39.83
N GLN A 145 10.11 36.85 -39.08
CA GLN A 145 10.27 36.59 -37.63
C GLN A 145 11.57 35.80 -37.34
N LEU A 146 12.16 35.20 -38.36
CA LEU A 146 13.36 34.38 -38.15
C LEU A 146 14.63 35.12 -38.53
N THR A 147 14.57 36.34 -39.06
CA THR A 147 15.83 36.91 -39.64
C THR A 147 16.82 37.13 -38.50
N GLU A 148 16.29 37.55 -37.34
CA GLU A 148 17.08 37.79 -36.12
C GLU A 148 17.93 36.55 -35.73
N LEU A 149 17.58 35.35 -36.20
CA LEU A 149 18.26 34.11 -35.79
C LEU A 149 19.41 33.69 -36.75
N ALA A 150 20.10 34.63 -37.38
CA ALA A 150 21.05 34.24 -38.43
C ALA A 150 22.10 33.22 -37.93
N ASN A 151 22.58 33.33 -36.69
CA ASN A 151 23.62 32.39 -36.20
C ASN A 151 23.03 31.21 -35.40
N ILE A 152 21.72 30.97 -35.48
CA ILE A 152 21.04 29.92 -34.70
C ILE A 152 21.49 28.56 -35.24
N GLU A 153 21.65 27.59 -34.31
CA GLU A 153 22.13 26.24 -34.62
C GLU A 153 21.14 25.17 -34.16
N ILE A 154 20.43 25.41 -33.05
CA ILE A 154 19.47 24.49 -32.46
C ILE A 154 18.17 25.26 -32.21
N LEU A 155 17.05 24.70 -32.66
CA LEU A 155 15.75 25.39 -32.67
C LEU A 155 14.63 24.37 -32.41
N TYR A 156 13.99 24.50 -31.24
CA TYR A 156 12.89 23.65 -30.82
C TYR A 156 11.59 24.45 -30.84
N LEU A 157 10.60 23.96 -31.60
CA LEU A 157 9.36 24.68 -31.83
C LEU A 157 8.18 23.76 -31.63
N GLY A 158 8.45 22.52 -31.18
CA GLY A 158 7.44 21.46 -31.05
C GLY A 158 6.47 21.75 -29.92
N GLN A 159 5.45 20.90 -29.79
CA GLN A 159 4.44 20.87 -28.73
C GLN A 159 3.68 22.20 -28.67
N ASN A 160 3.54 22.90 -29.82
CA ASN A 160 2.77 24.15 -29.88
C ASN A 160 1.39 23.97 -30.51
N CYS A 161 1.09 22.81 -31.09
CA CYS A 161 -0.28 22.50 -31.56
C CYS A 161 -0.49 20.98 -31.55
N TYR A 162 -1.02 20.47 -30.45
CA TYR A 162 -1.35 19.03 -30.30
C TYR A 162 -2.45 18.92 -29.24
N TYR A 163 -2.86 17.69 -28.94
CA TYR A 163 -4.06 17.44 -28.15
C TYR A 163 -3.95 18.02 -26.72
N ARG A 164 -2.75 18.11 -26.14
CA ARG A 164 -2.56 18.68 -24.80
C ARG A 164 -2.42 20.21 -24.86
N ASN A 165 -2.33 20.78 -26.06
CA ASN A 165 -2.03 22.19 -26.23
C ASN A 165 -2.53 22.63 -27.59
N PRO A 166 -3.84 22.55 -27.82
CA PRO A 166 -4.37 22.68 -29.18
C PRO A 166 -4.28 24.12 -29.70
N CYS A 167 -4.05 24.26 -31.02
CA CYS A 167 -4.15 25.53 -31.72
C CYS A 167 -5.33 25.55 -32.71
N TYR A 168 -6.04 24.43 -32.89
CA TYR A 168 -7.34 24.37 -33.60
C TYR A 168 -7.20 24.74 -35.09
N VAL A 169 -5.98 24.72 -35.64
CA VAL A 169 -5.73 24.89 -37.07
C VAL A 169 -4.50 24.06 -37.44
N SER A 170 -4.24 23.99 -38.75
CA SER A 170 -3.00 23.45 -39.27
C SER A 170 -1.84 24.41 -38.99
N TYR A 171 -0.65 23.85 -38.75
CA TYR A 171 0.58 24.59 -38.59
C TYR A 171 0.90 25.24 -39.94
N SER A 172 1.40 26.47 -39.92
CA SER A 172 1.77 27.26 -41.14
C SER A 172 3.28 27.51 -41.12
N ILE A 173 3.94 27.17 -42.23
CA ILE A 173 5.32 27.53 -42.41
C ILE A 173 5.49 28.17 -43.78
N GLU A 174 5.86 29.45 -43.81
CA GLU A 174 6.13 30.14 -45.06
C GLU A 174 7.22 29.39 -45.82
N LYS A 175 7.11 29.42 -47.15
CA LYS A 175 8.11 28.84 -48.08
C LYS A 175 9.50 29.35 -47.68
N ASP A 176 10.49 28.45 -47.68
CA ASP A 176 11.89 28.81 -47.49
C ASP A 176 12.11 29.59 -46.18
N ALA A 177 11.18 29.44 -45.23
CA ALA A 177 11.24 30.14 -43.94
C ALA A 177 12.59 29.94 -43.25
N PHE A 178 13.13 28.72 -43.33
CA PHE A 178 14.34 28.38 -42.59
C PHE A 178 15.57 28.41 -43.51
N LEU A 179 15.39 28.77 -44.78
CA LEU A 179 16.47 28.55 -45.76
C LEU A 179 17.69 29.44 -45.44
N ASN A 180 17.43 30.70 -45.02
CA ASN A 180 18.51 31.67 -44.76
C ASN A 180 19.14 31.45 -43.37
N LEU A 181 18.68 30.48 -42.57
CA LEU A 181 19.38 30.15 -41.29
C LEU A 181 20.54 29.20 -41.61
N THR A 182 21.68 29.76 -42.04
CA THR A 182 22.74 29.00 -42.74
C THR A 182 23.55 28.11 -41.79
N LYS A 183 23.32 28.22 -40.47
CA LYS A 183 24.09 27.46 -39.46
C LYS A 183 23.19 26.43 -38.74
N LEU A 184 21.91 26.36 -39.11
CA LEU A 184 20.93 25.58 -38.37
C LEU A 184 21.27 24.09 -38.47
N LYS A 185 21.55 23.45 -37.34
CA LYS A 185 21.90 22.03 -37.27
C LYS A 185 20.67 21.19 -36.89
N VAL A 186 19.83 21.70 -35.97
CA VAL A 186 18.78 20.89 -35.32
C VAL A 186 17.47 21.67 -35.31
N LEU A 187 16.44 21.05 -35.90
CA LEU A 187 15.14 21.66 -36.08
C LEU A 187 14.10 20.62 -35.67
N SER A 188 13.22 21.01 -34.72
CA SER A 188 12.28 20.12 -34.12
C SER A 188 10.90 20.74 -34.24
N LEU A 189 10.01 20.08 -35.00
CA LEU A 189 8.70 20.61 -35.31
C LEU A 189 7.66 19.57 -34.93
N LYS A 190 8.05 18.70 -34.02
CA LYS A 190 7.22 17.61 -33.55
C LYS A 190 5.96 18.13 -32.87
N ASP A 191 4.95 17.26 -32.81
CA ASP A 191 3.76 17.48 -31.99
C ASP A 191 3.15 18.85 -32.31
N ASN A 192 2.93 19.15 -33.60
CA ASN A 192 2.65 20.52 -34.03
C ASN A 192 1.51 20.64 -35.04
N ASN A 193 0.87 19.55 -35.49
CA ASN A 193 -0.21 19.68 -36.52
C ASN A 193 0.35 20.21 -37.86
N VAL A 194 1.59 19.86 -38.19
CA VAL A 194 2.18 20.18 -39.48
C VAL A 194 1.57 19.26 -40.55
N THR A 195 1.32 19.85 -41.74
CA THR A 195 0.65 19.08 -42.80
C THR A 195 1.64 18.67 -43.90
N THR A 196 2.73 19.42 -44.08
CA THR A 196 3.76 19.05 -45.07
C THR A 196 5.16 19.33 -44.55
N VAL A 197 6.15 18.62 -45.10
CA VAL A 197 7.54 18.92 -44.78
C VAL A 197 7.82 20.35 -45.22
N PRO A 198 8.30 21.25 -44.35
CA PRO A 198 8.59 22.61 -44.79
C PRO A 198 9.84 22.56 -45.67
N THR A 199 9.81 23.32 -46.76
CA THR A 199 10.94 23.39 -47.70
C THR A 199 11.17 24.86 -48.05
N VAL A 200 12.38 25.23 -48.47
CA VAL A 200 13.54 24.35 -48.52
C VAL A 200 14.30 24.57 -47.22
N LEU A 201 14.77 23.48 -46.62
CA LEU A 201 15.52 23.55 -45.38
C LEU A 201 16.99 23.76 -45.73
N PRO A 202 17.78 24.35 -44.83
CA PRO A 202 19.21 24.53 -45.08
C PRO A 202 19.96 23.19 -45.04
N SER A 203 20.95 23.05 -45.92
CA SER A 203 21.70 21.83 -46.15
C SER A 203 22.61 21.52 -44.95
N THR A 204 22.59 22.42 -43.99
CA THR A 204 23.45 22.39 -42.84
C THR A 204 22.81 21.55 -41.71
N LEU A 205 21.52 21.14 -41.86
CA LEU A 205 20.78 20.28 -40.89
C LEU A 205 21.52 18.97 -40.62
N THR A 206 21.65 18.63 -39.33
CA THR A 206 22.07 17.29 -38.90
C THR A 206 20.91 16.47 -38.30
N GLU A 207 19.89 17.15 -37.78
CA GLU A 207 18.79 16.52 -37.08
C GLU A 207 17.48 17.25 -37.41
N LEU A 208 16.49 16.48 -37.86
CA LEU A 208 15.19 16.97 -38.21
C LEU A 208 14.17 16.04 -37.56
N TYR A 209 13.31 16.65 -36.73
CA TYR A 209 12.27 16.00 -35.96
C TYR A 209 10.94 16.55 -36.50
N LEU A 210 10.14 15.66 -37.11
CA LEU A 210 8.86 16.03 -37.74
C LEU A 210 7.75 15.10 -37.27
N TYR A 211 7.97 14.44 -36.12
CA TYR A 211 7.10 13.38 -35.68
C TYR A 211 5.86 13.94 -35.00
N ASN A 212 4.84 13.10 -34.86
CA ASN A 212 3.52 13.42 -34.33
C ASN A 212 2.93 14.67 -34.99
N ASN A 213 2.73 14.59 -36.31
CA ASN A 213 2.17 15.66 -37.14
C ASN A 213 1.06 15.08 -38.04
N MET A 214 0.56 15.87 -39.00
CA MET A 214 -0.50 15.41 -39.92
C MET A 214 0.08 15.42 -41.33
N ILE A 215 1.24 14.81 -41.51
CA ILE A 215 1.90 14.73 -42.80
C ILE A 215 1.46 13.42 -43.47
N ALA A 216 0.81 13.53 -44.64
CA ALA A 216 0.30 12.36 -45.36
C ALA A 216 1.28 11.87 -46.45
N GLU A 217 2.08 12.78 -47.01
CA GLU A 217 2.95 12.49 -48.15
C GLU A 217 4.32 13.14 -47.98
N ILE A 218 5.37 12.39 -48.30
CA ILE A 218 6.67 12.96 -48.52
C ILE A 218 6.82 13.15 -50.03
N GLN A 219 7.06 14.38 -50.48
CA GLN A 219 7.45 14.67 -51.87
C GLN A 219 8.88 14.16 -52.12
N GLU A 220 9.14 13.70 -53.34
CA GLU A 220 10.37 12.98 -53.64
C GLU A 220 11.61 13.85 -53.39
N ASP A 221 11.47 15.17 -53.45
CA ASP A 221 12.58 16.08 -53.22
C ASP A 221 12.51 16.81 -51.86
N ASP A 222 11.60 16.45 -50.94
CA ASP A 222 11.47 17.13 -49.64
C ASP A 222 12.82 17.21 -48.88
N PHE A 223 13.78 16.29 -49.12
CA PHE A 223 15.04 16.20 -48.37
C PHE A 223 16.24 16.23 -49.33
N ASN A 224 16.07 16.89 -50.47
CA ASN A 224 16.99 16.92 -51.64
C ASN A 224 18.42 17.33 -51.30
N ASN A 225 18.55 18.34 -50.45
CA ASN A 225 19.79 19.05 -50.24
C ASN A 225 20.45 18.66 -48.91
N LEU A 226 19.81 17.77 -48.14
CA LEU A 226 20.18 17.54 -46.74
C LEU A 226 21.28 16.48 -46.65
N ASN A 227 22.43 16.76 -47.25
CA ASN A 227 23.51 15.77 -47.38
C ASN A 227 24.22 15.60 -46.03
N GLN A 228 23.88 16.44 -45.05
CA GLN A 228 24.56 16.38 -43.75
C GLN A 228 23.65 15.77 -42.69
N LEU A 229 22.39 15.48 -43.03
CA LEU A 229 21.42 14.99 -42.06
C LEU A 229 21.86 13.62 -41.52
N GLN A 230 21.75 13.49 -40.18
CA GLN A 230 22.17 12.30 -39.40
C GLN A 230 20.96 11.62 -38.76
N ILE A 231 19.98 12.41 -38.33
CA ILE A 231 18.80 11.91 -37.67
C ILE A 231 17.56 12.51 -38.35
N LEU A 232 16.66 11.59 -38.75
CA LEU A 232 15.37 11.95 -39.29
C LEU A 232 14.30 11.11 -38.58
N ASP A 233 13.28 11.79 -38.04
CA ASP A 233 12.16 11.17 -37.37
C ASP A 233 10.87 11.69 -38.03
N LEU A 234 10.14 10.79 -38.70
CA LEU A 234 8.88 11.12 -39.41
C LEU A 234 7.75 10.33 -38.75
N SER A 235 8.02 9.83 -37.54
CA SER A 235 7.12 8.92 -36.83
C SER A 235 5.78 9.61 -36.56
N GLY A 236 4.71 8.82 -36.40
CA GLY A 236 3.43 9.34 -35.92
C GLY A 236 2.81 10.33 -36.89
N ASN A 237 3.01 10.06 -38.19
CA ASN A 237 2.35 10.66 -39.32
C ASN A 237 1.69 9.52 -40.08
N CYS A 238 0.36 9.46 -40.09
CA CYS A 238 -0.44 8.28 -40.40
C CYS A 238 -0.21 7.21 -39.34
N PRO A 239 -0.61 7.48 -38.09
CA PRO A 239 -0.34 6.57 -36.98
C PRO A 239 -1.20 5.30 -36.98
N ARG A 240 -0.60 4.21 -36.49
CA ARG A 240 -1.29 3.03 -36.00
C ARG A 240 -1.97 3.36 -34.67
N CYS A 241 -3.29 3.32 -34.57
CA CYS A 241 -4.02 3.83 -33.39
C CYS A 241 -4.57 2.71 -32.50
N TYR A 242 -4.45 1.44 -32.88
CA TYR A 242 -4.93 0.39 -31.99
C TYR A 242 -4.29 0.54 -30.59
N ASN A 243 -5.16 0.61 -29.57
CA ASN A 243 -4.83 0.65 -28.14
C ASN A 243 -3.96 1.87 -27.83
N ALA A 244 -4.11 2.95 -28.58
CA ALA A 244 -3.38 4.17 -28.31
C ALA A 244 -3.94 4.81 -27.06
N PRO A 245 -3.10 5.20 -26.08
CA PRO A 245 -3.57 5.93 -24.90
C PRO A 245 -3.58 7.45 -25.06
N PHE A 246 -3.64 7.97 -26.30
CA PHE A 246 -3.88 9.37 -26.58
C PHE A 246 -4.85 9.46 -27.74
N PRO A 247 -5.56 10.59 -27.93
CA PRO A 247 -6.46 10.73 -29.06
C PRO A 247 -5.67 10.56 -30.36
N CYS A 248 -6.09 9.65 -31.23
CA CYS A 248 -5.31 9.19 -32.37
C CYS A 248 -6.24 9.19 -33.60
N THR A 249 -5.85 9.97 -34.61
CA THR A 249 -6.58 10.05 -35.86
C THR A 249 -5.72 9.48 -36.97
N PRO A 250 -6.11 8.32 -37.56
CA PRO A 250 -5.35 7.70 -38.65
C PRO A 250 -5.60 8.48 -39.95
N CYS A 251 -4.70 8.29 -40.90
CA CYS A 251 -4.88 8.71 -42.27
C CYS A 251 -6.02 7.86 -42.86
N LYS A 252 -6.81 8.46 -43.75
CA LYS A 252 -8.04 7.80 -44.23
C LYS A 252 -7.67 6.61 -45.13
N ASN A 253 -8.55 5.61 -45.13
CA ASN A 253 -8.41 4.39 -45.96
C ASN A 253 -7.19 3.59 -45.51
N ASN A 254 -6.85 3.71 -44.22
CA ASN A 254 -5.69 3.01 -43.64
C ASN A 254 -4.45 3.25 -44.49
N SER A 255 -4.40 4.39 -45.17
CA SER A 255 -3.23 4.77 -45.92
C SER A 255 -2.02 4.81 -44.98
N PRO A 256 -0.81 4.42 -45.43
CA PRO A 256 0.43 4.78 -44.74
C PRO A 256 0.93 6.17 -45.09
N LEU A 257 1.90 6.66 -44.33
CA LEU A 257 2.70 7.79 -44.77
C LEU A 257 3.28 7.36 -46.11
N GLN A 258 3.07 8.18 -47.15
CA GLN A 258 3.52 7.83 -48.47
C GLN A 258 4.92 8.41 -48.67
N ILE A 259 5.89 7.50 -48.83
CA ILE A 259 7.28 7.86 -48.99
C ILE A 259 7.76 7.33 -50.33
N PRO A 260 8.09 8.23 -51.29
CA PRO A 260 8.69 7.81 -52.54
C PRO A 260 9.98 7.04 -52.30
N VAL A 261 10.26 6.08 -53.19
CA VAL A 261 11.37 5.17 -53.10
C VAL A 261 12.68 5.95 -53.07
N ASN A 262 12.70 7.15 -53.67
CA ASN A 262 13.93 7.94 -53.83
C ASN A 262 13.98 9.11 -52.85
N ALA A 263 13.06 9.14 -51.87
CA ALA A 263 12.98 10.29 -50.96
C ALA A 263 14.28 10.49 -50.16
N PHE A 264 15.05 9.41 -49.92
CA PHE A 264 16.17 9.45 -48.96
C PHE A 264 17.52 9.54 -49.69
N ASP A 265 17.50 9.69 -51.02
CA ASP A 265 18.69 9.52 -51.87
C ASP A 265 19.80 10.49 -51.47
N ALA A 266 19.46 11.68 -51.00
CA ALA A 266 20.49 12.68 -50.66
C ALA A 266 21.15 12.39 -49.31
N LEU A 267 20.53 11.51 -48.49
CA LEU A 267 20.83 11.40 -47.05
C LEU A 267 21.97 10.39 -46.82
N THR A 268 23.13 10.70 -47.40
CA THR A 268 24.30 9.80 -47.40
C THR A 268 24.79 9.64 -45.96
N GLU A 269 24.47 10.62 -45.10
CA GLU A 269 25.04 10.71 -43.75
C GLU A 269 24.11 10.09 -42.70
N LEU A 270 22.89 9.67 -43.08
CA LEU A 270 21.87 9.30 -42.11
C LEU A 270 22.33 8.11 -41.28
N LYS A 271 22.20 8.30 -39.95
CA LYS A 271 22.52 7.34 -38.93
C LYS A 271 21.26 6.83 -38.23
N VAL A 272 20.25 7.70 -38.11
CA VAL A 272 19.06 7.30 -37.42
C VAL A 272 17.86 7.67 -38.28
N LEU A 273 17.05 6.65 -38.62
CA LEU A 273 15.78 6.85 -39.25
C LEU A 273 14.68 6.24 -38.38
N ARG A 274 13.63 7.01 -38.15
CA ARG A 274 12.61 6.65 -37.25
C ARG A 274 11.27 6.75 -37.96
N LEU A 275 10.63 5.60 -38.18
CA LEU A 275 9.35 5.50 -38.83
C LEU A 275 8.42 4.63 -37.96
N HIS A 276 8.15 5.15 -36.75
CA HIS A 276 7.29 4.55 -35.74
C HIS A 276 5.86 5.08 -35.98
N SER A 277 4.86 4.19 -36.02
CA SER A 277 3.50 4.64 -36.12
C SER A 277 3.34 5.50 -37.40
N ASN A 278 3.59 4.86 -38.54
CA ASN A 278 3.40 5.42 -39.86
C ASN A 278 2.50 4.51 -40.72
N SER A 279 1.89 3.51 -40.08
CA SER A 279 0.95 2.54 -40.70
C SER A 279 1.56 1.88 -41.95
N LEU A 280 2.89 1.69 -41.96
CA LEU A 280 3.62 1.12 -43.08
C LEU A 280 3.24 -0.33 -43.27
N GLN A 281 2.97 -0.71 -44.53
CA GLN A 281 2.75 -2.10 -44.89
C GLN A 281 3.93 -2.65 -45.68
N HIS A 282 4.78 -1.79 -46.26
CA HIS A 282 5.94 -2.23 -47.03
C HIS A 282 7.17 -1.37 -46.69
N VAL A 283 8.34 -2.01 -46.75
CA VAL A 283 9.60 -1.31 -46.61
C VAL A 283 10.38 -1.57 -47.90
N PRO A 284 10.20 -0.71 -48.92
CA PRO A 284 10.94 -0.84 -50.18
C PRO A 284 12.45 -0.75 -49.98
N PRO A 285 13.22 -1.79 -50.38
CA PRO A 285 14.67 -1.74 -50.36
C PRO A 285 15.28 -0.51 -51.06
N ARG A 286 14.57 -0.02 -52.08
CA ARG A 286 15.01 1.14 -52.83
C ARG A 286 15.22 2.35 -51.88
N TRP A 287 14.53 2.41 -50.72
CA TRP A 287 14.69 3.55 -49.75
C TRP A 287 16.17 3.69 -49.40
N PHE A 288 16.83 2.56 -49.13
CA PHE A 288 18.17 2.56 -48.55
C PHE A 288 19.26 2.32 -49.60
N LYS A 289 19.03 2.69 -50.87
CA LYS A 289 20.04 2.51 -51.93
C LYS A 289 21.28 3.37 -51.65
N ASN A 290 21.12 4.60 -51.13
CA ASN A 290 22.29 5.49 -50.90
C ASN A 290 22.61 5.72 -49.42
N ILE A 291 22.01 4.93 -48.53
CA ILE A 291 22.32 5.05 -47.11
C ILE A 291 23.06 3.80 -46.68
N ASN A 292 24.38 3.90 -46.61
CA ASN A 292 25.18 2.76 -46.27
C ASN A 292 25.51 2.78 -44.76
N ASN A 293 25.33 3.94 -44.10
CA ASN A 293 25.82 4.17 -42.72
C ASN A 293 24.70 4.10 -41.68
N LEU A 294 23.48 3.74 -42.09
CA LEU A 294 22.35 3.75 -41.14
C LEU A 294 22.61 2.75 -40.01
N GLN A 295 22.40 3.20 -38.77
CA GLN A 295 22.76 2.50 -37.52
C GLN A 295 21.52 2.08 -36.72
N GLU A 296 20.54 2.99 -36.66
CA GLU A 296 19.34 2.81 -35.86
C GLU A 296 18.14 2.99 -36.78
N LEU A 297 17.28 1.97 -36.81
CA LEU A 297 16.07 1.98 -37.57
C LEU A 297 14.90 1.56 -36.69
N ASP A 298 13.88 2.43 -36.57
CA ASP A 298 12.66 2.15 -35.79
C ASP A 298 11.45 2.00 -36.74
N LEU A 299 10.90 0.79 -36.78
CA LEU A 299 9.75 0.47 -37.60
C LEU A 299 8.61 -0.08 -36.73
N SER A 300 8.63 0.24 -35.43
CA SER A 300 7.62 -0.17 -34.47
C SER A 300 6.29 0.52 -34.79
N GLN A 301 5.20 -0.17 -34.43
CA GLN A 301 3.83 0.32 -34.55
C GLN A 301 3.56 0.65 -36.02
N ASN A 302 3.72 -0.37 -36.83
CA ASN A 302 3.31 -0.33 -38.21
C ASN A 302 2.42 -1.57 -38.42
N PHE A 303 2.26 -1.99 -39.68
CA PHE A 303 1.56 -3.15 -40.06
C PHE A 303 2.47 -3.99 -40.96
N LEU A 304 3.64 -4.37 -40.44
CA LEU A 304 4.73 -4.99 -41.25
C LEU A 304 4.94 -6.48 -40.90
N ALA A 305 3.91 -7.12 -40.37
CA ALA A 305 3.99 -8.52 -40.00
C ALA A 305 4.42 -9.35 -41.20
N LYS A 306 3.74 -9.19 -42.35
CA LYS A 306 4.06 -9.93 -43.61
C LYS A 306 5.51 -9.66 -43.99
N GLU A 307 5.83 -8.36 -44.03
CA GLU A 307 7.11 -7.86 -44.46
C GLU A 307 8.23 -8.48 -43.63
N ILE A 308 7.96 -8.80 -42.37
CA ILE A 308 9.01 -9.32 -41.49
C ILE A 308 9.50 -10.64 -42.07
N GLY A 309 8.62 -11.35 -42.76
CA GLY A 309 8.91 -12.68 -43.34
C GLY A 309 9.57 -12.61 -44.70
N ASP A 310 9.70 -11.39 -45.25
CA ASP A 310 10.30 -11.11 -46.53
C ASP A 310 11.53 -10.23 -46.29
N ALA A 311 11.31 -8.91 -46.14
CA ALA A 311 12.27 -7.94 -45.61
C ALA A 311 13.56 -7.90 -46.44
N LYS A 312 13.40 -7.77 -47.76
CA LYS A 312 14.57 -7.67 -48.64
C LYS A 312 15.43 -6.47 -48.22
N PHE A 313 14.81 -5.43 -47.66
CA PHE A 313 15.54 -4.19 -47.35
C PHE A 313 16.73 -4.45 -46.40
N LEU A 314 16.68 -5.51 -45.59
CA LEU A 314 17.79 -5.76 -44.65
C LEU A 314 19.13 -5.97 -45.37
N HIS A 315 19.09 -6.42 -46.65
CA HIS A 315 20.30 -6.72 -47.42
C HIS A 315 21.08 -5.43 -47.61
N PHE A 316 20.40 -4.27 -47.52
CA PHE A 316 21.04 -2.95 -47.72
C PHE A 316 21.45 -2.32 -46.37
N LEU A 317 21.45 -3.06 -45.26
CA LEU A 317 21.72 -2.49 -43.90
C LEU A 317 22.83 -3.25 -43.17
N PRO A 318 24.02 -3.42 -43.78
CA PRO A 318 25.10 -4.14 -43.12
C PRO A 318 25.73 -3.42 -41.91
N ASN A 319 25.46 -2.12 -41.72
CA ASN A 319 26.11 -1.38 -40.63
C ASN A 319 25.11 -1.06 -39.51
N LEU A 320 23.91 -1.64 -39.58
CA LEU A 320 22.85 -1.36 -38.65
C LEU A 320 23.22 -1.99 -37.32
N ILE A 321 23.23 -1.14 -36.29
CA ILE A 321 23.44 -1.51 -34.89
C ILE A 321 22.12 -1.98 -34.26
N GLN A 322 21.01 -1.31 -34.59
CA GLN A 322 19.77 -1.39 -33.80
C GLN A 322 18.56 -1.43 -34.72
N LEU A 323 17.70 -2.44 -34.56
CA LEU A 323 16.49 -2.58 -35.36
C LEU A 323 15.29 -2.87 -34.46
N ASP A 324 14.20 -2.12 -34.66
CA ASP A 324 12.96 -2.27 -33.86
C ASP A 324 11.76 -2.50 -34.80
N LEU A 325 11.23 -3.72 -34.74
CA LEU A 325 10.06 -4.11 -35.51
C LEU A 325 8.88 -4.43 -34.57
N SER A 326 8.90 -3.80 -33.40
CA SER A 326 7.93 -4.09 -32.36
C SER A 326 6.54 -3.61 -32.79
N PHE A 327 5.53 -4.37 -32.41
CA PHE A 327 4.13 -4.03 -32.54
C PHE A 327 3.79 -3.82 -34.02
N ASN A 328 3.93 -4.91 -34.80
CA ASN A 328 3.52 -4.93 -36.19
C ASN A 328 2.46 -6.00 -36.46
N PHE A 329 1.88 -6.59 -35.41
CA PHE A 329 0.89 -7.68 -35.55
C PHE A 329 -0.36 -7.20 -36.29
N GLU A 330 -0.95 -8.07 -37.10
CA GLU A 330 -2.25 -7.82 -37.69
C GLU A 330 -3.34 -8.00 -36.65
N LEU A 331 -4.29 -7.05 -36.59
CA LEU A 331 -5.29 -7.13 -35.56
C LEU A 331 -6.12 -8.41 -35.79
N GLN A 332 -6.43 -9.09 -34.69
CA GLN A 332 -7.25 -10.31 -34.60
C GLN A 332 -6.56 -11.47 -35.32
N VAL A 333 -5.23 -11.44 -35.47
CA VAL A 333 -4.47 -12.60 -35.90
C VAL A 333 -3.42 -12.98 -34.85
N TYR A 334 -3.47 -14.27 -34.47
CA TYR A 334 -2.57 -14.91 -33.56
C TYR A 334 -1.75 -15.99 -34.30
N ARG A 335 -0.65 -15.58 -34.92
CA ARG A 335 0.22 -16.48 -35.67
C ARG A 335 0.69 -17.68 -34.82
N ALA A 336 0.80 -18.83 -35.48
CA ALA A 336 1.32 -20.04 -34.86
C ALA A 336 2.79 -19.87 -34.51
N SER A 337 3.54 -19.14 -35.33
CA SER A 337 4.99 -19.03 -35.11
C SER A 337 5.54 -17.71 -35.67
N MET A 338 6.84 -17.48 -35.40
CA MET A 338 7.49 -16.33 -35.93
C MET A 338 8.29 -16.69 -37.18
N ASN A 339 7.87 -16.07 -38.29
CA ASN A 339 8.49 -16.15 -39.59
C ASN A 339 9.42 -14.92 -39.68
N LEU A 340 10.70 -15.10 -39.35
CA LEU A 340 11.78 -14.13 -39.66
C LEU A 340 12.44 -14.50 -41.00
N SER A 341 12.59 -13.53 -41.90
CA SER A 341 13.18 -13.79 -43.23
C SER A 341 14.66 -14.16 -43.08
N GLN A 342 15.17 -14.91 -44.05
CA GLN A 342 16.60 -15.24 -44.09
C GLN A 342 17.42 -13.95 -44.08
N ALA A 343 16.85 -12.87 -44.64
CA ALA A 343 17.52 -11.60 -44.82
C ALA A 343 18.14 -11.13 -43.51
N PHE A 344 17.55 -11.50 -42.36
CA PHE A 344 18.06 -11.04 -41.05
C PHE A 344 19.54 -11.40 -40.92
N SER A 345 20.00 -12.48 -41.56
CA SER A 345 21.43 -12.95 -41.54
C SER A 345 22.41 -11.92 -42.10
N SER A 346 21.93 -11.01 -42.94
CA SER A 346 22.80 -10.01 -43.60
C SER A 346 23.08 -8.81 -42.70
N LEU A 347 22.61 -8.83 -41.44
CA LEU A 347 22.76 -7.68 -40.55
C LEU A 347 24.04 -7.82 -39.72
N LYS A 348 25.19 -7.90 -40.39
CA LYS A 348 26.48 -8.26 -39.75
C LYS A 348 26.70 -7.43 -38.46
N SER A 349 26.23 -6.19 -38.40
CA SER A 349 26.59 -5.28 -37.31
C SER A 349 25.56 -5.29 -36.17
N LEU A 350 24.42 -5.96 -36.36
CA LEU A 350 23.28 -5.82 -35.43
C LEU A 350 23.69 -6.22 -34.01
N LYS A 351 23.53 -5.27 -33.08
CA LYS A 351 23.70 -5.45 -31.62
C LYS A 351 22.35 -5.71 -30.93
N ILE A 352 21.29 -5.06 -31.40
CA ILE A 352 20.01 -4.97 -30.64
C ILE A 352 18.85 -5.22 -31.61
N LEU A 353 18.10 -6.29 -31.39
CA LEU A 353 16.93 -6.55 -32.17
C LEU A 353 15.73 -6.61 -31.22
N ARG A 354 14.66 -5.88 -31.53
CA ARG A 354 13.43 -5.87 -30.75
C ARG A 354 12.22 -6.18 -31.66
N ILE A 355 11.43 -7.18 -31.28
CA ILE A 355 10.23 -7.58 -31.96
C ILE A 355 9.17 -7.96 -30.92
N ARG A 356 8.82 -7.01 -30.06
CA ARG A 356 7.67 -7.15 -29.25
C ARG A 356 6.47 -7.09 -30.19
N GLY A 357 5.35 -7.67 -29.78
CA GLY A 357 4.07 -7.47 -30.45
C GLY A 357 4.06 -7.98 -31.88
N TYR A 358 4.74 -9.10 -32.13
CA TYR A 358 4.49 -9.92 -33.31
C TYR A 358 3.25 -10.81 -33.06
N VAL A 359 3.15 -11.31 -31.82
CA VAL A 359 1.98 -12.02 -31.27
C VAL A 359 1.84 -13.38 -31.98
N PHE A 360 2.40 -14.41 -31.33
CA PHE A 360 2.47 -15.77 -31.85
C PHE A 360 2.50 -16.79 -30.73
N LYS A 361 2.04 -18.01 -31.05
CA LYS A 361 1.73 -19.05 -30.08
C LYS A 361 2.97 -19.78 -29.58
N GLU A 362 3.93 -20.03 -30.46
CA GLU A 362 4.97 -20.99 -30.16
C GLU A 362 6.28 -20.53 -30.82
N LEU A 363 7.36 -20.50 -30.03
CA LEU A 363 8.68 -20.17 -30.49
C LEU A 363 9.55 -21.43 -30.51
N LYS A 364 10.08 -21.75 -31.69
CA LYS A 364 10.96 -22.91 -31.87
C LYS A 364 12.34 -22.45 -32.32
N SER A 365 13.35 -23.29 -32.03
CA SER A 365 14.77 -23.01 -32.23
C SER A 365 15.07 -22.53 -33.66
N PHE A 366 14.56 -23.24 -34.65
CA PHE A 366 14.99 -23.01 -36.04
C PHE A 366 14.46 -21.64 -36.51
N GLN A 367 13.34 -21.15 -35.93
CA GLN A 367 12.70 -19.86 -36.29
C GLN A 367 13.68 -18.68 -36.09
N LEU A 368 14.72 -18.90 -35.27
CA LEU A 368 15.70 -17.89 -34.85
C LEU A 368 17.02 -18.05 -35.59
N SER A 369 17.08 -19.00 -36.53
CA SER A 369 18.33 -19.39 -37.17
C SER A 369 18.89 -18.24 -38.01
N PRO A 370 18.03 -17.40 -38.62
CA PRO A 370 18.51 -16.22 -39.32
C PRO A 370 19.45 -15.33 -38.51
N LEU A 371 19.49 -15.55 -37.19
CA LEU A 371 20.25 -14.75 -36.22
C LEU A 371 21.48 -15.50 -35.70
N HIS A 372 21.63 -16.80 -36.03
CA HIS A 372 22.66 -17.66 -35.44
C HIS A 372 24.05 -17.04 -35.65
N ASN A 373 24.24 -16.37 -36.78
CA ASN A 373 25.57 -15.99 -37.21
C ASN A 373 25.76 -14.48 -37.07
N LEU A 374 24.82 -13.77 -36.42
CA LEU A 374 25.05 -12.35 -36.09
C LEU A 374 26.00 -12.29 -34.87
N GLN A 375 27.29 -12.05 -35.16
CA GLN A 375 28.36 -12.17 -34.17
C GLN A 375 28.19 -11.11 -33.07
N ASN A 376 27.62 -9.95 -33.41
CA ASN A 376 27.64 -8.80 -32.51
C ASN A 376 26.31 -8.67 -31.73
N LEU A 377 25.43 -9.66 -31.83
CA LEU A 377 24.09 -9.51 -31.28
C LEU A 377 24.18 -9.56 -29.74
N GLU A 378 23.69 -8.52 -29.07
CA GLU A 378 23.77 -8.41 -27.63
C GLU A 378 22.38 -8.57 -27.00
N VAL A 379 21.32 -8.06 -27.64
CA VAL A 379 19.99 -8.00 -27.02
C VAL A 379 18.96 -8.55 -28.01
N LEU A 380 18.12 -9.47 -27.52
CA LEU A 380 17.07 -10.00 -28.30
C LEU A 380 15.79 -9.91 -27.47
N ASP A 381 14.83 -9.11 -27.94
CA ASP A 381 13.65 -8.74 -27.19
C ASP A 381 12.40 -9.27 -27.89
N LEU A 382 11.80 -10.33 -27.32
CA LEU A 382 10.61 -10.93 -27.86
C LEU A 382 9.50 -10.84 -26.82
N GLY A 383 9.52 -9.73 -26.05
CA GLY A 383 8.48 -9.42 -25.08
C GLY A 383 7.13 -9.13 -25.72
N THR A 384 6.08 -9.22 -24.92
CA THR A 384 4.69 -8.89 -25.26
C THR A 384 4.36 -9.55 -26.60
N ASN A 385 4.49 -10.88 -26.63
CA ASN A 385 4.18 -11.68 -27.80
C ASN A 385 3.15 -12.79 -27.49
N PHE A 386 2.74 -12.93 -26.23
CA PHE A 386 1.76 -13.96 -25.83
C PHE A 386 2.20 -15.36 -26.32
N ILE A 387 3.50 -15.61 -26.27
CA ILE A 387 4.06 -16.89 -26.56
C ILE A 387 3.60 -17.90 -25.50
N LYS A 388 2.97 -18.98 -25.94
CA LYS A 388 2.48 -20.07 -25.06
C LYS A 388 3.56 -21.11 -24.81
N ILE A 389 4.46 -21.35 -25.78
CA ILE A 389 5.41 -22.46 -25.74
C ILE A 389 6.82 -22.04 -26.22
N ALA A 390 7.86 -22.36 -25.44
CA ALA A 390 9.22 -22.01 -25.79
C ALA A 390 10.22 -22.89 -25.03
N ASN A 391 10.98 -23.68 -25.76
CA ASN A 391 11.99 -24.52 -25.16
C ASN A 391 13.21 -23.63 -24.91
N LEU A 392 13.44 -23.30 -23.64
CA LEU A 392 14.46 -22.34 -23.24
C LEU A 392 15.85 -22.83 -23.66
N SER A 393 15.98 -24.13 -23.87
CA SER A 393 17.29 -24.72 -24.19
C SER A 393 17.83 -24.13 -25.49
N MET A 394 16.93 -23.69 -26.38
CA MET A 394 17.32 -23.11 -27.69
C MET A 394 18.33 -21.98 -27.49
N PHE A 395 18.32 -21.33 -26.32
CA PHE A 395 19.15 -20.15 -26.16
C PHE A 395 20.62 -20.55 -25.95
N LYS A 396 20.89 -21.86 -25.80
CA LYS A 396 22.28 -22.42 -25.80
C LYS A 396 23.09 -21.92 -27.01
N GLN A 397 22.42 -21.60 -28.11
CA GLN A 397 23.07 -21.05 -29.32
C GLN A 397 23.26 -19.54 -29.20
N PHE A 398 23.09 -18.97 -28.00
CA PHE A 398 23.06 -17.50 -27.88
C PHE A 398 23.84 -17.05 -26.62
N LYS A 399 24.90 -17.80 -26.28
CA LYS A 399 25.74 -17.47 -25.12
C LYS A 399 26.27 -16.04 -25.22
N ARG A 400 26.44 -15.53 -26.44
CA ARG A 400 27.15 -14.28 -26.68
C ARG A 400 26.29 -13.08 -26.27
N LEU A 401 24.98 -13.29 -26.27
CA LEU A 401 23.99 -12.25 -25.95
C LEU A 401 24.07 -11.87 -24.47
N LYS A 402 23.92 -10.57 -24.22
CA LYS A 402 23.87 -9.96 -22.89
C LYS A 402 22.49 -10.08 -22.24
N VAL A 403 21.42 -9.94 -23.05
CA VAL A 403 20.03 -10.04 -22.61
C VAL A 403 19.18 -10.77 -23.62
N ILE A 404 18.46 -11.81 -23.17
CA ILE A 404 17.36 -12.42 -23.88
C ILE A 404 16.09 -12.13 -23.07
N ASP A 405 15.14 -11.43 -23.67
CA ASP A 405 14.02 -10.81 -22.97
C ASP A 405 12.73 -11.45 -23.47
N LEU A 406 12.12 -12.34 -22.68
CA LEU A 406 10.83 -12.98 -23.01
C LEU A 406 9.74 -12.50 -22.02
N SER A 407 9.88 -11.28 -21.55
CA SER A 407 8.98 -10.65 -20.58
C SER A 407 7.59 -10.38 -21.15
N VAL A 408 6.56 -10.62 -20.34
CA VAL A 408 5.16 -10.37 -20.75
C VAL A 408 4.78 -11.36 -21.85
N ASN A 409 4.72 -12.64 -21.50
CA ASN A 409 4.33 -13.66 -22.43
C ASN A 409 3.38 -14.60 -21.70
N LYS A 410 3.12 -15.78 -22.29
CA LYS A 410 2.17 -16.77 -21.75
C LYS A 410 2.84 -18.15 -21.64
N ILE A 411 4.16 -18.14 -21.50
CA ILE A 411 4.89 -19.34 -21.42
C ILE A 411 4.51 -20.09 -20.13
N SER A 412 4.25 -21.38 -20.28
CA SER A 412 4.32 -22.42 -19.22
C SER A 412 4.87 -23.71 -19.80
N PRO A 413 5.48 -24.60 -18.98
CA PRO A 413 5.55 -26.02 -19.33
C PRO A 413 4.17 -26.67 -19.47
N GLN A 436 20.35 -0.67 -20.30
CA GLN A 436 19.69 -0.90 -21.58
C GLN A 436 18.19 -1.23 -21.35
N VAL A 437 17.50 -0.52 -20.42
CA VAL A 437 16.09 -0.86 -19.92
C VAL A 437 15.06 0.15 -20.47
N LEU A 438 13.88 -0.33 -20.90
CA LEU A 438 12.83 0.53 -21.55
C LEU A 438 11.73 0.87 -20.53
N GLU A 439 11.22 2.11 -20.57
CA GLU A 439 10.16 2.64 -19.68
C GLU A 439 8.93 1.74 -19.74
N GLN A 440 8.09 1.79 -18.70
CA GLN A 440 6.92 0.87 -18.55
C GLN A 440 5.97 1.11 -19.74
N LEU A 441 5.80 2.38 -20.10
CA LEU A 441 5.11 2.85 -21.32
C LEU A 441 6.21 3.36 -22.28
N TYR A 442 6.28 2.77 -23.47
CA TYR A 442 7.39 2.97 -24.39
C TYR A 442 6.89 2.93 -25.84
N TYR A 443 6.44 1.76 -26.29
CA TYR A 443 5.89 1.64 -27.62
C TYR A 443 4.55 2.38 -27.73
N PHE A 444 3.88 2.68 -26.61
CA PHE A 444 2.56 3.32 -26.70
C PHE A 444 2.55 4.75 -26.12
N ARG A 445 3.68 5.31 -25.70
CA ARG A 445 3.72 6.75 -25.36
C ARG A 445 3.47 7.58 -26.64
N TYR A 446 2.84 8.75 -26.47
CA TYR A 446 2.72 9.77 -27.51
C TYR A 446 4.11 10.22 -27.96
N ASP A 447 4.91 10.68 -27.01
CA ASP A 447 6.16 11.32 -27.30
C ASP A 447 7.15 10.95 -26.19
N LYS A 448 7.96 9.92 -26.44
CA LYS A 448 8.78 9.39 -25.39
C LYS A 448 10.02 10.26 -25.15
N TYR A 449 10.27 11.26 -26.00
CA TYR A 449 11.48 12.09 -25.89
C TYR A 449 11.11 13.45 -25.29
N ALA A 450 9.83 13.64 -24.99
CA ALA A 450 9.34 14.95 -24.59
C ALA A 450 10.01 15.38 -23.28
N ARG A 451 10.37 16.67 -23.23
CA ARG A 451 11.06 17.31 -22.10
C ARG A 451 10.03 17.63 -21.01
N SER A 452 10.44 17.43 -19.76
CA SER A 452 9.73 17.94 -18.59
C SER A 452 10.22 19.37 -18.31
N CYS A 453 9.42 20.11 -17.55
CA CYS A 453 9.77 21.45 -17.09
C CYS A 453 11.07 21.45 -16.25
N ARG A 454 11.24 20.43 -15.39
N ARG A 454 11.25 20.44 -15.38
CA ARG A 454 12.49 20.19 -14.65
CA ARG A 454 12.54 20.26 -14.65
C ARG A 454 13.54 19.58 -15.60
C ARG A 454 13.55 19.59 -15.60
N PHE A 455 14.80 20.05 -15.58
CA PHE A 455 15.93 19.35 -16.31
C PHE A 455 15.88 19.56 -17.85
N LYS A 456 17.06 19.87 -18.44
CA LYS A 456 17.25 20.13 -19.89
C LYS A 456 16.27 21.23 -20.34
N SER A 468 18.10 -4.07 -11.24
CA SER A 468 18.44 -4.55 -12.60
C SER A 468 19.72 -5.40 -12.55
N CYS A 469 19.73 -6.53 -13.26
CA CYS A 469 20.80 -7.54 -13.12
C CYS A 469 21.62 -7.71 -14.41
N TYR A 470 21.42 -6.84 -15.38
CA TYR A 470 22.11 -6.94 -16.65
C TYR A 470 23.63 -6.94 -16.41
N LYS A 471 24.09 -6.19 -15.41
CA LYS A 471 25.53 -6.01 -15.16
C LYS A 471 26.21 -7.32 -14.70
N TYR A 472 25.44 -8.34 -14.32
CA TYR A 472 26.01 -9.58 -13.78
C TYR A 472 26.46 -10.51 -14.93
N GLY A 473 25.97 -10.25 -16.15
CA GLY A 473 26.28 -11.04 -17.35
C GLY A 473 25.00 -11.44 -18.10
N GLN A 474 25.05 -12.58 -18.76
CA GLN A 474 23.98 -13.06 -19.58
C GLN A 474 22.71 -13.19 -18.73
N THR A 475 21.63 -12.64 -19.25
CA THR A 475 20.38 -12.49 -18.57
C THR A 475 19.25 -13.10 -19.39
N LEU A 476 18.47 -13.99 -18.77
CA LEU A 476 17.28 -14.51 -19.38
C LEU A 476 16.08 -14.00 -18.59
N ASP A 477 15.32 -13.09 -19.21
CA ASP A 477 14.20 -12.45 -18.58
C ASP A 477 12.93 -13.24 -18.93
N LEU A 478 12.38 -13.97 -17.97
CA LEU A 478 11.15 -14.73 -18.13
C LEU A 478 10.07 -14.13 -17.25
N SER A 479 10.27 -12.86 -16.86
CA SER A 479 9.36 -12.17 -15.99
C SER A 479 8.00 -12.06 -16.68
N LYS A 480 6.95 -12.10 -15.86
CA LYS A 480 5.57 -11.95 -16.28
C LYS A 480 5.30 -12.98 -17.38
N ASN A 481 5.36 -14.25 -16.99
CA ASN A 481 4.82 -15.34 -17.79
C ASN A 481 3.82 -16.10 -16.94
N SER A 482 3.56 -17.36 -17.30
CA SER A 482 2.55 -18.19 -16.63
C SER A 482 3.22 -19.49 -16.16
N ILE A 483 4.50 -19.41 -15.77
CA ILE A 483 5.22 -20.55 -15.27
C ILE A 483 4.66 -20.87 -13.89
N PHE A 484 3.96 -22.02 -13.73
CA PHE A 484 3.39 -22.51 -12.41
C PHE A 484 4.37 -23.49 -11.74
N PHE A 485 5.19 -24.20 -12.53
CA PHE A 485 5.98 -25.35 -12.04
C PHE A 485 7.29 -25.37 -12.81
N ILE A 486 8.41 -25.52 -12.11
CA ILE A 486 9.72 -25.62 -12.76
C ILE A 486 10.43 -26.92 -12.34
N LYS A 487 11.27 -27.40 -13.25
CA LYS A 487 12.12 -28.56 -13.01
C LYS A 487 13.43 -28.32 -13.76
N SER A 488 14.44 -29.13 -13.46
CA SER A 488 15.81 -28.90 -13.88
C SER A 488 15.98 -28.87 -15.40
N SER A 489 15.28 -29.78 -16.07
CA SER A 489 15.37 -29.95 -17.50
C SER A 489 14.83 -28.70 -18.24
N ASP A 490 14.03 -27.86 -17.57
CA ASP A 490 13.56 -26.58 -18.14
C ASP A 490 14.78 -25.72 -18.53
N PHE A 491 15.89 -25.90 -17.80
CA PHE A 491 17.10 -25.06 -17.87
C PHE A 491 18.28 -25.82 -18.49
N GLN A 492 18.00 -26.97 -19.11
CA GLN A 492 19.03 -27.82 -19.73
C GLN A 492 19.77 -26.97 -20.78
N HIS A 493 21.10 -26.97 -20.69
CA HIS A 493 21.98 -26.34 -21.66
C HIS A 493 22.13 -24.84 -21.44
N LEU A 494 21.67 -24.30 -20.30
CA LEU A 494 21.73 -22.85 -20.03
C LEU A 494 22.68 -22.52 -18.87
N SER A 495 23.75 -23.29 -18.70
CA SER A 495 24.61 -23.21 -17.53
C SER A 495 25.41 -21.90 -17.54
N PHE A 496 25.52 -21.28 -18.71
CA PHE A 496 26.23 -20.02 -18.86
C PHE A 496 25.50 -18.83 -18.21
N LEU A 497 24.19 -18.94 -17.92
CA LEU A 497 23.41 -17.75 -17.39
C LEU A 497 23.99 -17.21 -16.08
N LYS A 498 24.00 -15.88 -15.99
CA LYS A 498 24.38 -15.18 -14.81
C LYS A 498 23.13 -14.59 -14.10
N CYS A 499 22.11 -14.18 -14.87
CA CYS A 499 20.89 -13.66 -14.25
C CYS A 499 19.68 -14.37 -14.86
N LEU A 500 18.81 -14.89 -13.99
CA LEU A 500 17.50 -15.33 -14.43
C LEU A 500 16.43 -14.49 -13.70
N ASN A 501 15.50 -13.93 -14.48
CA ASN A 501 14.39 -13.21 -13.96
C ASN A 501 13.10 -14.04 -14.12
N LEU A 502 12.55 -14.52 -13.00
CA LEU A 502 11.29 -15.23 -12.96
C LEU A 502 10.20 -14.39 -12.28
N SER A 503 10.43 -13.08 -12.13
CA SER A 503 9.52 -12.23 -11.42
C SER A 503 8.15 -12.33 -12.07
N GLY A 504 7.11 -12.39 -11.24
CA GLY A 504 5.74 -12.26 -11.71
C GLY A 504 5.31 -13.46 -12.51
N ASN A 505 5.58 -14.67 -11.97
CA ASN A 505 5.03 -15.91 -12.47
C ASN A 505 4.11 -16.48 -11.40
N LEU A 506 3.85 -17.80 -11.45
CA LEU A 506 2.77 -18.41 -10.67
C LEU A 506 3.34 -19.56 -9.86
N ILE A 507 4.61 -19.42 -9.50
CA ILE A 507 5.37 -20.52 -8.98
C ILE A 507 5.02 -20.72 -7.51
N SER A 508 4.43 -21.89 -7.21
CA SER A 508 3.70 -22.16 -6.00
C SER A 508 4.22 -23.42 -5.32
N GLN A 509 5.48 -23.74 -5.57
CA GLN A 509 6.08 -25.08 -5.47
C GLN A 509 7.00 -25.12 -4.24
N THR A 510 7.09 -26.29 -3.59
CA THR A 510 7.98 -26.47 -2.43
C THR A 510 9.40 -26.72 -2.94
N LEU A 511 10.03 -25.67 -3.47
CA LEU A 511 11.39 -25.72 -3.93
C LEU A 511 12.23 -26.46 -2.90
N ASN A 512 13.05 -27.41 -3.37
CA ASN A 512 13.75 -28.32 -2.47
C ASN A 512 15.19 -28.47 -2.92
N GLY A 513 15.63 -27.63 -3.87
CA GLY A 513 17.02 -27.57 -4.27
C GLY A 513 17.33 -28.41 -5.49
N SER A 514 16.31 -29.01 -6.12
CA SER A 514 16.50 -29.85 -7.28
C SER A 514 16.08 -29.14 -8.58
N GLU A 515 15.56 -27.92 -8.53
CA GLU A 515 14.80 -27.37 -9.66
C GLU A 515 15.68 -26.56 -10.63
N PHE A 516 16.81 -26.05 -10.16
CA PHE A 516 17.66 -25.17 -10.99
C PHE A 516 19.03 -25.81 -11.23
N GLN A 517 19.10 -27.14 -11.19
CA GLN A 517 20.36 -27.89 -11.07
C GLN A 517 21.35 -27.40 -12.10
N PRO A 518 20.97 -27.19 -13.37
CA PRO A 518 21.94 -26.78 -14.40
C PRO A 518 22.51 -25.37 -14.35
N LEU A 519 21.99 -24.51 -13.46
CA LEU A 519 22.31 -23.08 -13.53
C LEU A 519 23.53 -22.80 -12.65
N ALA A 520 24.65 -23.40 -13.04
CA ALA A 520 25.87 -23.46 -12.25
C ALA A 520 26.56 -22.10 -12.16
N GLU A 521 26.30 -21.19 -13.11
CA GLU A 521 27.00 -19.88 -13.12
C GLU A 521 26.13 -18.77 -12.50
N LEU A 522 24.87 -19.07 -12.17
CA LEU A 522 23.89 -18.03 -11.91
C LEU A 522 24.30 -17.19 -10.71
N ARG A 523 24.42 -15.87 -10.91
CA ARG A 523 24.80 -14.92 -9.87
C ARG A 523 23.57 -14.24 -9.26
N TYR A 524 22.47 -14.14 -10.01
CA TYR A 524 21.30 -13.33 -9.61
C TYR A 524 20.04 -14.10 -10.02
N LEU A 525 19.12 -14.24 -9.06
CA LEU A 525 17.82 -14.83 -9.31
C LEU A 525 16.75 -13.90 -8.73
N ASP A 526 15.85 -13.45 -9.61
CA ASP A 526 14.75 -12.59 -9.26
C ASP A 526 13.53 -13.50 -9.31
N PHE A 527 13.05 -13.85 -8.10
CA PHE A 527 11.97 -14.76 -7.87
C PHE A 527 10.83 -13.98 -7.21
N SER A 528 10.79 -12.68 -7.44
CA SER A 528 9.83 -11.82 -6.79
C SER A 528 8.48 -12.03 -7.47
N ASN A 529 7.39 -11.77 -6.75
CA ASN A 529 6.02 -11.87 -7.27
C ASN A 529 5.76 -13.28 -7.75
N ASN A 530 6.06 -14.27 -6.91
CA ASN A 530 5.63 -15.62 -7.14
C ASN A 530 4.87 -16.05 -5.90
N ARG A 531 4.83 -17.37 -5.65
CA ARG A 531 4.26 -17.87 -4.44
C ARG A 531 5.17 -18.91 -3.80
N LEU A 532 6.38 -18.49 -3.46
CA LEU A 532 7.30 -19.40 -2.85
C LEU A 532 6.61 -20.10 -1.66
N ASP A 533 6.75 -21.43 -1.62
CA ASP A 533 6.42 -22.22 -0.46
C ASP A 533 7.71 -22.72 0.19
N LEU A 534 8.20 -22.01 1.22
CA LEU A 534 9.47 -22.33 1.89
C LEU A 534 9.28 -23.46 2.92
N LEU A 535 8.72 -24.58 2.50
CA LEU A 535 8.65 -25.77 3.36
C LEU A 535 10.06 -26.31 3.64
N HIS A 536 10.90 -26.34 2.60
CA HIS A 536 12.21 -26.95 2.66
C HIS A 536 13.31 -25.88 2.82
N SER A 537 14.18 -26.09 3.80
CA SER A 537 15.38 -25.29 4.03
C SER A 537 16.51 -25.55 3.01
N THR A 538 16.29 -26.43 2.03
CA THR A 538 17.25 -26.69 0.97
C THR A 538 16.82 -25.94 -0.29
N ALA A 539 15.81 -25.06 -0.17
CA ALA A 539 15.40 -24.29 -1.34
C ALA A 539 16.61 -23.51 -1.86
N PHE A 540 16.77 -23.51 -3.18
CA PHE A 540 17.77 -22.70 -3.85
C PHE A 540 19.22 -23.19 -3.63
N GLU A 541 19.46 -24.22 -2.81
CA GLU A 541 20.85 -24.58 -2.44
C GLU A 541 21.67 -25.06 -3.64
N GLU A 542 21.03 -25.47 -4.74
CA GLU A 542 21.74 -25.87 -5.97
C GLU A 542 22.36 -24.68 -6.70
N LEU A 543 21.92 -23.45 -6.44
CA LEU A 543 22.50 -22.30 -7.14
C LEU A 543 23.77 -21.86 -6.40
N ARG A 544 24.83 -22.67 -6.57
CA ARG A 544 26.03 -22.61 -5.75
C ARG A 544 26.85 -21.33 -5.95
N LYS A 545 26.59 -20.55 -7.01
CA LYS A 545 27.32 -19.29 -7.24
C LYS A 545 26.42 -18.07 -7.03
N LEU A 546 25.25 -18.26 -6.40
CA LEU A 546 24.24 -17.22 -6.24
C LEU A 546 24.74 -16.12 -5.30
N GLU A 547 24.87 -14.88 -5.83
CA GLU A 547 25.22 -13.72 -5.00
C GLU A 547 23.98 -12.97 -4.50
N VAL A 548 22.91 -12.97 -5.27
CA VAL A 548 21.72 -12.15 -4.94
C VAL A 548 20.45 -12.97 -5.23
N LEU A 549 19.55 -12.98 -4.26
CA LEU A 549 18.26 -13.65 -4.36
C LEU A 549 17.15 -12.68 -3.93
N ASP A 550 16.18 -12.47 -4.83
CA ASP A 550 15.05 -11.67 -4.53
C ASP A 550 13.84 -12.60 -4.40
N ILE A 551 13.30 -12.71 -3.18
CA ILE A 551 12.09 -13.47 -2.99
C ILE A 551 11.01 -12.57 -2.39
N SER A 552 11.15 -11.27 -2.61
CA SER A 552 10.14 -10.27 -2.26
C SER A 552 8.80 -10.57 -2.95
N SER A 553 7.73 -10.18 -2.26
CA SER A 553 6.38 -10.21 -2.74
C SER A 553 6.02 -11.66 -3.09
N ASN A 554 6.37 -12.56 -2.17
CA ASN A 554 5.96 -13.97 -2.16
C ASN A 554 5.15 -14.25 -0.90
N SER A 555 4.18 -13.39 -0.61
CA SER A 555 3.54 -13.37 0.70
C SER A 555 2.46 -14.45 0.83
N HIS A 556 2.04 -15.05 -0.28
CA HIS A 556 0.80 -15.83 -0.32
C HIS A 556 0.75 -16.84 0.82
N TYR A 557 1.68 -17.81 0.84
CA TYR A 557 1.65 -18.86 1.82
C TYR A 557 2.01 -18.36 3.24
N PHE A 558 2.56 -17.16 3.36
CA PHE A 558 2.85 -16.60 4.68
C PHE A 558 1.58 -16.02 5.33
N GLN A 559 0.43 -16.00 4.62
CA GLN A 559 -0.80 -15.37 5.11
C GLN A 559 -1.79 -16.39 5.70
N SER A 560 -1.44 -17.68 5.71
CA SER A 560 -2.34 -18.73 6.16
C SER A 560 -1.68 -19.44 7.34
N GLU A 561 -2.29 -19.40 8.54
CA GLU A 561 -1.70 -20.05 9.72
C GLU A 561 -1.43 -21.53 9.46
N GLY A 562 -0.47 -22.08 10.21
CA GLY A 562 -0.31 -23.51 10.29
C GLY A 562 0.58 -24.08 9.19
N ILE A 563 1.16 -23.19 8.39
CA ILE A 563 2.05 -23.58 7.33
C ILE A 563 3.49 -23.46 7.83
N THR A 564 4.28 -24.50 7.56
CA THR A 564 5.67 -24.58 7.93
C THR A 564 6.51 -23.76 6.95
N HIS A 565 7.32 -22.85 7.50
CA HIS A 565 8.26 -22.06 6.72
C HIS A 565 9.63 -22.19 7.39
N MET A 566 10.65 -22.49 6.61
CA MET A 566 12.00 -22.53 7.10
C MET A 566 12.75 -21.29 6.59
N LEU A 567 12.71 -20.20 7.36
CA LEU A 567 13.57 -19.06 7.02
C LEU A 567 15.06 -19.40 7.18
N ASN A 568 15.42 -20.59 7.70
CA ASN A 568 16.83 -20.95 7.94
C ASN A 568 17.47 -21.46 6.64
N PHE A 569 16.75 -21.38 5.52
CA PHE A 569 17.26 -21.82 4.19
C PHE A 569 18.57 -21.13 3.77
N THR A 570 18.96 -20.06 4.46
CA THR A 570 20.12 -19.24 4.05
C THR A 570 21.44 -19.98 4.25
N LYS A 571 21.50 -20.86 5.25
CA LYS A 571 22.74 -21.56 5.62
C LYS A 571 23.39 -22.23 4.39
N ASN A 572 22.56 -22.75 3.47
CA ASN A 572 23.04 -23.61 2.41
C ASN A 572 23.64 -22.79 1.26
N LEU A 573 23.64 -21.45 1.35
CA LEU A 573 24.00 -20.60 0.23
C LEU A 573 25.29 -19.85 0.54
N LYS A 574 26.38 -20.42 0.05
CA LYS A 574 27.68 -20.18 0.57
C LYS A 574 28.25 -18.87 0.05
N VAL A 575 27.73 -18.34 -1.05
CA VAL A 575 28.30 -17.09 -1.56
C VAL A 575 27.25 -15.99 -1.65
N LEU A 576 26.08 -16.18 -1.02
CA LEU A 576 24.98 -15.23 -1.09
C LEU A 576 25.40 -13.93 -0.39
N GLN A 577 25.36 -12.80 -1.14
CA GLN A 577 25.72 -11.49 -0.60
C GLN A 577 24.45 -10.77 -0.12
N LYS A 578 23.35 -10.91 -0.87
CA LYS A 578 22.18 -10.08 -0.71
C LYS A 578 20.92 -10.91 -0.87
N LEU A 579 20.00 -10.73 0.08
CA LEU A 579 18.73 -11.38 0.12
C LEU A 579 17.64 -10.32 0.28
N MET A 580 16.67 -10.34 -0.62
CA MET A 580 15.57 -9.48 -0.54
C MET A 580 14.33 -10.32 -0.27
N MET A 581 13.67 -10.05 0.87
CA MET A 581 12.47 -10.73 1.16
C MET A 581 11.44 -9.74 1.76
N ASN A 582 11.18 -8.71 0.95
CA ASN A 582 10.27 -7.65 1.24
C ASN A 582 8.84 -8.07 0.90
N ASP A 583 7.87 -7.52 1.67
CA ASP A 583 6.48 -7.54 1.34
C ASP A 583 6.00 -9.00 1.34
N ASN A 584 6.54 -9.80 2.25
CA ASN A 584 6.21 -11.21 2.38
C ASN A 584 5.25 -11.44 3.55
N ASP A 585 5.00 -10.43 4.36
CA ASP A 585 3.96 -10.47 5.36
C ASP A 585 4.26 -11.61 6.34
N ILE A 586 5.56 -11.82 6.61
CA ILE A 586 6.03 -12.93 7.39
C ILE A 586 5.73 -12.61 8.85
N SER A 587 4.93 -13.49 9.45
CA SER A 587 4.45 -13.33 10.81
C SER A 587 4.71 -14.61 11.62
N SER A 588 5.32 -15.63 10.98
CA SER A 588 5.61 -16.89 11.63
C SER A 588 6.79 -17.60 10.94
N SER A 589 7.51 -18.44 11.69
CA SER A 589 8.58 -19.27 11.12
C SER A 589 8.78 -20.49 12.03
N THR A 590 8.94 -21.65 11.41
CA THR A 590 9.16 -22.86 12.15
C THR A 590 10.54 -22.78 12.80
N SER A 591 11.56 -22.41 12.01
CA SER A 591 12.93 -22.18 12.47
C SER A 591 13.07 -20.83 13.18
N ARG A 592 14.04 -20.74 14.09
CA ARG A 592 14.14 -19.63 15.04
C ARG A 592 15.28 -18.65 14.70
N THR A 593 16.16 -19.08 13.79
CA THR A 593 17.38 -18.35 13.44
C THR A 593 17.66 -18.47 11.94
N MET A 594 18.13 -17.38 11.35
CA MET A 594 18.67 -17.42 10.01
C MET A 594 20.19 -17.38 10.14
N GLU A 595 20.86 -18.14 9.25
CA GLU A 595 22.32 -18.42 9.31
C GLU A 595 22.97 -18.10 7.96
N SER A 596 24.12 -17.42 7.97
CA SER A 596 24.94 -17.26 6.77
C SER A 596 26.32 -16.74 7.17
N GLU A 597 27.35 -17.25 6.50
CA GLU A 597 28.72 -16.83 6.64
C GLU A 597 29.04 -15.74 5.59
N SER A 598 28.12 -15.53 4.64
CA SER A 598 28.41 -14.72 3.48
C SER A 598 27.50 -13.48 3.44
N LEU A 599 26.27 -13.61 3.92
CA LEU A 599 25.24 -12.56 3.66
C LEU A 599 25.66 -11.20 4.23
N ARG A 600 25.71 -10.19 3.36
CA ARG A 600 26.13 -8.82 3.69
C ARG A 600 24.90 -7.92 3.86
N THR A 601 23.83 -8.17 3.08
CA THR A 601 22.64 -7.32 3.03
C THR A 601 21.36 -8.14 3.05
N LEU A 602 20.43 -7.73 3.91
CA LEU A 602 19.15 -8.36 4.02
C LEU A 602 18.09 -7.28 4.05
N GLU A 603 17.18 -7.30 3.06
CA GLU A 603 15.99 -6.49 3.02
C GLU A 603 14.80 -7.34 3.48
N PHE A 604 14.19 -6.92 4.60
CA PHE A 604 13.10 -7.62 5.30
C PHE A 604 11.94 -6.66 5.63
N ARG A 605 11.71 -5.74 4.70
CA ARG A 605 10.73 -4.66 4.77
C ARG A 605 9.36 -5.27 4.57
N GLY A 606 8.31 -4.77 5.24
CA GLY A 606 6.96 -5.16 4.87
C GLY A 606 6.64 -6.58 5.28
N ASN A 607 7.03 -6.91 6.53
CA ASN A 607 6.82 -8.20 7.18
C ASN A 607 6.18 -7.93 8.55
N HIS A 608 6.07 -8.94 9.41
CA HIS A 608 5.42 -8.76 10.69
C HIS A 608 6.32 -9.16 11.85
N LEU A 609 7.49 -8.54 11.95
CA LEU A 609 8.34 -8.75 13.11
C LEU A 609 7.60 -8.32 14.38
N ASP A 610 6.60 -7.46 14.31
CA ASP A 610 5.81 -7.11 15.50
C ASP A 610 5.15 -8.37 16.08
N VAL A 611 4.68 -9.25 15.20
CA VAL A 611 4.08 -10.50 15.60
C VAL A 611 5.17 -11.50 16.06
N LEU A 612 6.25 -11.72 15.30
CA LEU A 612 7.33 -12.63 15.74
C LEU A 612 7.93 -12.26 17.10
N TRP A 613 8.08 -10.95 17.33
CA TRP A 613 8.70 -10.41 18.53
C TRP A 613 7.63 -9.93 19.52
N ARG A 614 6.43 -10.53 19.46
CA ARG A 614 5.33 -10.25 20.40
C ARG A 614 5.93 -10.15 21.81
N ASP A 615 5.62 -9.08 22.53
CA ASP A 615 6.24 -8.87 23.86
C ASP A 615 5.87 -10.06 24.75
N GLY A 616 6.89 -10.69 25.32
CA GLY A 616 6.74 -11.88 26.11
C GLY A 616 7.30 -13.13 25.45
N ASP A 617 7.43 -13.09 24.11
CA ASP A 617 7.93 -14.22 23.32
C ASP A 617 9.35 -13.89 22.85
N ASN A 618 10.32 -14.55 23.49
CA ASN A 618 11.74 -14.37 23.35
C ASN A 618 12.30 -15.23 22.22
N ARG A 619 11.51 -16.13 21.62
CA ARG A 619 12.05 -17.20 20.74
C ARG A 619 12.69 -16.67 19.46
N TYR A 620 12.25 -15.52 18.94
CA TYR A 620 12.77 -15.06 17.65
C TYR A 620 13.70 -13.87 17.81
N LEU A 621 14.08 -13.53 19.05
CA LEU A 621 14.90 -12.32 19.22
C LEU A 621 16.34 -12.45 18.64
N GLN A 622 16.72 -13.64 18.18
N GLN A 622 16.71 -13.64 18.17
CA GLN A 622 18.04 -13.87 17.63
CA GLN A 622 18.04 -13.88 17.64
C GLN A 622 17.92 -14.38 16.19
C GLN A 622 17.92 -14.38 16.19
N LEU A 623 16.87 -13.93 15.49
CA LEU A 623 16.57 -14.34 14.13
C LEU A 623 17.72 -13.96 13.18
N PHE A 624 18.27 -12.75 13.32
CA PHE A 624 19.32 -12.28 12.42
C PHE A 624 20.73 -12.45 13.01
N LYS A 625 20.85 -12.90 14.27
CA LYS A 625 22.12 -12.90 15.02
C LYS A 625 23.24 -13.68 14.33
N ASN A 626 22.91 -14.80 13.67
CA ASN A 626 23.91 -15.72 13.12
C ASN A 626 24.18 -15.41 11.64
N LEU A 627 23.85 -14.19 11.20
CA LEU A 627 24.23 -13.64 9.92
C LEU A 627 25.48 -12.77 10.13
N LEU A 628 26.64 -13.43 10.22
CA LEU A 628 27.79 -12.89 10.95
C LEU A 628 28.41 -11.79 10.12
N LYS A 629 28.24 -11.84 8.80
CA LYS A 629 28.88 -10.84 7.99
C LYS A 629 27.87 -9.74 7.60
N LEU A 630 26.62 -9.81 8.07
CA LEU A 630 25.56 -8.85 7.68
C LEU A 630 25.92 -7.43 8.14
N GLU A 631 25.89 -6.50 7.18
CA GLU A 631 26.24 -5.09 7.37
C GLU A 631 25.03 -4.17 7.21
N GLU A 632 24.05 -4.57 6.39
CA GLU A 632 22.89 -3.80 6.07
C GLU A 632 21.62 -4.63 6.31
N LEU A 633 20.69 -4.02 7.06
CA LEU A 633 19.46 -4.61 7.42
C LEU A 633 18.35 -3.57 7.34
N ASP A 634 17.26 -3.93 6.65
CA ASP A 634 16.09 -3.13 6.48
C ASP A 634 14.87 -3.82 7.09
N ILE A 635 14.43 -3.34 8.27
CA ILE A 635 13.23 -3.82 8.91
C ILE A 635 12.24 -2.66 9.10
N SER A 636 12.16 -1.83 8.06
CA SER A 636 11.11 -0.84 7.95
C SER A 636 9.82 -1.59 7.63
N LYS A 637 8.69 -0.95 7.97
CA LYS A 637 7.39 -1.39 7.64
C LYS A 637 7.19 -2.78 8.22
N ASN A 638 7.44 -2.93 9.50
CA ASN A 638 7.19 -4.19 10.19
C ASN A 638 6.27 -3.93 11.38
N SER A 639 5.58 -2.78 11.38
CA SER A 639 4.58 -2.43 12.43
C SER A 639 5.19 -2.50 13.82
N LEU A 640 6.46 -2.11 13.96
CA LEU A 640 7.10 -2.19 15.24
C LEU A 640 6.83 -0.87 15.97
N SER A 641 5.73 -0.83 16.73
CA SER A 641 5.40 0.40 17.47
C SER A 641 6.32 0.56 18.70
N PHE A 642 6.98 -0.53 19.11
CA PHE A 642 8.03 -0.50 20.11
C PHE A 642 9.00 -1.64 19.79
N LEU A 643 10.23 -1.58 20.32
CA LEU A 643 11.16 -2.67 20.14
C LEU A 643 11.30 -3.39 21.47
N PRO A 644 10.90 -4.68 21.56
CA PRO A 644 11.10 -5.45 22.77
C PRO A 644 12.60 -5.45 23.10
N SER A 645 12.94 -5.49 24.38
CA SER A 645 14.35 -5.58 24.76
C SER A 645 14.85 -6.94 24.28
N GLY A 646 16.08 -6.96 23.77
CA GLY A 646 16.63 -8.18 23.20
C GLY A 646 16.88 -8.03 21.71
N VAL A 647 16.15 -7.10 21.09
CA VAL A 647 16.28 -6.90 19.67
C VAL A 647 17.72 -6.50 19.35
N PHE A 648 18.29 -5.57 20.10
CA PHE A 648 19.59 -4.99 19.73
C PHE A 648 20.74 -5.94 20.06
N ASP A 649 20.63 -6.60 21.22
CA ASP A 649 21.58 -7.64 21.62
C ASP A 649 21.56 -8.78 20.59
N GLY A 650 20.42 -9.01 19.95
CA GLY A 650 20.33 -10.09 19.02
C GLY A 650 20.74 -9.73 17.61
N MET A 651 21.14 -8.47 17.36
CA MET A 651 21.57 -8.07 16.05
C MET A 651 22.97 -8.63 15.84
N PRO A 652 23.34 -9.07 14.63
CA PRO A 652 24.67 -9.63 14.38
C PRO A 652 25.73 -8.54 14.52
N PRO A 653 26.99 -8.88 14.82
CA PRO A 653 27.91 -7.90 15.39
C PRO A 653 28.42 -6.84 14.40
N ASN A 654 28.35 -7.09 13.10
CA ASN A 654 28.91 -6.14 12.16
C ASN A 654 27.83 -5.26 11.52
N LEU A 655 26.63 -5.19 12.10
CA LEU A 655 25.56 -4.37 11.54
C LEU A 655 25.99 -2.89 11.48
N LYS A 656 25.98 -2.34 10.26
CA LYS A 656 26.47 -0.99 9.96
C LYS A 656 25.30 -0.05 9.70
N ASN A 657 24.31 -0.54 8.94
CA ASN A 657 23.26 0.24 8.30
C ASN A 657 21.91 -0.41 8.65
N LEU A 658 21.11 0.28 9.48
CA LEU A 658 19.88 -0.22 10.00
C LEU A 658 18.77 0.79 9.73
N SER A 659 17.68 0.33 9.11
CA SER A 659 16.45 1.05 8.92
C SER A 659 15.32 0.43 9.75
N LEU A 660 14.70 1.33 10.52
CA LEU A 660 13.53 1.09 11.28
C LEU A 660 12.43 2.07 10.84
N ALA A 661 12.50 2.50 9.59
CA ALA A 661 11.62 3.54 9.10
C ALA A 661 10.21 2.98 9.01
N LYS A 662 9.21 3.87 9.11
CA LYS A 662 7.81 3.58 8.78
C LYS A 662 7.34 2.37 9.59
N ASN A 663 7.57 2.41 10.91
CA ASN A 663 7.19 1.37 11.83
C ASN A 663 6.12 1.84 12.81
N GLY A 664 5.80 3.14 12.80
CA GLY A 664 4.90 3.69 13.77
C GLY A 664 5.46 3.58 15.18
N LEU A 665 6.80 3.63 15.30
CA LEU A 665 7.52 3.62 16.59
C LEU A 665 7.11 4.83 17.42
N LYS A 666 6.65 4.61 18.66
CA LYS A 666 6.24 5.68 19.55
C LYS A 666 7.26 5.86 20.67
N SER A 667 8.21 4.95 20.78
CA SER A 667 9.22 5.00 21.84
C SER A 667 10.46 4.27 21.34
N PHE A 668 11.60 4.60 21.94
CA PHE A 668 12.87 4.13 21.54
C PHE A 668 13.85 4.40 22.67
N ILE A 669 14.39 3.30 23.22
CA ILE A 669 15.40 3.34 24.23
C ILE A 669 16.74 3.51 23.52
N TRP A 670 17.18 4.76 23.41
CA TRP A 670 18.37 5.20 22.76
C TRP A 670 19.64 4.49 23.26
N GLU A 671 19.70 4.23 24.57
CA GLU A 671 20.88 3.60 25.23
C GLU A 671 21.19 2.25 24.56
N LYS A 672 20.14 1.55 24.14
CA LYS A 672 20.30 0.23 23.61
C LYS A 672 21.13 0.28 22.31
N LEU A 673 21.43 1.46 21.77
CA LEU A 673 22.27 1.53 20.59
C LEU A 673 23.72 1.11 20.92
N ARG A 674 24.03 1.07 22.23
CA ARG A 674 25.35 0.65 22.71
C ARG A 674 25.73 -0.76 22.20
N TYR A 675 24.77 -1.66 21.98
CA TYR A 675 25.05 -3.02 21.54
C TYR A 675 25.55 -3.08 20.10
N LEU A 676 25.17 -2.09 19.28
CA LEU A 676 25.45 -2.08 17.85
C LEU A 676 26.76 -1.33 17.61
N LYS A 677 27.88 -2.02 17.87
CA LYS A 677 29.18 -1.39 18.02
C LYS A 677 29.77 -0.97 16.68
N ASN A 678 29.22 -1.44 15.55
CA ASN A 678 29.71 -0.98 14.23
C ASN A 678 28.63 -0.20 13.48
N LEU A 679 27.58 0.27 14.18
CA LEU A 679 26.50 1.03 13.59
C LEU A 679 26.96 2.39 13.06
N GLU A 680 26.71 2.69 11.78
CA GLU A 680 27.13 3.93 11.11
C GLU A 680 25.93 4.74 10.61
N THR A 681 24.87 4.06 10.14
CA THR A 681 23.60 4.66 9.72
C THR A 681 22.41 4.09 10.52
N LEU A 682 21.61 4.98 11.09
CA LEU A 682 20.35 4.68 11.72
C LEU A 682 19.25 5.51 11.05
N ASP A 683 18.37 4.82 10.30
CA ASP A 683 17.22 5.43 9.65
C ASP A 683 15.97 5.17 10.51
N LEU A 684 15.46 6.21 11.14
CA LEU A 684 14.27 6.17 12.01
C LEU A 684 13.18 7.10 11.47
N SER A 685 13.25 7.43 10.18
CA SER A 685 12.29 8.29 9.47
C SER A 685 10.87 7.71 9.51
N HIS A 686 9.87 8.61 9.46
CA HIS A 686 8.42 8.30 9.40
C HIS A 686 8.04 7.39 10.58
N ASN A 687 8.20 7.87 11.80
CA ASN A 687 7.78 7.19 13.01
C ASN A 687 7.06 8.25 13.87
N GLN A 688 6.94 7.98 15.16
CA GLN A 688 6.22 8.85 16.11
C GLN A 688 7.11 9.21 17.31
N LEU A 689 8.43 9.29 17.08
CA LEU A 689 9.35 9.56 18.16
C LEU A 689 9.15 11.01 18.57
N THR A 690 9.26 11.25 19.88
CA THR A 690 9.03 12.59 20.42
C THR A 690 10.30 13.19 21.01
N THR A 691 11.34 12.36 21.20
CA THR A 691 12.53 12.81 21.84
C THR A 691 13.75 12.24 21.12
N VAL A 692 14.87 12.94 21.34
CA VAL A 692 16.17 12.49 20.98
C VAL A 692 16.88 12.16 22.28
N PRO A 693 18.02 11.41 22.25
CA PRO A 693 18.76 11.07 23.46
C PRO A 693 19.40 12.28 24.17
N GLU A 694 19.60 12.17 25.49
CA GLU A 694 20.17 13.26 26.28
C GLU A 694 21.59 13.58 25.79
N ARG A 695 22.34 12.53 25.38
CA ARG A 695 23.68 12.66 24.76
C ARG A 695 23.91 11.50 23.79
N LEU A 696 23.91 11.82 22.50
CA LEU A 696 24.04 10.81 21.47
C LEU A 696 25.41 10.13 21.54
N SER A 697 26.45 10.86 21.94
CA SER A 697 27.81 10.30 22.08
C SER A 697 27.79 9.08 23.01
N ASN A 698 27.01 9.18 24.09
CA ASN A 698 26.90 8.20 25.17
C ASN A 698 26.03 7.01 24.72
N CYS A 699 25.41 7.05 23.53
CA CYS A 699 24.59 5.92 23.03
C CYS A 699 25.30 5.15 21.91
N SER A 700 26.02 5.86 21.05
CA SER A 700 26.77 5.24 19.99
C SER A 700 27.97 6.12 19.68
N ARG A 701 29.17 5.51 19.74
CA ARG A 701 30.42 6.08 19.33
C ARG A 701 30.58 6.01 17.80
N SER A 702 29.94 5.03 17.17
CA SER A 702 30.22 4.71 15.78
C SER A 702 29.31 5.49 14.83
N LEU A 703 28.18 5.97 15.35
CA LEU A 703 27.10 6.46 14.52
C LEU A 703 27.49 7.74 13.78
N LYS A 704 27.32 7.72 12.46
CA LYS A 704 27.72 8.78 11.55
C LYS A 704 26.49 9.41 10.91
N ASN A 705 25.48 8.61 10.55
CA ASN A 705 24.30 9.14 9.85
C ASN A 705 23.05 8.84 10.69
N LEU A 706 22.32 9.90 11.02
CA LEU A 706 21.14 9.79 11.84
C LEU A 706 19.97 10.46 11.12
N ILE A 707 18.97 9.66 10.76
CA ILE A 707 17.84 10.12 10.02
C ILE A 707 16.59 10.05 10.91
N LEU A 708 16.09 11.22 11.30
CA LEU A 708 14.92 11.31 12.19
C LEU A 708 13.82 12.11 11.50
N LYS A 709 13.91 12.26 10.17
CA LYS A 709 12.90 13.02 9.46
C LYS A 709 11.52 12.36 9.69
N ASN A 710 10.49 13.21 9.77
CA ASN A 710 9.07 12.78 9.80
C ASN A 710 8.77 12.08 11.12
N ASN A 711 9.05 12.75 12.24
CA ASN A 711 8.68 12.29 13.55
C ASN A 711 7.92 13.41 14.25
N GLN A 712 7.77 13.33 15.58
CA GLN A 712 6.98 14.25 16.34
C GLN A 712 7.84 14.97 17.38
N ILE A 713 9.11 15.22 17.07
CA ILE A 713 10.03 15.81 18.01
C ILE A 713 9.72 17.31 18.13
N ARG A 714 9.52 17.78 19.36
CA ARG A 714 9.11 19.15 19.63
C ARG A 714 10.32 19.96 20.10
N SER A 715 11.28 19.26 20.72
CA SER A 715 12.48 19.90 21.23
C SER A 715 13.68 18.94 21.29
N LEU A 716 14.87 19.49 21.46
CA LEU A 716 16.09 18.73 21.57
C LEU A 716 16.57 18.81 23.03
N THR A 717 17.17 17.71 23.48
CA THR A 717 17.79 17.63 24.75
C THR A 717 18.89 18.68 24.82
N LYS A 718 19.16 19.16 26.02
CA LYS A 718 20.07 20.27 26.25
C LYS A 718 21.45 20.03 25.62
N TYR A 719 22.04 18.84 25.79
CA TYR A 719 23.42 18.52 25.37
C TYR A 719 23.43 17.43 24.27
N PHE A 720 22.36 17.37 23.47
CA PHE A 720 22.10 16.35 22.44
C PHE A 720 23.40 15.89 21.75
N LEU A 721 24.03 16.79 20.99
CA LEU A 721 25.17 16.38 20.11
C LEU A 721 26.53 16.54 20.79
N GLN A 722 26.57 16.86 22.08
CA GLN A 722 27.84 17.04 22.80
C GLN A 722 28.75 15.82 22.59
N ASP A 723 29.91 16.09 21.98
CA ASP A 723 31.08 15.20 21.84
C ASP A 723 30.81 14.08 20.84
N ALA A 724 29.82 14.28 19.96
CA ALA A 724 29.43 13.27 19.02
C ALA A 724 30.29 13.41 17.79
N PHE A 725 31.60 13.17 17.98
CA PHE A 725 32.63 13.56 16.99
C PHE A 725 32.52 12.71 15.71
N GLN A 726 31.82 11.57 15.80
CA GLN A 726 31.75 10.66 14.66
C GLN A 726 30.62 11.09 13.74
N LEU A 727 29.65 11.86 14.27
CA LEU A 727 28.47 12.29 13.51
C LEU A 727 28.88 13.12 12.30
N ARG A 728 28.27 12.81 11.14
CA ARG A 728 28.52 13.45 9.85
C ARG A 728 27.24 13.91 9.16
N TYR A 729 26.10 13.27 9.44
CA TYR A 729 24.84 13.56 8.75
C TYR A 729 23.71 13.55 9.78
N LEU A 730 22.77 14.49 9.70
CA LEU A 730 21.70 14.61 10.72
C LEU A 730 20.46 15.20 10.07
N ASP A 731 19.41 14.39 9.93
CA ASP A 731 18.13 14.86 9.38
C ASP A 731 17.09 15.00 10.50
N LEU A 732 16.75 16.24 10.84
CA LEU A 732 15.60 16.47 11.77
C LEU A 732 14.44 17.12 11.02
N SER A 733 14.41 16.99 9.70
CA SER A 733 13.37 17.67 8.94
C SER A 733 12.01 17.03 9.24
N SER A 734 10.94 17.77 8.94
CA SER A 734 9.56 17.37 9.11
C SER A 734 9.33 16.84 10.53
N ASN A 735 9.72 17.65 11.53
CA ASN A 735 9.38 17.42 12.98
C ASN A 735 8.58 18.65 13.49
N LYS A 736 8.41 18.82 14.81
CA LYS A 736 7.68 19.94 15.30
C LYS A 736 8.57 20.76 16.22
N ILE A 737 9.86 20.83 15.89
CA ILE A 737 10.84 21.56 16.75
C ILE A 737 10.56 23.07 16.76
N GLN A 738 10.64 23.66 17.93
CA GLN A 738 10.30 25.06 18.13
C GLN A 738 11.57 25.91 18.30
N MET A 739 12.46 25.46 19.17
CA MET A 739 13.66 26.17 19.56
C MET A 739 14.82 25.24 19.35
N ILE A 740 15.99 25.81 19.09
CA ILE A 740 17.25 25.09 19.21
C ILE A 740 18.25 26.01 19.90
N GLN A 741 18.87 25.57 21.00
CA GLN A 741 19.86 26.37 21.78
C GLN A 741 21.26 25.80 21.52
N LYS A 742 22.30 26.62 21.76
CA LYS A 742 23.68 26.38 21.39
C LYS A 742 24.23 25.06 21.97
N THR A 743 23.86 24.78 23.21
CA THR A 743 24.30 23.67 23.98
C THR A 743 24.03 22.35 23.23
N SER A 744 22.85 22.23 22.60
CA SER A 744 22.42 21.03 21.83
C SER A 744 23.33 20.76 20.62
N PHE A 745 23.87 21.84 20.05
CA PHE A 745 24.51 21.84 18.74
C PHE A 745 25.90 22.46 18.85
N PRO A 746 26.86 21.92 19.62
CA PRO A 746 28.18 22.52 19.76
C PRO A 746 28.93 22.61 18.43
N GLU A 747 29.65 23.70 18.20
CA GLU A 747 30.20 23.98 16.85
C GLU A 747 31.30 22.97 16.47
N ASN A 748 31.95 22.33 17.45
CA ASN A 748 33.00 21.34 17.14
C ASN A 748 32.41 20.04 16.57
N VAL A 749 31.07 19.90 16.60
CA VAL A 749 30.37 18.80 15.92
C VAL A 749 29.81 19.33 14.60
N LEU A 750 29.15 20.50 14.66
CA LEU A 750 28.45 21.02 13.50
C LEU A 750 29.41 21.16 12.32
N ASN A 751 30.69 21.41 12.59
CA ASN A 751 31.60 21.83 11.56
C ASN A 751 32.20 20.60 10.87
N ASN A 752 31.96 19.39 11.39
CA ASN A 752 32.26 18.14 10.70
C ASN A 752 31.12 17.67 9.78
N LEU A 753 29.93 18.24 9.94
CA LEU A 753 28.72 17.66 9.35
C LEU A 753 28.75 17.95 7.87
N LYS A 754 28.60 16.89 7.08
CA LYS A 754 28.46 17.01 5.66
C LYS A 754 27.12 17.67 5.36
N MET A 755 26.04 17.30 6.07
CA MET A 755 24.71 17.92 5.86
C MET A 755 23.90 17.88 7.15
N LEU A 756 23.04 18.88 7.36
CA LEU A 756 22.18 19.01 8.52
C LEU A 756 20.83 19.51 8.02
N LEU A 757 19.77 18.68 8.13
CA LEU A 757 18.47 19.04 7.60
C LEU A 757 17.54 19.52 8.72
N LEU A 758 16.91 20.67 8.53
CA LEU A 758 16.09 21.33 9.55
C LEU A 758 14.73 21.73 9.00
N HIS A 759 14.49 21.48 7.72
CA HIS A 759 13.40 22.16 7.07
C HIS A 759 12.06 21.56 7.52
N HIS A 760 10.98 22.34 7.44
CA HIS A 760 9.63 21.94 7.81
C HIS A 760 9.61 21.57 9.30
N ASN A 761 9.89 22.54 10.18
CA ASN A 761 9.75 22.39 11.63
C ASN A 761 8.79 23.51 12.07
N ARG A 762 8.72 23.86 13.36
CA ARG A 762 7.71 24.80 13.90
C ARG A 762 8.42 25.94 14.65
N PHE A 763 9.42 26.53 13.97
CA PHE A 763 10.37 27.41 14.58
C PHE A 763 9.68 28.69 15.05
N LEU A 764 10.03 29.10 16.25
CA LEU A 764 9.52 30.27 16.86
C LEU A 764 10.62 31.32 16.83
N CYS A 765 10.33 32.47 16.22
CA CYS A 765 11.34 33.48 15.99
C CYS A 765 11.15 34.68 16.95
N THR A 766 11.25 34.37 18.25
CA THR A 766 11.24 35.32 19.32
C THR A 766 12.69 35.62 19.66
N CYS A 767 12.90 36.48 20.67
CA CYS A 767 14.24 36.85 21.06
C CYS A 767 14.97 35.67 21.72
N ASP A 768 14.25 34.61 22.10
CA ASP A 768 14.94 33.39 22.58
C ASP A 768 15.68 32.65 21.43
N ALA A 769 15.36 32.93 20.16
CA ALA A 769 15.91 32.20 19.00
C ALA A 769 17.12 32.92 18.41
N VAL A 770 17.61 33.90 19.14
CA VAL A 770 18.60 34.78 18.65
C VAL A 770 19.82 33.96 18.15
N TRP A 771 20.30 33.02 18.97
CA TRP A 771 21.49 32.25 18.61
C TRP A 771 21.21 31.45 17.32
N PHE A 772 20.10 30.72 17.31
CA PHE A 772 19.79 29.81 16.24
C PHE A 772 19.68 30.59 14.92
N VAL A 773 18.90 31.67 14.96
CA VAL A 773 18.69 32.49 13.79
C VAL A 773 20.04 32.98 13.27
N TRP A 774 20.88 33.51 14.18
CA TRP A 774 22.21 33.98 13.78
C TRP A 774 23.02 32.84 13.14
N TRP A 775 23.10 31.69 13.82
CA TRP A 775 23.94 30.61 13.38
C TRP A 775 23.52 30.15 11.97
N VAL A 776 22.21 30.02 11.72
CA VAL A 776 21.65 29.56 10.42
C VAL A 776 22.06 30.52 9.30
N GLN A 777 22.03 31.82 9.62
CA GLN A 777 22.32 32.87 8.69
C GLN A 777 23.80 32.83 8.28
N HIS A 778 24.66 32.52 9.26
CA HIS A 778 26.11 32.65 9.12
C HIS A 778 26.86 31.32 8.92
N THR A 779 26.20 30.14 8.90
CA THR A 779 26.96 28.88 8.94
C THR A 779 27.39 28.45 7.53
N GLU A 780 28.49 27.68 7.46
CA GLU A 780 28.98 27.02 6.20
C GLU A 780 28.23 25.71 5.98
N VAL A 781 27.72 25.13 7.07
CA VAL A 781 27.15 23.82 7.02
C VAL A 781 26.01 23.80 6.01
N THR A 782 25.93 22.74 5.24
CA THR A 782 24.95 22.63 4.20
C THR A 782 23.57 22.33 4.82
N ILE A 783 22.58 23.16 4.51
CA ILE A 783 21.25 23.04 5.04
C ILE A 783 20.30 23.28 3.86
N PRO A 784 19.69 22.22 3.32
CA PRO A 784 18.82 22.37 2.18
C PRO A 784 17.53 23.07 2.60
N TYR A 785 16.94 23.77 1.61
CA TYR A 785 15.66 24.37 1.65
C TYR A 785 15.64 25.63 2.54
N LEU A 786 16.79 26.27 2.80
CA LEU A 786 16.83 27.59 3.52
C LEU A 786 15.92 28.67 2.87
N ALA A 787 15.74 28.62 1.55
CA ALA A 787 14.97 29.58 0.79
C ALA A 787 13.49 29.21 0.74
N THR A 788 13.18 27.95 0.98
CA THR A 788 11.92 27.34 0.59
C THR A 788 11.09 26.97 1.84
N ASP A 789 11.73 26.45 2.91
CA ASP A 789 10.99 25.72 3.97
C ASP A 789 11.81 25.67 5.29
N VAL A 790 12.62 26.68 5.58
CA VAL A 790 13.13 26.89 6.94
C VAL A 790 12.54 28.22 7.45
N THR A 791 11.38 28.10 8.05
CA THR A 791 10.41 29.14 8.12
C THR A 791 10.04 29.36 9.58
N CYS A 792 9.72 30.59 9.97
CA CYS A 792 9.09 30.87 11.27
C CYS A 792 7.59 30.50 11.19
N VAL A 793 7.03 29.92 12.25
CA VAL A 793 5.55 29.81 12.34
C VAL A 793 4.96 30.96 13.16
N GLY A 794 5.82 31.75 13.80
CA GLY A 794 5.45 32.82 14.72
C GLY A 794 6.69 33.50 15.32
N PRO A 795 6.50 34.53 16.16
CA PRO A 795 5.20 35.05 16.58
C PRO A 795 4.53 35.90 15.49
N GLY A 796 3.20 35.79 15.37
CA GLY A 796 2.36 36.46 14.35
C GLY A 796 3.16 37.33 13.37
N ALA A 797 3.82 38.37 13.90
CA ALA A 797 4.60 39.33 13.13
C ALA A 797 5.41 38.61 12.02
N HIS A 798 6.30 37.67 12.42
CA HIS A 798 7.26 37.01 11.52
C HIS A 798 6.69 35.71 10.91
N LYS A 799 5.40 35.42 11.10
CA LYS A 799 4.81 34.17 10.62
C LYS A 799 5.04 34.05 9.11
N GLY A 800 5.42 32.83 8.67
CA GLY A 800 5.61 32.50 7.26
C GLY A 800 6.92 33.03 6.69
N GLN A 801 7.69 33.79 7.47
CA GLN A 801 8.93 34.44 7.01
C GLN A 801 10.14 33.49 7.19
N SER A 802 10.96 33.38 6.14
CA SER A 802 12.20 32.57 6.16
C SER A 802 13.14 33.07 7.29
N VAL A 803 13.87 32.16 7.95
CA VAL A 803 14.70 32.58 9.09
C VAL A 803 16.00 33.16 8.57
N ILE A 804 16.37 32.79 7.36
CA ILE A 804 17.56 33.33 6.70
C ILE A 804 17.40 34.86 6.55
N SER A 805 16.16 35.33 6.27
CA SER A 805 15.89 36.76 6.01
C SER A 805 15.51 37.55 7.29
N LEU A 806 15.32 36.85 8.41
CA LEU A 806 14.81 37.42 9.69
C LEU A 806 15.80 38.41 10.28
N ASP A 807 15.32 39.63 10.55
CA ASP A 807 16.05 40.69 11.23
C ASP A 807 15.58 40.76 12.67
N LEU A 808 16.51 40.57 13.61
CA LEU A 808 16.20 40.46 15.02
C LEU A 808 16.92 41.54 15.83
N TYR A 809 17.18 42.70 15.24
CA TYR A 809 17.98 43.74 15.93
C TYR A 809 17.24 44.27 17.16
N THR A 810 15.88 44.27 17.14
CA THR A 810 15.08 44.77 18.26
C THR A 810 15.41 44.03 19.56
N CYS A 811 15.96 42.81 19.45
CA CYS A 811 16.36 41.98 20.60
C CYS A 811 17.66 42.45 21.25
N GLU A 812 18.36 43.43 20.65
CA GLU A 812 19.68 43.90 21.11
C GLU A 812 19.71 45.40 21.44
N LEU A 813 18.71 45.90 22.18
CA LEU A 813 18.70 47.33 22.56
C LEU A 813 19.03 47.46 24.06
N ALA B 5 -30.23 25.99 22.67
CA ALA B 5 -31.19 24.98 23.12
C ALA B 5 -30.88 24.66 24.61
N ARG B 6 -29.73 24.02 24.90
CA ARG B 6 -29.35 23.57 26.28
C ARG B 6 -29.14 24.76 27.23
N TRP B 7 -29.62 24.63 28.47
CA TRP B 7 -29.47 25.67 29.46
C TRP B 7 -28.17 25.49 30.26
N PHE B 8 -27.76 24.24 30.50
CA PHE B 8 -26.53 23.95 31.26
C PHE B 8 -25.59 23.05 30.46
N PRO B 9 -24.51 23.62 29.87
CA PRO B 9 -23.55 22.84 29.08
C PRO B 9 -23.04 21.58 29.79
N LYS B 10 -22.86 20.52 29.00
CA LYS B 10 -22.37 19.24 29.45
C LYS B 10 -20.83 19.32 29.43
N THR B 11 -20.23 19.28 30.60
CA THR B 11 -18.83 19.59 30.74
C THR B 11 -18.05 18.32 31.11
N LEU B 12 -18.80 17.33 31.64
CA LEU B 12 -18.29 16.01 31.97
C LEU B 12 -17.71 15.34 30.73
N PRO B 13 -16.44 14.88 30.76
CA PRO B 13 -15.79 14.32 29.57
C PRO B 13 -16.17 12.85 29.33
N CYS B 14 -17.46 12.51 29.53
CA CYS B 14 -17.98 11.13 29.43
C CYS B 14 -19.33 11.19 28.73
N ASP B 15 -19.65 10.19 27.91
CA ASP B 15 -20.94 10.07 27.25
C ASP B 15 -21.97 9.63 28.30
N VAL B 16 -23.18 10.18 28.25
CA VAL B 16 -24.21 9.94 29.27
C VAL B 16 -25.54 9.61 28.57
N THR B 17 -26.10 8.44 28.87
CA THR B 17 -27.23 7.88 28.14
C THR B 17 -28.29 7.41 29.14
N LEU B 18 -29.56 7.73 28.85
CA LEU B 18 -30.68 7.30 29.66
C LEU B 18 -31.35 6.10 28.97
N ASP B 19 -31.47 5.00 29.71
CA ASP B 19 -32.38 3.90 29.40
C ASP B 19 -33.50 3.93 30.45
N VAL B 20 -34.55 4.70 30.15
CA VAL B 20 -35.57 5.08 31.12
C VAL B 20 -36.33 3.84 31.58
N SER B 21 -36.54 2.87 30.67
CA SER B 21 -37.35 1.64 30.89
C SER B 21 -36.72 0.72 31.95
N LYS B 22 -35.40 0.50 31.84
CA LYS B 22 -34.66 -0.38 32.76
C LYS B 22 -34.09 0.41 33.94
N ASN B 23 -34.41 1.71 34.06
CA ASN B 23 -34.07 2.53 35.24
C ASN B 23 -32.54 2.77 35.35
N HIS B 24 -31.88 2.87 34.19
CA HIS B 24 -30.41 2.89 34.09
C HIS B 24 -29.91 4.26 33.63
N VAL B 25 -28.83 4.73 34.25
CA VAL B 25 -28.15 5.97 33.90
C VAL B 25 -26.70 5.61 33.58
N ILE B 26 -26.33 5.64 32.29
CA ILE B 26 -25.08 5.05 31.84
C ILE B 26 -24.08 6.14 31.51
N VAL B 27 -22.94 6.06 32.19
CA VAL B 27 -21.87 6.97 32.03
C VAL B 27 -20.65 6.19 31.52
N ASP B 28 -20.28 6.48 30.27
CA ASP B 28 -19.13 5.88 29.59
C ASP B 28 -17.97 6.87 29.47
N CYS B 29 -16.92 6.67 30.27
CA CYS B 29 -15.68 7.47 30.25
C CYS B 29 -14.53 6.67 29.60
N THR B 30 -14.87 5.82 28.62
CA THR B 30 -13.85 4.95 28.06
C THR B 30 -12.86 5.82 27.29
N ASP B 31 -11.57 5.72 27.65
CA ASP B 31 -10.49 6.25 26.83
C ASP B 31 -10.62 7.76 26.69
N LYS B 32 -10.53 8.49 27.81
CA LYS B 32 -10.61 9.94 27.78
C LYS B 32 -9.39 10.52 28.52
N HIS B 33 -8.26 9.83 28.42
CA HIS B 33 -6.99 10.29 28.96
C HIS B 33 -7.23 10.98 30.29
N LEU B 34 -8.03 10.34 31.15
CA LEU B 34 -8.29 10.80 32.52
C LEU B 34 -7.18 10.30 33.45
N THR B 35 -6.80 11.13 34.43
CA THR B 35 -5.89 10.74 35.52
C THR B 35 -6.59 10.81 36.89
N GLU B 36 -7.84 11.30 36.92
CA GLU B 36 -8.70 11.37 38.12
C GLU B 36 -10.12 10.94 37.71
N ILE B 37 -10.93 10.49 38.68
CA ILE B 37 -12.34 10.29 38.39
C ILE B 37 -12.93 11.70 38.19
N PRO B 38 -13.63 11.98 37.07
CA PRO B 38 -14.20 13.31 36.89
C PRO B 38 -15.27 13.61 37.97
N GLY B 39 -15.29 14.86 38.45
CA GLY B 39 -16.38 15.34 39.28
C GLY B 39 -17.64 15.56 38.45
N GLY B 40 -18.80 15.60 39.12
CA GLY B 40 -20.07 15.91 38.48
C GLY B 40 -20.72 14.70 37.81
N ILE B 41 -20.24 13.49 38.11
CA ILE B 41 -20.88 12.28 37.59
C ILE B 41 -22.29 12.24 38.20
N PRO B 42 -23.37 12.06 37.40
CA PRO B 42 -24.72 12.16 37.92
C PRO B 42 -24.91 11.19 39.10
N THR B 43 -25.74 11.60 40.07
CA THR B 43 -25.96 10.87 41.33
C THR B 43 -26.79 9.61 41.05
N ASN B 44 -27.72 9.71 40.09
CA ASN B 44 -28.61 8.61 39.64
C ASN B 44 -27.81 7.57 38.80
N THR B 45 -26.48 7.73 38.67
CA THR B 45 -25.61 6.88 37.81
C THR B 45 -25.64 5.41 38.30
N THR B 46 -25.91 4.49 37.37
CA THR B 46 -26.06 3.09 37.64
C THR B 46 -24.96 2.27 36.98
N ASN B 47 -24.59 2.61 35.73
CA ASN B 47 -23.46 1.90 35.01
C ASN B 47 -22.36 2.93 34.72
N LEU B 48 -21.18 2.76 35.33
CA LEU B 48 -20.06 3.67 35.21
C LEU B 48 -18.84 2.95 34.60
N THR B 49 -18.42 3.35 33.39
CA THR B 49 -17.23 2.74 32.78
C THR B 49 -16.04 3.73 32.73
N LEU B 50 -14.89 3.31 33.26
CA LEU B 50 -13.67 4.12 33.33
C LEU B 50 -12.49 3.37 32.68
N THR B 51 -12.82 2.45 31.78
CA THR B 51 -11.85 1.63 31.09
C THR B 51 -10.86 2.50 30.31
N ILE B 52 -9.59 2.11 30.34
CA ILE B 52 -8.52 2.72 29.54
C ILE B 52 -8.43 4.23 29.90
N ASN B 53 -7.86 4.45 31.08
CA ASN B 53 -7.56 5.75 31.62
C ASN B 53 -6.33 5.52 32.48
N HIS B 54 -5.89 6.55 33.20
CA HIS B 54 -4.69 6.46 34.00
C HIS B 54 -5.01 6.93 35.41
N ILE B 55 -6.16 6.50 35.93
CA ILE B 55 -6.54 6.87 37.27
C ILE B 55 -5.79 5.98 38.24
N PRO B 56 -4.92 6.52 39.11
CA PRO B 56 -3.92 5.68 39.79
C PRO B 56 -4.43 5.04 41.08
N ASP B 57 -5.64 5.44 41.52
CA ASP B 57 -6.16 5.05 42.82
C ASP B 57 -7.69 5.12 42.86
N ILE B 58 -8.26 4.23 43.68
CA ILE B 58 -9.64 4.25 44.13
C ILE B 58 -9.67 4.43 45.65
N SER B 59 -10.69 5.16 46.15
CA SER B 59 -10.84 5.59 47.55
C SER B 59 -12.33 5.70 47.89
N PRO B 60 -12.74 5.81 49.17
CA PRO B 60 -14.13 6.06 49.53
C PRO B 60 -14.75 7.29 48.83
N ALA B 61 -13.92 8.31 48.56
CA ALA B 61 -14.36 9.50 47.81
C ALA B 61 -14.69 9.18 46.35
N SER B 62 -14.09 8.11 45.76
CA SER B 62 -14.25 7.77 44.36
C SER B 62 -15.74 7.70 43.97
N PHE B 63 -16.52 6.96 44.74
CA PHE B 63 -17.93 6.70 44.39
C PHE B 63 -18.91 7.19 45.48
N HIS B 64 -18.44 8.00 46.45
CA HIS B 64 -19.18 8.44 47.68
C HIS B 64 -20.65 8.72 47.37
N ARG B 65 -20.93 9.55 46.36
CA ARG B 65 -22.27 10.04 46.03
C ARG B 65 -23.08 8.99 45.25
N LEU B 66 -22.37 8.06 44.60
CA LEU B 66 -22.93 7.25 43.52
C LEU B 66 -23.48 5.96 44.10
N VAL B 67 -24.42 6.09 45.03
CA VAL B 67 -24.84 4.98 45.88
C VAL B 67 -25.76 4.03 45.08
N HIS B 68 -26.17 4.44 43.87
CA HIS B 68 -27.12 3.63 43.06
C HIS B 68 -26.40 2.81 41.98
N LEU B 69 -25.07 2.66 42.07
CA LEU B 69 -24.26 1.91 41.06
C LEU B 69 -24.59 0.41 41.11
N VAL B 70 -24.92 -0.16 39.95
CA VAL B 70 -25.01 -1.60 39.80
C VAL B 70 -23.77 -2.16 39.09
N GLU B 71 -23.08 -1.36 38.27
CA GLU B 71 -21.90 -1.84 37.51
C GLU B 71 -20.78 -0.79 37.52
N ILE B 72 -19.58 -1.18 37.96
CA ILE B 72 -18.39 -0.39 37.76
C ILE B 72 -17.47 -1.18 36.84
N ASP B 73 -17.09 -0.59 35.69
CA ASP B 73 -16.10 -1.17 34.78
C ASP B 73 -14.85 -0.31 34.86
N PHE B 74 -13.86 -0.76 35.61
CA PHE B 74 -12.63 -0.01 35.85
C PHE B 74 -11.44 -0.82 35.31
N ARG B 75 -11.54 -1.29 34.05
CA ARG B 75 -10.48 -2.12 33.43
C ARG B 75 -9.32 -1.28 32.86
N CYS B 76 -8.12 -1.86 32.93
CA CYS B 76 -7.01 -1.42 32.13
C CYS B 76 -6.65 0.03 32.45
N ASN B 77 -6.62 0.39 33.73
CA ASN B 77 -6.09 1.64 34.14
C ASN B 77 -4.64 1.45 34.54
N CYS B 78 -4.19 0.18 34.63
CA CYS B 78 -2.78 -0.09 34.84
C CYS B 78 -2.45 -1.48 34.27
N VAL B 79 -2.31 -1.57 32.94
CA VAL B 79 -2.20 -2.90 32.35
C VAL B 79 -0.77 -3.41 32.55
N PRO B 80 -0.56 -4.72 32.73
CA PRO B 80 0.79 -5.27 32.92
C PRO B 80 1.73 -4.85 31.76
N ILE B 81 2.98 -4.66 32.13
CA ILE B 81 4.01 -4.09 31.30
C ILE B 81 3.92 -4.59 29.85
N ARG B 82 3.83 -5.92 29.62
CA ARG B 82 3.98 -6.50 28.27
C ARG B 82 2.68 -6.52 27.47
N LEU B 83 1.55 -6.30 28.15
CA LEU B 83 0.24 -6.24 27.51
C LEU B 83 -0.10 -4.80 27.12
N GLY B 84 0.54 -3.84 27.78
CA GLY B 84 0.16 -2.42 27.67
C GLY B 84 1.02 -1.67 26.69
N SER B 85 0.71 -0.37 26.56
CA SER B 85 1.46 0.56 25.75
C SER B 85 2.88 0.59 26.29
N LYS B 86 3.88 0.52 25.42
CA LYS B 86 5.28 0.79 25.82
C LYS B 86 5.58 2.31 25.85
N SER B 87 4.77 3.12 25.16
CA SER B 87 4.99 4.59 25.13
C SER B 87 4.28 5.29 26.31
N ASN B 88 3.37 4.58 26.98
CA ASN B 88 2.63 5.09 28.14
C ASN B 88 2.49 3.98 29.18
N MET B 89 3.60 3.31 29.49
CA MET B 89 3.69 2.32 30.55
C MET B 89 3.04 2.90 31.82
N CYS B 90 2.40 2.02 32.60
CA CYS B 90 1.80 2.42 33.87
C CYS B 90 2.92 2.37 34.92
N PRO B 91 3.15 3.47 35.68
CA PRO B 91 4.31 3.53 36.58
C PRO B 91 4.17 2.61 37.81
N ARG B 92 2.98 2.60 38.43
CA ARG B 92 2.74 1.88 39.67
C ARG B 92 1.31 1.33 39.70
N ARG B 93 1.15 0.15 40.33
CA ARG B 93 -0.10 -0.60 40.33
C ARG B 93 -1.23 0.25 40.92
N LEU B 94 -2.46 0.00 40.48
CA LEU B 94 -3.67 0.59 41.04
C LEU B 94 -3.72 0.33 42.55
N GLN B 95 -4.00 1.39 43.30
CA GLN B 95 -4.15 1.36 44.78
C GLN B 95 -5.64 1.49 45.10
N ILE B 96 -6.18 0.51 45.81
CA ILE B 96 -7.58 0.55 46.19
C ILE B 96 -7.64 0.64 47.70
N LYS B 97 -8.06 1.79 48.24
CA LYS B 97 -8.11 2.01 49.67
C LYS B 97 -9.33 1.30 50.27
N PRO B 98 -9.34 0.97 51.58
CA PRO B 98 -10.45 0.21 52.17
C PRO B 98 -11.69 1.10 52.16
N ARG B 99 -12.86 0.43 52.11
CA ARG B 99 -14.19 1.06 52.25
C ARG B 99 -14.66 1.61 50.89
N SER B 100 -13.86 1.40 49.84
CA SER B 100 -14.13 2.03 48.52
C SER B 100 -15.42 1.47 47.92
N PHE B 101 -15.72 0.20 48.21
CA PHE B 101 -16.84 -0.48 47.60
C PHE B 101 -17.95 -0.80 48.61
N SER B 102 -17.62 -0.80 49.91
CA SER B 102 -18.57 -1.29 50.93
C SER B 102 -19.79 -0.37 50.98
N GLY B 103 -19.64 0.89 50.56
CA GLY B 103 -20.77 1.79 50.39
C GLY B 103 -21.80 1.32 49.36
N LEU B 104 -21.38 0.53 48.36
CA LEU B 104 -22.19 0.37 47.14
C LEU B 104 -23.13 -0.82 47.28
N THR B 105 -24.28 -0.55 47.88
CA THR B 105 -25.19 -1.58 48.35
C THR B 105 -25.82 -2.34 47.18
N TYR B 106 -25.88 -1.72 45.99
CA TYR B 106 -26.59 -2.34 44.88
C TYR B 106 -25.63 -2.88 43.79
N LEU B 107 -24.33 -2.87 44.06
CA LEU B 107 -23.29 -3.19 43.04
C LEU B 107 -23.37 -4.68 42.65
N LYS B 108 -23.71 -4.97 41.40
CA LYS B 108 -23.86 -6.33 40.92
C LYS B 108 -22.60 -6.82 40.18
N SER B 109 -21.98 -5.96 39.34
CA SER B 109 -20.82 -6.36 38.47
C SER B 109 -19.67 -5.37 38.66
N LEU B 110 -18.47 -5.90 38.91
CA LEU B 110 -17.27 -5.09 39.12
C LEU B 110 -16.13 -5.66 38.28
N TYR B 111 -15.57 -4.84 37.39
CA TYR B 111 -14.48 -5.29 36.51
C TYR B 111 -13.22 -4.51 36.91
N LEU B 112 -12.16 -5.22 37.31
CA LEU B 112 -10.92 -4.59 37.72
C LEU B 112 -9.75 -5.28 37.01
N ASP B 113 -10.05 -5.87 35.86
CA ASP B 113 -9.08 -6.49 35.00
C ASP B 113 -8.02 -5.44 34.60
N GLY B 114 -6.76 -5.87 34.56
CA GLY B 114 -5.75 -5.11 33.93
C GLY B 114 -5.31 -3.92 34.76
N ASN B 115 -5.05 -4.16 36.05
CA ASN B 115 -4.74 -3.08 36.98
C ASN B 115 -3.54 -3.43 37.84
N GLN B 116 -2.88 -4.57 37.56
CA GLN B 116 -1.64 -5.02 38.24
C GLN B 116 -1.88 -5.27 39.74
N LEU B 117 -3.12 -5.63 40.12
CA LEU B 117 -3.50 -5.92 41.49
C LEU B 117 -2.79 -7.21 41.96
N LEU B 118 -2.39 -7.23 43.24
CA LEU B 118 -1.61 -8.33 43.85
C LEU B 118 -2.52 -9.27 44.64
N GLU B 119 -3.73 -8.80 44.98
CA GLU B 119 -4.65 -9.52 45.85
C GLU B 119 -6.10 -9.27 45.42
N ILE B 120 -6.96 -10.23 45.78
CA ILE B 120 -8.36 -10.06 45.56
C ILE B 120 -8.86 -8.92 46.43
N PRO B 121 -9.46 -7.87 45.84
CA PRO B 121 -9.88 -6.69 46.59
C PRO B 121 -10.91 -7.12 47.65
N GLN B 122 -10.72 -6.60 48.87
CA GLN B 122 -11.60 -6.92 49.99
C GLN B 122 -12.64 -5.81 50.14
N GLY B 123 -13.62 -6.03 51.01
CA GLY B 123 -14.59 -5.02 51.33
C GLY B 123 -15.72 -4.95 50.31
N LEU B 124 -15.84 -5.98 49.47
CA LEU B 124 -16.82 -5.92 48.40
C LEU B 124 -18.18 -6.20 49.00
N PRO B 125 -19.24 -5.51 48.50
CA PRO B 125 -20.57 -5.67 49.03
C PRO B 125 -21.12 -7.07 48.75
N PRO B 126 -22.10 -7.54 49.55
CA PRO B 126 -22.69 -8.86 49.37
C PRO B 126 -23.65 -8.94 48.18
N SER B 127 -23.90 -7.81 47.51
CA SER B 127 -24.78 -7.75 46.37
C SER B 127 -24.09 -8.30 45.11
N LEU B 128 -22.77 -8.48 45.18
CA LEU B 128 -21.91 -8.66 44.01
C LEU B 128 -22.11 -10.05 43.39
N GLN B 129 -22.59 -10.06 42.13
CA GLN B 129 -22.85 -11.28 41.33
C GLN B 129 -21.68 -11.58 40.35
N LEU B 130 -20.91 -10.56 39.90
CA LEU B 130 -19.79 -10.73 38.95
C LEU B 130 -18.58 -9.92 39.40
N LEU B 131 -17.42 -10.58 39.48
CA LEU B 131 -16.10 -9.98 39.82
C LEU B 131 -15.11 -10.49 38.79
N SER B 132 -14.25 -9.60 38.26
CA SER B 132 -13.40 -9.88 37.09
C SER B 132 -12.03 -9.27 37.33
N LEU B 133 -11.01 -10.13 37.38
CA LEU B 133 -9.68 -9.72 37.75
C LEU B 133 -8.68 -10.33 36.77
N GLU B 134 -9.05 -10.41 35.47
CA GLU B 134 -8.13 -10.88 34.44
C GLU B 134 -6.92 -9.93 34.37
N ALA B 135 -5.76 -10.46 33.99
CA ALA B 135 -4.60 -9.63 33.67
C ALA B 135 -4.23 -8.74 34.85
N ASN B 136 -4.41 -9.28 36.05
CA ASN B 136 -3.79 -8.77 37.27
C ASN B 136 -2.64 -9.71 37.63
N ASN B 137 -2.12 -9.58 38.86
CA ASN B 137 -0.93 -10.31 39.37
C ASN B 137 -1.34 -11.06 40.66
N ILE B 138 -2.45 -11.79 40.56
CA ILE B 138 -3.06 -12.52 41.64
C ILE B 138 -2.95 -14.01 41.29
N PHE B 139 -1.98 -14.68 41.93
CA PHE B 139 -1.62 -16.06 41.58
C PHE B 139 -1.59 -16.99 42.82
N SER B 140 -2.32 -16.62 43.87
CA SER B 140 -2.59 -17.47 45.04
C SER B 140 -4.01 -17.18 45.59
N ILE B 141 -4.90 -18.17 45.48
CA ILE B 141 -6.27 -18.06 45.96
C ILE B 141 -6.39 -18.78 47.31
N ARG B 142 -6.97 -18.07 48.29
CA ARG B 142 -7.12 -18.49 49.68
C ARG B 142 -8.60 -18.41 50.05
N LYS B 143 -9.11 -19.41 50.76
CA LYS B 143 -10.54 -19.49 51.15
C LYS B 143 -10.95 -18.19 51.86
N GLU B 144 -10.02 -17.67 52.67
CA GLU B 144 -10.26 -16.54 53.55
C GLU B 144 -10.64 -15.30 52.73
N GLN B 145 -9.89 -15.06 51.64
CA GLN B 145 -10.05 -13.92 50.71
C GLN B 145 -11.35 -14.04 49.90
N LEU B 146 -11.99 -15.22 49.90
CA LEU B 146 -13.20 -15.39 49.10
C LEU B 146 -14.46 -15.33 49.96
N THR B 147 -14.37 -15.17 51.28
CA THR B 147 -15.60 -15.31 52.10
C THR B 147 -16.56 -14.18 51.69
N GLU B 148 -15.98 -13.00 51.43
CA GLU B 148 -16.72 -11.81 51.03
C GLU B 148 -17.58 -12.06 49.78
N LEU B 149 -17.31 -13.11 49.00
CA LEU B 149 -18.01 -13.35 47.73
C LEU B 149 -19.19 -14.33 47.88
N ALA B 150 -19.87 -14.32 49.03
CA ALA B 150 -20.89 -15.34 49.31
C ALA B 150 -21.91 -15.44 48.18
N ASN B 151 -22.34 -14.30 47.60
CA ASN B 151 -23.41 -14.35 46.59
C ASN B 151 -22.87 -14.32 45.14
N ILE B 152 -21.57 -14.60 44.94
CA ILE B 152 -20.95 -14.43 43.61
C ILE B 152 -21.46 -15.55 42.69
N GLU B 153 -21.65 -15.22 41.41
CA GLU B 153 -22.15 -16.14 40.39
C GLU B 153 -21.16 -16.29 39.22
N ILE B 154 -20.42 -15.22 38.89
CA ILE B 154 -19.49 -15.20 37.75
C ILE B 154 -18.19 -14.62 38.27
N LEU B 155 -17.07 -15.33 38.01
CA LEU B 155 -15.76 -14.98 38.62
C LEU B 155 -14.65 -15.32 37.62
N TYR B 156 -13.98 -14.26 37.13
CA TYR B 156 -12.89 -14.36 36.15
C TYR B 156 -11.56 -14.03 36.82
N LEU B 157 -10.61 -14.97 36.74
CA LEU B 157 -9.35 -14.88 37.47
C LEU B 157 -8.19 -15.17 36.56
N GLY B 158 -8.48 -15.41 35.26
CA GLY B 158 -7.51 -15.87 34.27
C GLY B 158 -6.50 -14.79 33.91
N GLN B 159 -5.50 -15.17 33.11
CA GLN B 159 -4.47 -14.27 32.53
C GLN B 159 -3.69 -13.55 33.63
N ASN B 160 -3.56 -14.19 34.81
CA ASN B 160 -2.74 -13.62 35.91
C ASN B 160 -1.37 -14.30 36.04
N CYS B 161 -1.13 -15.42 35.33
CA CYS B 161 0.24 -15.99 35.27
C CYS B 161 0.41 -16.76 33.94
N TYR B 162 0.94 -16.08 32.93
CA TYR B 162 1.24 -16.68 31.63
C TYR B 162 2.34 -15.82 30.95
N TYR B 163 2.75 -16.20 29.72
CA TYR B 163 3.94 -15.66 29.11
C TYR B 163 3.85 -14.14 28.85
N ARG B 164 2.64 -13.57 28.67
CA ARG B 164 2.49 -12.13 28.49
C ARG B 164 2.45 -11.39 29.84
N ASN B 165 2.36 -12.14 30.94
CA ASN B 165 2.07 -11.57 32.25
C ASN B 165 2.55 -12.55 33.32
N PRO B 166 3.86 -12.85 33.33
CA PRO B 166 4.37 -13.95 34.12
C PRO B 166 4.32 -13.68 35.64
N CYS B 167 4.08 -14.74 36.42
CA CYS B 167 4.19 -14.69 37.88
C CYS B 167 5.36 -15.54 38.39
N TYR B 168 6.04 -16.29 37.53
CA TYR B 168 7.33 -16.95 37.87
C TYR B 168 7.16 -18.07 38.91
N VAL B 169 5.92 -18.52 39.18
CA VAL B 169 5.66 -19.69 40.04
C VAL B 169 4.36 -20.39 39.58
N SER B 170 4.05 -21.54 40.19
CA SER B 170 2.79 -22.23 39.98
C SER B 170 1.65 -21.45 40.66
N TYR B 171 0.47 -21.51 40.04
CA TYR B 171 -0.74 -20.98 40.63
C TYR B 171 -1.08 -21.82 41.86
N SER B 172 -1.52 -21.17 42.95
CA SER B 172 -1.88 -21.83 44.23
C SER B 172 -3.36 -21.62 44.53
N ILE B 173 -4.08 -22.70 44.82
CA ILE B 173 -5.45 -22.65 45.20
C ILE B 173 -5.63 -23.55 46.43
N GLU B 174 -5.98 -22.93 47.57
CA GLU B 174 -6.24 -23.67 48.79
C GLU B 174 -7.39 -24.66 48.55
N LYS B 175 -7.29 -25.79 49.26
CA LYS B 175 -8.30 -26.86 49.29
C LYS B 175 -9.69 -26.23 49.51
N ASP B 176 -10.68 -26.70 48.74
CA ASP B 176 -12.08 -26.34 48.95
C ASP B 176 -12.27 -24.81 48.92
N ALA B 177 -11.34 -24.09 48.28
CA ALA B 177 -11.35 -22.60 48.30
C ALA B 177 -12.69 -22.06 47.77
N PHE B 178 -13.26 -22.71 46.76
CA PHE B 178 -14.46 -22.22 46.11
C PHE B 178 -15.72 -22.94 46.61
N LEU B 179 -15.57 -23.85 47.57
CA LEU B 179 -16.66 -24.80 47.85
C LEU B 179 -17.87 -24.05 48.44
N ASN B 180 -17.59 -23.09 49.34
CA ASN B 180 -18.65 -22.38 50.07
C ASN B 180 -19.23 -21.23 49.22
N LEU B 181 -18.76 -21.05 47.98
CA LEU B 181 -19.44 -20.11 47.06
C LEU B 181 -20.61 -20.83 46.40
N THR B 182 -21.73 -20.86 47.12
CA THR B 182 -22.84 -21.81 46.85
C THR B 182 -23.66 -21.40 45.61
N LYS B 183 -23.39 -20.21 45.05
CA LYS B 183 -24.15 -19.70 43.89
C LYS B 183 -23.27 -19.60 42.64
N LEU B 184 -21.98 -19.96 42.76
CA LEU B 184 -21.03 -19.76 41.68
C LEU B 184 -21.43 -20.58 40.45
N LYS B 185 -21.69 -19.91 39.31
CA LYS B 185 -22.07 -20.56 38.06
C LYS B 185 -20.85 -20.68 37.13
N VAL B 186 -19.99 -19.66 37.10
CA VAL B 186 -18.95 -19.54 36.05
C VAL B 186 -17.62 -19.16 36.68
N LEU B 187 -16.62 -20.01 36.46
CA LEU B 187 -15.29 -19.86 37.03
C LEU B 187 -14.28 -20.06 35.90
N SER B 188 -13.37 -19.09 35.73
CA SER B 188 -12.41 -19.07 34.67
C SER B 188 -11.03 -18.93 35.28
N LEU B 189 -10.18 -19.95 35.09
CA LEU B 189 -8.84 -19.96 35.66
C LEU B 189 -7.81 -20.21 34.55
N LYS B 190 -8.19 -19.80 33.35
CA LYS B 190 -7.39 -19.98 32.16
C LYS B 190 -6.11 -19.17 32.24
N ASP B 191 -5.11 -19.60 31.46
CA ASP B 191 -3.92 -18.81 31.22
C ASP B 191 -3.29 -18.41 32.57
N ASN B 192 -3.08 -19.40 33.45
CA ASN B 192 -2.79 -19.08 34.87
C ASN B 192 -1.66 -19.91 35.49
N ASN B 193 -1.07 -20.87 34.76
CA ASN B 193 -0.01 -21.72 35.40
C ASN B 193 -0.59 -22.62 36.51
N VAL B 194 -1.85 -23.04 36.38
CA VAL B 194 -2.48 -23.98 37.32
C VAL B 194 -1.94 -25.41 37.06
N THR B 195 -1.67 -26.13 38.14
CA THR B 195 -1.04 -27.45 38.03
C THR B 195 -2.05 -28.57 38.24
N THR B 196 -3.12 -28.32 39.01
CA THR B 196 -4.17 -29.34 39.19
C THR B 196 -5.54 -28.68 39.27
N VAL B 197 -6.56 -29.47 38.93
CA VAL B 197 -7.90 -29.02 39.05
C VAL B 197 -8.16 -28.73 40.51
N PRO B 198 -8.59 -27.51 40.90
CA PRO B 198 -8.86 -27.24 42.32
C PRO B 198 -10.14 -28.00 42.70
N THR B 199 -10.14 -28.59 43.89
CA THR B 199 -11.29 -29.31 44.43
C THR B 199 -11.48 -28.87 45.88
N VAL B 200 -12.69 -28.98 46.41
CA VAL B 200 -13.89 -29.38 45.70
C VAL B 200 -14.59 -28.11 45.19
N LEU B 201 -15.09 -28.18 43.96
CA LEU B 201 -15.79 -27.05 43.36
C LEU B 201 -17.25 -27.16 43.74
N PRO B 202 -18.01 -26.04 43.74
CA PRO B 202 -19.44 -26.11 44.04
C PRO B 202 -20.22 -26.76 42.89
N SER B 203 -21.25 -27.53 43.27
CA SER B 203 -22.02 -28.36 42.32
C SER B 203 -22.89 -27.48 41.42
N THR B 204 -22.86 -26.18 41.72
CA THR B 204 -23.71 -25.20 41.13
C THR B 204 -23.08 -24.68 39.82
N LEU B 205 -21.78 -25.01 39.56
CA LEU B 205 -21.04 -24.59 38.34
C LEU B 205 -21.79 -25.02 37.07
N THR B 206 -21.93 -24.07 36.12
CA THR B 206 -22.38 -24.35 34.76
C THR B 206 -21.23 -24.26 33.73
N GLU B 207 -20.18 -23.49 34.05
CA GLU B 207 -19.08 -23.25 33.13
C GLU B 207 -17.76 -23.19 33.93
N LEU B 208 -16.78 -24.00 33.50
CA LEU B 208 -15.47 -24.08 34.10
C LEU B 208 -14.45 -24.00 32.96
N TYR B 209 -13.56 -23.00 33.06
CA TYR B 209 -12.52 -22.72 32.07
C TYR B 209 -11.17 -22.95 32.77
N LEU B 210 -10.38 -23.90 32.25
CA LEU B 210 -9.13 -24.33 32.89
C LEU B 210 -8.03 -24.43 31.84
N TYR B 211 -8.24 -23.78 30.70
CA TYR B 211 -7.41 -23.97 29.55
C TYR B 211 -6.15 -23.11 29.70
N ASN B 212 -5.14 -23.49 28.89
CA ASN B 212 -3.80 -22.91 28.86
C ASN B 212 -3.21 -22.86 30.28
N ASN B 213 -3.05 -24.05 30.86
CA ASN B 213 -2.47 -24.22 32.19
C ASN B 213 -1.39 -25.32 32.15
N MET B 214 -0.91 -25.75 33.31
CA MET B 214 0.11 -26.82 33.40
C MET B 214 -0.52 -28.04 34.10
N ILE B 215 -1.68 -28.45 33.64
CA ILE B 215 -2.39 -29.59 34.22
C ILE B 215 -1.98 -30.84 33.43
N ALA B 216 -1.38 -31.81 34.14
CA ALA B 216 -0.86 -33.02 33.50
C ALA B 216 -1.89 -34.16 33.60
N GLU B 217 -2.67 -34.17 34.70
CA GLU B 217 -3.54 -35.27 35.06
C GLU B 217 -4.87 -34.75 35.57
N ILE B 218 -5.95 -35.34 35.08
CA ILE B 218 -7.23 -35.25 35.69
C ILE B 218 -7.38 -36.45 36.63
N GLN B 219 -7.63 -36.19 37.92
CA GLN B 219 -8.00 -37.25 38.88
C GLN B 219 -9.42 -37.71 38.58
N GLU B 220 -9.70 -39.00 38.80
CA GLU B 220 -10.95 -39.62 38.34
C GLU B 220 -12.17 -38.90 38.93
N ASP B 221 -12.00 -38.26 40.09
CA ASP B 221 -13.11 -37.61 40.78
C ASP B 221 -12.99 -36.07 40.81
N ASP B 222 -12.06 -35.48 40.05
CA ASP B 222 -11.92 -34.00 39.94
C ASP B 222 -13.26 -33.28 39.64
N PHE B 223 -14.22 -33.94 38.98
CA PHE B 223 -15.48 -33.32 38.51
C PHE B 223 -16.70 -34.10 39.03
N ASN B 224 -16.54 -34.74 40.20
CA ASN B 224 -17.48 -35.71 40.81
C ASN B 224 -18.90 -35.18 40.98
N ASN B 225 -19.00 -33.94 41.43
CA ASN B 225 -20.23 -33.38 41.97
C ASN B 225 -20.89 -32.43 40.97
N LEU B 226 -20.27 -32.26 39.79
CA LEU B 226 -20.61 -31.15 38.89
C LEU B 226 -21.74 -31.57 37.96
N ASN B 227 -22.89 -31.92 38.53
CA ASN B 227 -24.00 -32.47 37.75
C ASN B 227 -24.69 -31.34 36.98
N GLN B 228 -24.30 -30.08 37.22
CA GLN B 228 -24.95 -28.96 36.54
C GLN B 228 -24.06 -28.35 35.44
N LEU B 229 -22.82 -28.84 35.34
CA LEU B 229 -21.85 -28.26 34.41
C LEU B 229 -22.33 -28.47 32.96
N GLN B 230 -22.19 -27.40 32.17
CA GLN B 230 -22.60 -27.33 30.76
C GLN B 230 -21.38 -27.13 29.84
N ILE B 231 -20.37 -26.39 30.30
CA ILE B 231 -19.20 -26.07 29.50
C ILE B 231 -17.93 -26.38 30.31
N LEU B 232 -17.06 -27.19 29.69
CA LEU B 232 -15.79 -27.54 30.27
C LEU B 232 -14.72 -27.38 29.18
N ASP B 233 -13.68 -26.58 29.48
CA ASP B 233 -12.55 -26.35 28.56
C ASP B 233 -11.26 -26.68 29.32
N LEU B 234 -10.57 -27.73 28.88
CA LEU B 234 -9.33 -28.23 29.51
C LEU B 234 -8.21 -28.13 28.48
N SER B 235 -8.47 -27.34 27.43
CA SER B 235 -7.57 -27.21 26.27
C SER B 235 -6.24 -26.65 26.71
N GLY B 236 -5.17 -26.96 25.95
CA GLY B 236 -3.90 -26.33 26.13
C GLY B 236 -3.27 -26.68 27.47
N ASN B 237 -3.52 -27.92 27.88
CA ASN B 237 -2.85 -28.61 28.98
C ASN B 237 -2.18 -29.84 28.37
N CYS B 238 -0.84 -29.84 28.30
CA CYS B 238 -0.04 -30.73 27.41
C CYS B 238 -0.32 -30.36 25.96
N PRO B 239 0.04 -29.13 25.57
CA PRO B 239 -0.24 -28.63 24.22
C PRO B 239 0.64 -29.27 23.13
N ARG B 240 0.03 -29.39 21.94
CA ARG B 240 0.72 -29.68 20.71
C ARG B 240 1.37 -28.38 20.24
N CYS B 241 2.70 -28.33 20.17
CA CYS B 241 3.43 -27.10 20.04
C CYS B 241 4.01 -26.91 18.63
N TYR B 242 3.81 -27.86 17.70
CA TYR B 242 4.32 -27.67 16.35
C TYR B 242 3.77 -26.33 15.80
N ASN B 243 4.69 -25.44 15.36
CA ASN B 243 4.37 -24.16 14.69
C ASN B 243 3.48 -23.28 15.57
N ALA B 244 3.64 -23.40 16.89
CA ALA B 244 2.92 -22.55 17.79
C ALA B 244 3.52 -21.16 17.73
N PRO B 245 2.71 -20.09 17.58
CA PRO B 245 3.23 -18.73 17.54
C PRO B 245 3.28 -18.07 18.92
N PHE B 246 3.34 -18.88 19.99
CA PHE B 246 3.60 -18.40 21.36
C PHE B 246 4.55 -19.39 22.03
N PRO B 247 5.26 -19.02 23.11
CA PRO B 247 6.15 -19.97 23.80
C PRO B 247 5.32 -21.15 24.29
N CYS B 248 5.70 -22.37 23.91
CA CYS B 248 4.87 -23.55 24.09
C CYS B 248 5.74 -24.62 24.74
N THR B 249 5.34 -25.05 25.94
CA THR B 249 6.04 -26.09 26.68
C THR B 249 5.17 -27.35 26.74
N PRO B 250 5.55 -28.44 26.04
CA PRO B 250 4.77 -29.68 26.04
C PRO B 250 5.02 -30.40 27.36
N CYS B 251 4.09 -31.30 27.70
CA CYS B 251 4.29 -32.28 28.77
C CYS B 251 5.45 -33.19 28.35
N LYS B 252 6.27 -33.60 29.32
CA LYS B 252 7.47 -34.39 28.96
C LYS B 252 7.00 -35.78 28.50
N ASN B 253 7.85 -36.46 27.74
CA ASN B 253 7.59 -37.82 27.23
C ASN B 253 6.49 -37.76 26.16
N ASN B 254 6.27 -36.59 25.54
CA ASN B 254 5.12 -36.40 24.62
C ASN B 254 3.80 -36.92 25.24
N SER B 255 3.74 -36.91 26.57
CA SER B 255 2.57 -37.36 27.27
C SER B 255 1.36 -36.51 26.83
N PRO B 256 0.15 -37.08 26.74
CA PRO B 256 -1.07 -36.29 26.68
C PRO B 256 -1.56 -35.83 28.05
N LEU B 257 -2.55 -34.93 28.07
CA LEU B 257 -3.34 -34.74 29.27
C LEU B 257 -3.93 -36.13 29.63
N GLN B 258 -3.69 -36.60 30.83
CA GLN B 258 -4.23 -37.92 31.25
C GLN B 258 -5.62 -37.74 31.87
N ILE B 259 -6.62 -38.27 31.18
CA ILE B 259 -8.01 -38.21 31.62
C ILE B 259 -8.51 -39.64 31.85
N PRO B 260 -8.77 -40.04 33.11
CA PRO B 260 -9.33 -41.37 33.38
C PRO B 260 -10.66 -41.54 32.65
N VAL B 261 -10.95 -42.78 32.29
CA VAL B 261 -12.05 -43.09 31.37
C VAL B 261 -13.38 -42.68 32.00
N ASN B 262 -13.43 -42.58 33.34
CA ASN B 262 -14.67 -42.28 34.09
C ASN B 262 -14.70 -40.82 34.56
N ALA B 263 -13.77 -39.98 34.09
CA ALA B 263 -13.62 -38.63 34.71
C ALA B 263 -14.86 -37.75 34.52
N PHE B 264 -15.68 -38.03 33.49
CA PHE B 264 -16.78 -37.16 33.07
C PHE B 264 -18.14 -37.70 33.51
N ASP B 265 -18.14 -38.79 34.30
CA ASP B 265 -19.37 -39.58 34.54
C ASP B 265 -20.47 -38.72 35.20
N ALA B 266 -20.09 -37.74 36.02
CA ALA B 266 -21.06 -36.90 36.70
C ALA B 266 -21.71 -35.86 35.77
N LEU B 267 -21.11 -35.62 34.60
CA LEU B 267 -21.40 -34.43 33.78
C LEU B 267 -22.54 -34.72 32.80
N THR B 268 -23.71 -35.02 33.35
CA THR B 268 -24.89 -35.44 32.60
C THR B 268 -25.37 -34.27 31.75
N GLU B 269 -25.01 -33.05 32.17
CA GLU B 269 -25.56 -31.81 31.60
C GLU B 269 -24.63 -31.24 30.52
N LEU B 270 -23.42 -31.78 30.37
CA LEU B 270 -22.39 -31.15 29.55
C LEU B 270 -22.84 -31.02 28.09
N LYS B 271 -22.69 -29.80 27.59
CA LYS B 271 -23.05 -29.39 26.25
C LYS B 271 -21.79 -29.06 25.42
N VAL B 272 -20.76 -28.53 26.08
CA VAL B 272 -19.57 -28.18 25.38
C VAL B 272 -18.38 -28.77 26.12
N LEU B 273 -17.60 -29.56 25.41
CA LEU B 273 -16.35 -30.09 25.88
C LEU B 273 -15.23 -29.68 24.92
N ARG B 274 -14.16 -29.10 25.46
CA ARG B 274 -13.13 -28.53 24.64
C ARG B 274 -11.80 -29.13 25.05
N LEU B 275 -11.21 -29.94 24.16
CA LEU B 275 -9.96 -30.60 24.40
C LEU B 275 -9.02 -30.35 23.23
N HIS B 276 -8.69 -29.06 23.08
CA HIS B 276 -7.83 -28.52 22.01
C HIS B 276 -6.42 -28.48 22.55
N SER B 277 -5.46 -29.01 21.79
CA SER B 277 -4.09 -28.90 22.20
C SER B 277 -3.92 -29.54 23.58
N ASN B 278 -4.20 -30.84 23.63
CA ASN B 278 -4.00 -31.71 24.80
C ASN B 278 -3.13 -32.93 24.44
N SER B 279 -2.53 -32.91 23.24
CA SER B 279 -1.63 -33.94 22.70
C SER B 279 -2.25 -35.34 22.80
N LEU B 280 -3.58 -35.42 22.67
CA LEU B 280 -4.34 -36.65 22.74
C LEU B 280 -4.02 -37.59 21.58
N GLN B 281 -3.79 -38.87 21.91
CA GLN B 281 -3.56 -39.89 20.89
C GLN B 281 -4.75 -40.83 20.74
N HIS B 282 -5.64 -40.88 21.74
CA HIS B 282 -6.82 -41.76 21.73
C HIS B 282 -7.98 -40.97 22.35
N VAL B 283 -9.19 -41.26 21.85
CA VAL B 283 -10.41 -40.78 22.45
C VAL B 283 -11.19 -42.01 22.87
N PRO B 284 -11.02 -42.45 24.13
CA PRO B 284 -11.76 -43.60 24.66
C PRO B 284 -13.27 -43.35 24.67
N PRO B 285 -14.07 -44.22 24.00
CA PRO B 285 -15.53 -44.10 24.01
C PRO B 285 -16.14 -44.03 25.41
N ARG B 286 -15.46 -44.69 26.36
CA ARG B 286 -15.87 -44.72 27.73
C ARG B 286 -16.07 -43.29 28.28
N TRP B 287 -15.36 -42.27 27.75
CA TRP B 287 -15.47 -40.86 28.26
C TRP B 287 -16.93 -40.43 28.22
N PHE B 288 -17.63 -40.78 27.13
CA PHE B 288 -18.97 -40.24 26.85
C PHE B 288 -20.09 -41.23 27.18
N LYS B 289 -19.86 -42.15 28.15
CA LYS B 289 -20.89 -43.12 28.51
C LYS B 289 -22.10 -42.44 29.14
N ASN B 290 -21.93 -41.37 29.93
CA ASN B 290 -23.09 -40.71 30.59
C ASN B 290 -23.41 -39.32 30.03
N ILE B 291 -22.80 -38.94 28.90
CA ILE B 291 -23.07 -37.64 28.32
C ILE B 291 -23.77 -37.85 26.98
N ASN B 292 -25.10 -37.75 26.99
CA ASN B 292 -25.84 -37.94 25.77
C ASN B 292 -26.18 -36.60 25.14
N ASN B 293 -26.02 -35.49 25.87
CA ASN B 293 -26.46 -34.14 25.42
C ASN B 293 -25.31 -33.30 24.87
N LEU B 294 -24.11 -33.86 24.77
CA LEU B 294 -22.97 -33.09 24.29
C LEU B 294 -23.23 -32.65 22.84
N GLN B 295 -22.97 -31.35 22.60
CA GLN B 295 -23.34 -30.64 21.36
C GLN B 295 -22.10 -30.20 20.57
N GLU B 296 -21.11 -29.71 21.30
CA GLU B 296 -19.92 -29.10 20.75
C GLU B 296 -18.70 -29.80 21.33
N LEU B 297 -17.90 -30.40 20.45
CA LEU B 297 -16.68 -31.11 20.82
C LEU B 297 -15.50 -30.62 19.97
N ASP B 298 -14.46 -30.10 20.65
CA ASP B 298 -13.24 -29.61 20.01
C ASP B 298 -12.06 -30.54 20.34
N LEU B 299 -11.54 -31.21 19.30
CA LEU B 299 -10.42 -32.11 19.43
C LEU B 299 -9.29 -31.68 18.49
N SER B 300 -9.28 -30.38 18.14
CA SER B 300 -8.25 -29.80 17.29
C SER B 300 -6.92 -29.76 18.02
N GLN B 301 -5.84 -29.84 17.23
CA GLN B 301 -4.45 -29.71 17.70
C GLN B 301 -4.19 -30.81 18.71
N ASN B 302 -4.39 -32.03 18.25
CA ASN B 302 -3.99 -33.22 18.96
C ASN B 302 -3.14 -34.04 18.00
N PHE B 303 -3.02 -35.34 18.28
CA PHE B 303 -2.35 -36.28 17.43
C PHE B 303 -3.29 -37.45 17.21
N LEU B 304 -4.47 -37.16 16.64
CA LEU B 304 -5.57 -38.14 16.52
C LEU B 304 -5.80 -38.55 15.05
N ALA B 305 -4.76 -38.45 14.23
CA ALA B 305 -4.86 -38.82 12.82
C ALA B 305 -5.35 -40.27 12.71
N LYS B 306 -4.70 -41.20 13.41
CA LYS B 306 -5.07 -42.65 13.35
C LYS B 306 -6.52 -42.79 13.84
N GLU B 307 -6.81 -42.16 14.98
CA GLU B 307 -8.08 -42.25 15.67
C GLU B 307 -9.20 -41.82 14.73
N ILE B 308 -8.92 -40.91 13.81
CA ILE B 308 -9.96 -40.39 12.94
C ILE B 308 -10.52 -41.55 12.12
N GLY B 309 -9.66 -42.54 11.83
CA GLY B 309 -9.97 -43.70 10.97
C GLY B 309 -10.64 -44.85 11.74
N ASP B 310 -10.77 -44.68 13.06
CA ASP B 310 -11.39 -45.64 13.97
C ASP B 310 -12.58 -44.93 14.63
N ALA B 311 -12.31 -44.18 15.71
CA ALA B 311 -13.26 -43.19 16.28
C ALA B 311 -14.57 -43.85 16.74
N LYS B 312 -14.46 -44.94 17.50
CA LYS B 312 -15.64 -45.62 18.00
C LYS B 312 -16.47 -44.62 18.84
N PHE B 313 -15.79 -43.65 19.48
CA PHE B 313 -16.48 -42.74 20.42
C PHE B 313 -17.63 -42.02 19.74
N LEU B 314 -17.61 -41.85 18.41
CA LEU B 314 -18.69 -41.11 17.75
C LEU B 314 -20.05 -41.82 17.95
N HIS B 315 -20.04 -43.14 18.17
CA HIS B 315 -21.28 -43.93 18.31
C HIS B 315 -22.03 -43.44 19.55
N PHE B 316 -21.32 -42.82 20.51
CA PHE B 316 -21.91 -42.29 21.75
C PHE B 316 -22.27 -40.80 21.64
N LEU B 317 -22.28 -40.21 20.42
CA LEU B 317 -22.52 -38.75 20.24
C LEU B 317 -23.65 -38.47 19.25
N PRO B 318 -24.85 -39.04 19.45
CA PRO B 318 -25.95 -38.81 18.50
C PRO B 318 -26.55 -37.39 18.56
N ASN B 319 -26.21 -36.58 19.57
CA ASN B 319 -26.79 -35.24 19.65
C ASN B 319 -25.77 -34.14 19.32
N LEU B 320 -24.60 -34.55 18.82
CA LEU B 320 -23.53 -33.62 18.58
C LEU B 320 -23.90 -32.76 17.37
N ILE B 321 -23.89 -31.44 17.59
CA ILE B 321 -24.09 -30.40 16.58
C ILE B 321 -22.77 -30.13 15.84
N GLN B 322 -21.64 -30.08 16.58
CA GLN B 322 -20.40 -29.46 16.09
C GLN B 322 -19.20 -30.31 16.49
N LEU B 323 -18.37 -30.71 15.52
CA LEU B 323 -17.17 -31.50 15.78
C LEU B 323 -15.98 -30.91 15.03
N ASP B 324 -14.87 -30.71 15.76
CA ASP B 324 -13.61 -30.17 15.23
C ASP B 324 -12.44 -31.15 15.48
N LEU B 325 -11.92 -31.72 14.40
CA LEU B 325 -10.75 -32.60 14.42
C LEU B 325 -9.59 -31.97 13.67
N SER B 326 -9.56 -30.63 13.63
CA SER B 326 -8.58 -29.90 12.84
C SER B 326 -7.21 -30.07 13.46
N PHE B 327 -6.20 -30.13 12.58
CA PHE B 327 -4.81 -30.14 12.93
C PHE B 327 -4.51 -31.32 13.85
N ASN B 328 -4.65 -32.53 13.30
CA ASN B 328 -4.27 -33.77 13.97
C ASN B 328 -3.22 -34.56 13.18
N PHE B 329 -2.64 -33.96 12.14
CA PHE B 329 -1.67 -34.66 11.27
C PHE B 329 -0.41 -35.07 12.03
N GLU B 330 0.14 -36.24 11.69
CA GLU B 330 1.47 -36.62 12.15
C GLU B 330 2.52 -35.81 11.41
N LEU B 331 3.47 -35.26 12.14
CA LEU B 331 4.51 -34.45 11.55
C LEU B 331 5.24 -35.33 10.53
N GLN B 332 5.55 -34.74 9.38
CA GLN B 332 6.32 -35.36 8.25
C GLN B 332 5.60 -36.59 7.67
N VAL B 333 4.27 -36.68 7.81
CA VAL B 333 3.48 -37.61 7.06
C VAL B 333 2.41 -36.87 6.24
N TYR B 334 2.42 -37.21 4.95
CA TYR B 334 1.55 -36.68 3.96
C TYR B 334 0.73 -37.84 3.39
N ARG B 335 -0.41 -38.11 4.03
CA ARG B 335 -1.27 -39.22 3.66
C ARG B 335 -1.74 -39.08 2.21
N ALA B 336 -1.88 -40.22 1.54
CA ALA B 336 -2.43 -40.28 0.18
C ALA B 336 -3.90 -39.86 0.18
N SER B 337 -4.63 -40.16 1.25
CA SER B 337 -6.08 -39.90 1.27
C SER B 337 -6.62 -39.69 2.68
N MET B 338 -7.89 -39.31 2.77
CA MET B 338 -8.55 -39.18 4.05
C MET B 338 -9.34 -40.45 4.40
N ASN B 339 -8.90 -41.11 5.48
CA ASN B 339 -9.53 -42.27 6.11
C ASN B 339 -10.46 -41.71 7.22
N LEU B 340 -11.74 -41.53 6.90
CA LEU B 340 -12.82 -41.27 7.90
C LEU B 340 -13.50 -42.60 8.28
N SER B 341 -13.66 -42.86 9.58
CA SER B 341 -14.30 -44.10 10.04
C SER B 341 -15.78 -44.10 9.69
N GLN B 342 -16.36 -45.30 9.53
CA GLN B 342 -17.81 -45.46 9.28
C GLN B 342 -18.59 -44.77 10.40
N ALA B 343 -17.99 -44.70 11.60
CA ALA B 343 -18.60 -44.18 12.79
C ALA B 343 -19.21 -42.81 12.55
N PHE B 344 -18.62 -42.03 11.64
CA PHE B 344 -19.10 -40.66 11.39
C PHE B 344 -20.60 -40.69 11.06
N SER B 345 -21.10 -41.78 10.44
CA SER B 345 -22.53 -41.93 10.02
C SER B 345 -23.52 -41.84 11.19
N SER B 346 -23.05 -42.13 12.41
CA SER B 346 -23.90 -42.20 13.58
C SER B 346 -24.16 -40.80 14.17
N LEU B 347 -23.65 -39.73 13.54
CA LEU B 347 -23.72 -38.40 14.12
C LEU B 347 -24.97 -37.68 13.60
N LYS B 348 -26.14 -38.28 13.86
CA LYS B 348 -27.43 -37.88 13.27
C LYS B 348 -27.59 -36.36 13.33
N SER B 349 -27.08 -35.70 14.38
CA SER B 349 -27.40 -34.28 14.62
C SER B 349 -26.37 -33.31 13.99
N LEU B 350 -25.25 -33.84 13.50
CA LEU B 350 -24.09 -33.01 13.13
C LEU B 350 -24.47 -31.98 12.07
N LYS B 351 -24.28 -30.71 12.43
CA LYS B 351 -24.43 -29.55 11.55
C LYS B 351 -23.07 -29.09 10.99
N ILE B 352 -22.00 -29.19 11.77
CA ILE B 352 -20.71 -28.55 11.44
C ILE B 352 -19.60 -29.56 11.68
N LEU B 353 -18.88 -29.95 10.62
CA LEU B 353 -17.69 -30.78 10.77
C LEU B 353 -16.48 -30.01 10.22
N ARG B 354 -15.37 -29.97 10.97
CA ARG B 354 -14.14 -29.31 10.58
C ARG B 354 -12.95 -30.25 10.74
N ILE B 355 -12.19 -30.44 9.65
CA ILE B 355 -11.01 -31.26 9.63
C ILE B 355 -9.94 -30.61 8.76
N ARG B 356 -9.56 -29.39 9.17
CA ARG B 356 -8.38 -28.78 8.63
C ARG B 356 -7.20 -29.61 9.13
N GLY B 357 -6.08 -29.57 8.41
CA GLY B 357 -4.81 -30.06 8.90
C GLY B 357 -4.82 -31.55 9.20
N TYR B 358 -5.52 -32.32 8.36
CA TYR B 358 -5.34 -33.76 8.26
C TYR B 358 -4.11 -34.02 7.36
N VAL B 359 -4.00 -33.22 6.29
CA VAL B 359 -2.82 -33.17 5.41
C VAL B 359 -2.74 -34.46 4.60
N PHE B 360 -3.33 -34.41 3.40
CA PHE B 360 -3.43 -35.52 2.47
C PHE B 360 -3.49 -35.04 1.01
N LYS B 361 -3.07 -35.93 0.11
CA LYS B 361 -2.76 -35.59 -1.28
C LYS B 361 -4.01 -35.53 -2.14
N GLU B 362 -4.98 -36.40 -1.92
CA GLU B 362 -6.05 -36.57 -2.88
C GLU B 362 -7.34 -36.87 -2.10
N LEU B 363 -8.39 -36.15 -2.46
CA LEU B 363 -9.71 -36.41 -1.96
C LEU B 363 -10.55 -37.09 -3.05
N LYS B 364 -11.09 -38.26 -2.71
CA LYS B 364 -12.00 -39.02 -3.58
C LYS B 364 -13.40 -39.07 -2.94
N SER B 365 -14.42 -39.20 -3.80
CA SER B 365 -15.83 -39.14 -3.43
C SER B 365 -16.19 -40.10 -2.29
N PHE B 366 -15.72 -41.35 -2.41
CA PHE B 366 -16.18 -42.40 -1.53
C PHE B 366 -15.61 -42.16 -0.11
N GLN B 367 -14.47 -41.46 0.00
CA GLN B 367 -13.80 -41.16 1.30
C GLN B 367 -14.72 -40.33 2.22
N LEU B 368 -15.74 -39.68 1.64
CA LEU B 368 -16.72 -38.81 2.35
C LEU B 368 -18.07 -39.51 2.58
N SER B 369 -18.16 -40.79 2.17
CA SER B 369 -19.45 -41.51 2.17
C SER B 369 -20.00 -41.63 3.60
N PRO B 370 -19.13 -41.81 4.62
CA PRO B 370 -19.60 -41.82 6.00
C PRO B 370 -20.51 -40.64 6.39
N LEU B 371 -20.54 -39.60 5.54
CA LEU B 371 -21.28 -38.36 5.79
C LEU B 371 -22.52 -38.24 4.90
N HIS B 372 -22.71 -39.18 3.94
CA HIS B 372 -23.76 -39.05 2.91
C HIS B 372 -25.12 -38.87 3.56
N ASN B 373 -25.32 -39.52 4.72
CA ASN B 373 -26.63 -39.66 5.28
C ASN B 373 -26.80 -38.76 6.51
N LEU B 374 -25.84 -37.87 6.80
CA LEU B 374 -26.03 -36.85 7.84
C LEU B 374 -26.92 -35.72 7.29
N GLN B 375 -28.21 -35.81 7.62
CA GLN B 375 -29.26 -34.94 7.06
C GLN B 375 -28.99 -33.48 7.43
N ASN B 376 -28.41 -33.24 8.62
CA ASN B 376 -28.40 -31.87 9.15
C ASN B 376 -27.06 -31.17 8.88
N LEU B 377 -26.20 -31.78 8.08
CA LEU B 377 -24.87 -31.25 7.88
C LEU B 377 -24.95 -29.95 7.07
N GLU B 378 -24.42 -28.86 7.63
CA GLU B 378 -24.49 -27.54 7.02
C GLU B 378 -23.10 -27.08 6.56
N VAL B 379 -22.03 -27.44 7.29
CA VAL B 379 -20.67 -26.97 7.00
C VAL B 379 -19.72 -28.16 6.97
N LEU B 380 -18.91 -28.21 5.91
CA LEU B 380 -17.84 -29.16 5.83
C LEU B 380 -16.57 -28.41 5.49
N ASP B 381 -15.60 -28.43 6.41
CA ASP B 381 -14.38 -27.65 6.33
C ASP B 381 -13.17 -28.57 6.17
N LEU B 382 -12.57 -28.60 4.98
CA LEU B 382 -11.40 -29.39 4.71
C LEU B 382 -10.25 -28.48 4.28
N GLY B 383 -10.25 -27.26 4.85
CA GLY B 383 -9.19 -26.28 4.60
C GLY B 383 -7.83 -26.72 5.14
N THR B 384 -6.77 -26.10 4.62
CA THR B 384 -5.37 -26.27 5.05
C THR B 384 -5.09 -27.76 5.17
N ASN B 385 -5.26 -28.48 4.05
CA ASN B 385 -4.95 -29.90 3.95
C ASN B 385 -3.93 -30.21 2.84
N PHE B 386 -3.52 -29.22 2.04
CA PHE B 386 -2.54 -29.44 0.95
C PHE B 386 -3.03 -30.54 -0.01
N ILE B 387 -4.34 -30.53 -0.27
CA ILE B 387 -4.98 -31.42 -1.19
C ILE B 387 -4.52 -31.05 -2.60
N LYS B 388 -3.94 -32.01 -3.33
CA LYS B 388 -3.46 -31.80 -4.71
C LYS B 388 -4.58 -32.03 -5.72
N ILE B 389 -5.49 -32.97 -5.43
CA ILE B 389 -6.47 -33.47 -6.41
C ILE B 389 -7.84 -33.63 -5.74
N ALA B 390 -8.86 -33.09 -6.42
CA ALA B 390 -10.23 -33.23 -5.95
C ALA B 390 -11.20 -33.00 -7.09
N ASN B 391 -11.97 -34.03 -7.43
CA ASN B 391 -13.03 -33.89 -8.37
C ASN B 391 -14.19 -33.17 -7.67
N LEU B 392 -14.39 -31.90 -8.02
CA LEU B 392 -15.38 -31.05 -7.38
C LEU B 392 -16.79 -31.65 -7.57
N SER B 393 -16.96 -32.48 -8.59
CA SER B 393 -18.29 -33.00 -8.93
C SER B 393 -18.86 -33.84 -7.76
N MET B 394 -17.96 -34.43 -6.96
CA MET B 394 -18.33 -35.22 -5.78
C MET B 394 -19.30 -34.44 -4.87
N PHE B 395 -19.26 -33.10 -4.90
CA PHE B 395 -20.04 -32.33 -3.97
C PHE B 395 -21.51 -32.29 -4.40
N LYS B 396 -21.79 -32.83 -5.60
CA LYS B 396 -23.22 -32.99 -6.07
C LYS B 396 -24.05 -33.75 -5.02
N GLN B 397 -23.40 -34.61 -4.22
CA GLN B 397 -24.06 -35.38 -3.18
C GLN B 397 -24.21 -34.55 -1.89
N PHE B 398 -24.01 -33.23 -1.98
CA PHE B 398 -23.93 -32.40 -0.78
C PHE B 398 -24.66 -31.07 -0.99
N LYS B 399 -25.73 -31.10 -1.81
CA LYS B 399 -26.54 -29.92 -2.10
C LYS B 399 -27.02 -29.26 -0.80
N ARG B 400 -27.19 -30.05 0.28
CA ARG B 400 -27.91 -29.60 1.47
C ARG B 400 -27.02 -28.67 2.30
N LEU B 401 -25.70 -28.82 2.13
CA LEU B 401 -24.70 -28.03 2.86
C LEU B 401 -24.76 -26.57 2.40
N LYS B 402 -24.62 -25.67 3.40
CA LYS B 402 -24.54 -24.23 3.22
C LYS B 402 -23.14 -23.77 2.80
N VAL B 403 -22.08 -24.44 3.30
CA VAL B 403 -20.68 -24.15 3.01
C VAL B 403 -19.85 -25.44 2.88
N ILE B 404 -19.18 -25.57 1.74
CA ILE B 404 -18.11 -26.50 1.52
C ILE B 404 -16.82 -25.70 1.36
N ASP B 405 -15.87 -25.89 2.29
CA ASP B 405 -14.72 -25.03 2.44
C ASP B 405 -13.45 -25.83 2.10
N LEU B 406 -12.86 -25.58 0.93
CA LEU B 406 -11.62 -26.23 0.53
C LEU B 406 -10.48 -25.18 0.44
N SER B 407 -10.58 -24.15 1.29
CA SER B 407 -9.65 -23.01 1.29
C SER B 407 -8.25 -23.42 1.77
N VAL B 408 -7.22 -22.87 1.14
CA VAL B 408 -5.80 -23.13 1.50
C VAL B 408 -5.48 -24.59 1.22
N ASN B 409 -5.48 -24.94 -0.06
CA ASN B 409 -5.12 -26.25 -0.48
C ASN B 409 -4.19 -26.09 -1.69
N LYS B 410 -3.98 -27.19 -2.44
CA LYS B 410 -3.04 -27.28 -3.53
C LYS B 410 -3.73 -27.84 -4.77
N ILE B 411 -5.03 -27.64 -4.86
CA ILE B 411 -5.78 -28.15 -5.95
C ILE B 411 -5.35 -27.41 -7.22
N SER B 412 -5.14 -28.19 -8.27
CA SER B 412 -5.25 -27.75 -9.69
C SER B 412 -5.80 -28.91 -10.52
N PRO B 413 -6.43 -28.68 -11.70
CA PRO B 413 -6.37 -29.66 -12.79
C PRO B 413 -4.92 -29.76 -13.29
N GLN B 436 -21.00 -19.33 10.13
CA GLN B 436 -20.05 -18.39 10.78
C GLN B 436 -18.67 -18.52 10.13
N VAL B 437 -17.90 -17.40 10.17
CA VAL B 437 -16.48 -17.29 9.61
C VAL B 437 -15.45 -17.32 10.77
N LEU B 438 -14.31 -18.00 10.56
CA LEU B 438 -13.25 -18.14 11.60
C LEU B 438 -12.13 -17.11 11.36
N GLU B 439 -11.59 -16.55 12.46
CA GLU B 439 -10.51 -15.53 12.44
C GLU B 439 -9.31 -16.08 11.62
N GLN B 440 -8.47 -15.15 11.14
CA GLN B 440 -7.32 -15.42 10.26
C GLN B 440 -6.38 -16.39 10.99
N LEU B 441 -6.17 -16.09 12.28
CA LEU B 441 -5.46 -16.90 13.26
C LEU B 441 -6.53 -17.47 14.21
N TYR B 442 -6.63 -18.81 14.29
CA TYR B 442 -7.74 -19.48 14.97
C TYR B 442 -7.26 -20.76 15.66
N TYR B 443 -6.85 -21.75 14.87
CA TYR B 443 -6.33 -22.99 15.42
C TYR B 443 -4.98 -22.75 16.12
N PHE B 444 -4.28 -21.67 15.77
CA PHE B 444 -2.97 -21.43 16.36
C PHE B 444 -2.93 -20.17 17.25
N ARG B 445 -4.06 -19.49 17.52
CA ARG B 445 -4.07 -18.48 18.60
C ARG B 445 -3.84 -19.18 19.95
N TYR B 446 -3.18 -18.47 20.87
CA TYR B 446 -3.06 -18.88 22.28
C TYR B 446 -4.45 -19.00 22.90
N ASP B 447 -5.20 -17.91 22.83
CA ASP B 447 -6.46 -17.82 23.56
C ASP B 447 -7.43 -17.02 22.71
N LYS B 448 -8.27 -17.73 21.96
CA LYS B 448 -9.08 -17.06 20.96
C LYS B 448 -10.27 -16.34 21.60
N TYR B 449 -10.49 -16.55 22.91
CA TYR B 449 -11.66 -16.02 23.60
C TYR B 449 -11.24 -14.83 24.46
N ALA B 450 -9.95 -14.48 24.44
CA ALA B 450 -9.42 -13.47 25.36
C ALA B 450 -10.06 -12.08 25.10
N ARG B 451 -10.41 -11.39 26.19
CA ARG B 451 -11.10 -10.09 26.19
C ARG B 451 -10.08 -8.98 25.88
N SER B 452 -10.51 -7.99 25.09
CA SER B 452 -9.80 -6.73 24.91
C SER B 452 -10.21 -5.76 26.03
N CYS B 453 -9.36 -4.75 26.28
CA CYS B 453 -9.65 -3.66 27.23
C CYS B 453 -10.93 -2.89 26.81
N ARG B 454 -11.14 -2.65 25.52
N ARG B 454 -11.05 -2.68 25.49
CA ARG B 454 -12.45 -2.06 25.04
CA ARG B 454 -12.05 -1.84 24.79
C ARG B 454 -13.52 -3.17 24.98
C ARG B 454 -13.24 -2.69 24.30
N SER B 468 -18.58 -11.21 2.54
CA SER B 468 -18.88 -12.65 2.81
C SER B 468 -20.16 -13.07 2.05
N CYS B 469 -20.11 -14.22 1.36
CA CYS B 469 -21.16 -14.64 0.42
C CYS B 469 -21.99 -15.83 0.94
N TYR B 470 -21.78 -16.24 2.20
CA TYR B 470 -22.50 -17.36 2.75
C TYR B 470 -24.02 -17.08 2.64
N LYS B 471 -24.44 -15.82 2.79
CA LYS B 471 -25.86 -15.49 2.87
C LYS B 471 -26.57 -15.69 1.52
N TYR B 472 -25.82 -15.90 0.44
CA TYR B 472 -26.42 -16.04 -0.89
C TYR B 472 -26.93 -17.48 -1.11
N GLY B 473 -26.49 -18.43 -0.28
CA GLY B 473 -26.88 -19.86 -0.40
C GLY B 473 -25.67 -20.77 -0.37
N GLN B 474 -25.75 -21.89 -1.08
CA GLN B 474 -24.69 -22.89 -1.07
C GLN B 474 -23.41 -22.27 -1.62
N THR B 475 -22.33 -22.46 -0.88
CA THR B 475 -21.06 -21.82 -1.12
C THR B 475 -19.95 -22.87 -1.24
N LEU B 476 -19.19 -22.81 -2.32
CA LEU B 476 -18.02 -23.65 -2.46
C LEU B 476 -16.80 -22.73 -2.46
N ASP B 477 -16.00 -22.85 -1.39
CA ASP B 477 -14.87 -22.00 -1.17
C ASP B 477 -13.63 -22.73 -1.69
N LEU B 478 -13.10 -22.27 -2.83
CA LEU B 478 -11.90 -22.84 -3.44
C LEU B 478 -10.77 -21.81 -3.36
N SER B 479 -10.93 -20.83 -2.46
CA SER B 479 -10.00 -19.76 -2.31
C SER B 479 -8.65 -20.34 -1.89
N LYS B 480 -7.59 -19.69 -2.37
CA LYS B 480 -6.22 -20.01 -2.05
C LYS B 480 -5.99 -21.49 -2.40
N ASN B 481 -6.08 -21.77 -3.69
CA ASN B 481 -5.58 -23.01 -4.25
C ASN B 481 -4.58 -22.66 -5.35
N SER B 482 -4.32 -23.59 -6.26
CA SER B 482 -3.32 -23.44 -7.32
C SER B 482 -3.98 -23.65 -8.69
N ILE B 483 -5.26 -23.28 -8.80
CA ILE B 483 -6.00 -23.39 -10.06
C ILE B 483 -5.45 -22.37 -11.05
N PHE B 484 -4.75 -22.80 -12.12
CA PHE B 484 -4.23 -21.94 -13.22
C PHE B 484 -5.23 -21.82 -14.38
N PHE B 485 -6.04 -22.87 -14.61
CA PHE B 485 -6.91 -22.94 -15.78
C PHE B 485 -8.21 -23.63 -15.40
N ILE B 486 -9.34 -23.07 -15.85
CA ILE B 486 -10.65 -23.65 -15.58
C ILE B 486 -11.40 -23.91 -16.90
N LYS B 487 -12.26 -24.94 -16.85
CA LYS B 487 -13.15 -25.27 -17.95
C LYS B 487 -14.47 -25.75 -17.33
N SER B 488 -15.49 -25.87 -18.18
CA SER B 488 -16.87 -26.10 -17.74
C SER B 488 -17.01 -27.43 -16.97
N SER B 489 -16.30 -28.47 -17.42
CA SER B 489 -16.40 -29.81 -16.83
C SER B 489 -15.88 -29.82 -15.38
N ASP B 490 -15.06 -28.83 -15.01
CA ASP B 490 -14.56 -28.70 -13.63
C ASP B 490 -15.76 -28.54 -12.68
N PHE B 491 -16.87 -27.97 -13.19
CA PHE B 491 -18.07 -27.62 -12.40
C PHE B 491 -19.28 -28.52 -12.74
N GLN B 492 -19.03 -29.64 -13.42
CA GLN B 492 -20.10 -30.56 -13.84
C GLN B 492 -20.85 -31.02 -12.58
N HIS B 493 -22.17 -30.88 -12.62
CA HIS B 493 -23.08 -31.37 -11.60
C HIS B 493 -23.17 -30.43 -10.40
N LEU B 494 -22.65 -29.19 -10.50
CA LEU B 494 -22.67 -28.25 -9.36
C LEU B 494 -23.61 -27.06 -9.62
N SER B 495 -24.69 -27.29 -10.36
CA SER B 495 -25.54 -26.23 -10.87
C SER B 495 -26.29 -25.54 -9.74
N PHE B 496 -26.40 -26.21 -8.60
CA PHE B 496 -27.10 -25.71 -7.43
C PHE B 496 -26.35 -24.57 -6.74
N LEU B 497 -25.04 -24.38 -6.99
CA LEU B 497 -24.20 -23.37 -6.22
C LEU B 497 -24.74 -21.95 -6.40
N LYS B 498 -24.71 -21.21 -5.29
CA LYS B 498 -25.05 -19.82 -5.24
C LYS B 498 -23.79 -18.95 -5.11
N CYS B 499 -22.75 -19.43 -4.42
CA CYS B 499 -21.51 -18.66 -4.28
C CYS B 499 -20.33 -19.57 -4.60
N LEU B 500 -19.45 -19.08 -5.47
CA LEU B 500 -18.15 -19.73 -5.70
C LEU B 500 -17.05 -18.72 -5.39
N ASN B 501 -16.11 -19.14 -4.54
CA ASN B 501 -14.98 -18.36 -4.18
C ASN B 501 -13.73 -18.95 -4.84
N LEU B 502 -13.19 -18.23 -5.83
CA LEU B 502 -11.93 -18.60 -6.48
C LEU B 502 -10.80 -17.63 -6.08
N SER B 503 -11.02 -16.81 -5.07
CA SER B 503 -10.08 -15.80 -4.67
C SER B 503 -8.74 -16.48 -4.41
N GLY B 504 -7.68 -15.80 -4.85
CA GLY B 504 -6.31 -16.21 -4.54
C GLY B 504 -5.91 -17.51 -5.23
N ASN B 505 -6.19 -17.61 -6.53
CA ASN B 505 -5.72 -18.68 -7.38
C ASN B 505 -4.80 -18.05 -8.43
N LEU B 506 -4.56 -18.75 -9.54
CA LEU B 506 -3.50 -18.41 -10.48
C LEU B 506 -4.09 -18.25 -11.88
N ILE B 507 -5.35 -17.82 -11.90
CA ILE B 507 -6.14 -17.88 -13.09
C ILE B 507 -5.74 -16.70 -13.99
N SER B 508 -5.16 -17.05 -15.15
CA SER B 508 -4.44 -16.16 -16.00
C SER B 508 -5.00 -16.20 -17.42
N GLN B 509 -6.30 -16.49 -17.51
CA GLN B 509 -6.96 -17.06 -18.68
C GLN B 509 -7.81 -15.96 -19.33
N THR B 510 -7.89 -16.00 -20.66
CA THR B 510 -8.74 -15.08 -21.41
C THR B 510 -10.18 -15.61 -21.36
N LEU B 511 -10.81 -15.55 -20.18
CA LEU B 511 -12.20 -15.99 -20.01
C LEU B 511 -13.02 -15.46 -21.18
N ASN B 512 -13.82 -16.34 -21.78
CA ASN B 512 -14.56 -15.97 -22.97
C ASN B 512 -16.03 -16.34 -22.85
N GLY B 513 -16.46 -16.74 -21.65
CA GLY B 513 -17.86 -16.99 -21.36
C GLY B 513 -18.27 -18.45 -21.50
N SER B 514 -17.29 -19.34 -21.73
CA SER B 514 -17.53 -20.76 -21.87
C SER B 514 -17.15 -21.56 -20.60
N GLU B 515 -16.61 -20.92 -19.56
CA GLU B 515 -15.81 -21.66 -18.54
C GLU B 515 -16.66 -22.10 -17.34
N PHE B 516 -17.76 -21.39 -17.09
CA PHE B 516 -18.59 -21.64 -15.92
C PHE B 516 -19.97 -22.14 -16.33
N GLN B 517 -20.07 -22.79 -17.49
CA GLN B 517 -21.35 -23.03 -18.18
C GLN B 517 -22.35 -23.61 -17.18
N PRO B 518 -21.97 -24.63 -16.36
CA PRO B 518 -22.91 -25.31 -15.50
C PRO B 518 -23.48 -24.55 -14.30
N LEU B 519 -22.91 -23.38 -14.00
CA LEU B 519 -23.19 -22.71 -12.73
C LEU B 519 -24.36 -21.76 -12.94
N ALA B 520 -25.52 -22.35 -13.26
CA ALA B 520 -26.70 -21.64 -13.71
C ALA B 520 -27.37 -20.90 -12.54
N GLU B 521 -27.08 -21.29 -11.29
CA GLU B 521 -27.75 -20.63 -10.13
C GLU B 521 -26.84 -19.57 -9.48
N LEU B 522 -25.58 -19.48 -9.92
CA LEU B 522 -24.56 -18.74 -9.17
C LEU B 522 -24.94 -17.27 -9.04
N ARG B 523 -25.02 -16.78 -7.79
CA ARG B 523 -25.37 -15.40 -7.50
C ARG B 523 -24.09 -14.56 -7.24
N TYR B 524 -23.01 -15.20 -6.75
CA TYR B 524 -21.83 -14.51 -6.25
C TYR B 524 -20.59 -15.26 -6.74
N LEU B 525 -19.67 -14.51 -7.35
CA LEU B 525 -18.39 -15.03 -7.75
C LEU B 525 -17.29 -14.09 -7.25
N ASP B 526 -16.40 -14.64 -6.44
CA ASP B 526 -15.25 -13.98 -5.96
C ASP B 526 -14.08 -14.52 -6.77
N PHE B 527 -13.62 -13.68 -7.70
CA PHE B 527 -12.54 -13.96 -8.60
C PHE B 527 -11.36 -13.02 -8.26
N SER B 528 -11.31 -12.52 -7.02
CA SER B 528 -10.32 -11.57 -6.60
C SER B 528 -8.98 -12.30 -6.43
N ASN B 529 -7.87 -11.58 -6.57
CA ASN B 529 -6.50 -12.11 -6.38
C ASN B 529 -6.27 -13.25 -7.38
N ASN B 530 -6.57 -12.98 -8.65
CA ASN B 530 -6.24 -13.88 -9.74
C ASN B 530 -5.46 -13.05 -10.74
N ARG B 531 -5.45 -13.49 -12.00
CA ARG B 531 -4.86 -12.69 -13.05
C ARG B 531 -5.79 -12.61 -14.27
N LEU B 532 -6.99 -12.10 -14.07
CA LEU B 532 -7.90 -11.94 -15.17
C LEU B 532 -7.20 -11.26 -16.37
N ASP B 533 -7.39 -11.87 -17.53
CA ASP B 533 -7.05 -11.27 -18.80
C ASP B 533 -8.37 -10.96 -19.51
N LEU B 534 -8.84 -9.72 -19.39
CA LEU B 534 -10.08 -9.27 -19.98
C LEU B 534 -9.90 -8.96 -21.47
N LEU B 535 -9.42 -9.93 -22.25
CA LEU B 535 -9.35 -9.77 -23.71
C LEU B 535 -10.76 -9.75 -24.29
N HIS B 536 -11.61 -10.64 -23.77
CA HIS B 536 -12.91 -10.89 -24.31
C HIS B 536 -14.00 -10.19 -23.50
N SER B 537 -14.87 -9.44 -24.19
CA SER B 537 -16.04 -8.78 -23.58
C SER B 537 -17.19 -9.75 -23.30
N THR B 538 -17.01 -11.04 -23.60
CA THR B 538 -17.97 -12.07 -23.25
C THR B 538 -17.58 -12.77 -21.96
N ALA B 539 -16.55 -12.27 -21.25
CA ALA B 539 -16.12 -12.92 -20.03
C ALA B 539 -17.32 -12.96 -19.06
N PHE B 540 -17.48 -14.09 -18.38
CA PHE B 540 -18.47 -14.25 -17.33
C PHE B 540 -19.93 -14.26 -17.84
N GLU B 541 -20.19 -14.07 -19.15
CA GLU B 541 -21.59 -13.83 -19.58
C GLU B 541 -22.49 -15.07 -19.36
N GLU B 542 -21.90 -16.26 -19.18
CA GLU B 542 -22.67 -17.51 -18.96
C GLU B 542 -23.26 -17.55 -17.56
N LEU B 543 -22.77 -16.72 -16.64
CA LEU B 543 -23.30 -16.71 -15.30
C LEU B 543 -24.54 -15.81 -15.25
N ARG B 544 -25.62 -16.31 -15.87
CA ARG B 544 -26.82 -15.53 -16.17
C ARG B 544 -27.58 -15.10 -14.90
N LYS B 545 -27.26 -15.65 -13.71
CA LYS B 545 -27.95 -15.22 -12.49
C LYS B 545 -27.02 -14.44 -11.55
N LEU B 546 -25.85 -14.03 -12.05
CA LEU B 546 -24.81 -13.41 -11.22
C LEU B 546 -25.21 -12.01 -10.77
N GLU B 547 -25.31 -11.82 -9.45
CA GLU B 547 -25.67 -10.53 -8.85
C GLU B 547 -24.41 -9.75 -8.42
N VAL B 548 -23.34 -10.47 -8.04
CA VAL B 548 -22.14 -9.83 -7.52
C VAL B 548 -20.91 -10.52 -8.13
N LEU B 549 -20.02 -9.71 -8.69
CA LEU B 549 -18.72 -10.16 -9.26
C LEU B 549 -17.59 -9.33 -8.64
N ASP B 550 -16.64 -10.02 -8.01
CA ASP B 550 -15.46 -9.37 -7.52
C ASP B 550 -14.27 -9.77 -8.37
N ILE B 551 -13.73 -8.80 -9.11
CA ILE B 551 -12.52 -9.04 -9.88
C ILE B 551 -11.41 -8.09 -9.42
N SER B 552 -11.54 -7.63 -8.17
CA SER B 552 -10.48 -6.85 -7.50
C SER B 552 -9.16 -7.64 -7.45
N SER B 553 -8.07 -6.87 -7.45
CA SER B 553 -6.73 -7.37 -7.26
C SER B 553 -6.42 -8.41 -8.34
N ASN B 554 -6.79 -8.06 -9.59
CA ASN B 554 -6.42 -8.77 -10.78
C ASN B 554 -5.58 -7.85 -11.68
N SER B 555 -4.59 -7.17 -11.09
CA SER B 555 -3.90 -6.06 -11.77
C SER B 555 -2.87 -6.54 -12.80
N HIS B 556 -2.53 -7.82 -12.79
CA HIS B 556 -1.34 -8.28 -13.47
C HIS B 556 -1.27 -7.76 -14.93
N TYR B 557 -2.21 -8.21 -15.76
CA TYR B 557 -2.17 -7.90 -17.18
C TYR B 557 -2.51 -6.42 -17.45
N PHE B 558 -3.04 -5.70 -16.45
CA PHE B 558 -3.31 -4.29 -16.61
C PHE B 558 -2.02 -3.46 -16.52
N GLN B 559 -0.88 -4.07 -16.15
CA GLN B 559 0.36 -3.35 -15.88
C GLN B 559 1.28 -3.32 -17.10
N SER B 560 0.97 -4.01 -18.20
CA SER B 560 1.89 -4.07 -19.35
C SER B 560 1.23 -3.41 -20.56
N GLU B 561 1.82 -2.36 -21.11
CA GLU B 561 1.27 -1.66 -22.29
C GLU B 561 0.99 -2.64 -23.46
N GLY B 562 0.02 -2.25 -24.27
CA GLY B 562 -0.26 -2.89 -25.53
C GLY B 562 -1.16 -4.10 -25.42
N ILE B 563 -1.67 -4.38 -24.21
CA ILE B 563 -2.59 -5.50 -24.00
C ILE B 563 -4.03 -4.99 -24.09
N THR B 564 -4.87 -5.75 -24.82
CA THR B 564 -6.25 -5.37 -25.10
C THR B 564 -7.12 -5.77 -23.90
N HIS B 565 -7.87 -4.81 -23.37
CA HIS B 565 -8.80 -5.02 -22.26
C HIS B 565 -10.18 -4.46 -22.62
N MET B 566 -11.21 -5.29 -22.45
CA MET B 566 -12.53 -4.86 -22.74
C MET B 566 -13.28 -4.62 -21.43
N LEU B 567 -13.23 -3.40 -20.90
CA LEU B 567 -14.04 -3.06 -19.72
C LEU B 567 -15.53 -3.05 -20.08
N ASN B 568 -15.90 -3.20 -21.36
CA ASN B 568 -17.34 -3.15 -21.78
C ASN B 568 -18.02 -4.50 -21.54
N PHE B 569 -17.31 -5.47 -20.97
CA PHE B 569 -17.83 -6.82 -20.67
C PHE B 569 -19.11 -6.81 -19.80
N THR B 570 -19.46 -5.67 -19.20
CA THR B 570 -20.60 -5.59 -18.30
C THR B 570 -21.93 -5.75 -19.04
N LYS B 571 -21.97 -5.32 -20.31
CA LYS B 571 -23.20 -5.33 -21.10
C LYS B 571 -23.88 -6.71 -21.05
N ASN B 572 -23.08 -7.78 -21.05
CA ASN B 572 -23.62 -9.14 -21.21
C ASN B 572 -24.20 -9.69 -19.89
N LEU B 573 -24.18 -8.92 -18.78
CA LEU B 573 -24.48 -9.44 -17.45
C LEU B 573 -25.74 -8.78 -16.90
N LYS B 574 -26.85 -9.48 -17.12
CA LYS B 574 -28.13 -8.87 -17.19
C LYS B 574 -28.69 -8.62 -15.79
N VAL B 575 -28.19 -9.32 -14.76
CA VAL B 575 -28.78 -9.14 -13.43
C VAL B 575 -27.71 -8.69 -12.42
N LEU B 576 -26.54 -8.25 -12.91
CA LEU B 576 -25.43 -7.88 -12.05
C LEU B 576 -25.80 -6.63 -11.27
N GLN B 577 -25.70 -6.70 -9.93
CA GLN B 577 -26.03 -5.58 -9.05
C GLN B 577 -24.75 -4.83 -8.67
N LYS B 578 -23.66 -5.57 -8.43
CA LYS B 578 -22.46 -5.04 -7.81
C LYS B 578 -21.22 -5.65 -8.47
N LEU B 579 -20.31 -4.77 -8.87
CA LEU B 579 -19.05 -5.12 -9.51
C LEU B 579 -17.93 -4.48 -8.70
N MET B 580 -17.01 -5.31 -8.25
CA MET B 580 -15.85 -4.81 -7.59
C MET B 580 -14.65 -5.03 -8.50
N MET B 581 -13.99 -3.93 -8.90
CA MET B 581 -12.76 -4.06 -9.62
C MET B 581 -11.69 -3.09 -9.08
N ASN B 582 -11.42 -3.29 -7.78
CA ASN B 582 -10.48 -2.53 -7.02
C ASN B 582 -9.06 -3.06 -7.25
N ASP B 583 -8.07 -2.14 -7.18
CA ASP B 583 -6.67 -2.47 -7.05
C ASP B 583 -6.23 -3.24 -8.31
N ASN B 584 -6.77 -2.82 -9.46
CA ASN B 584 -6.47 -3.43 -10.75
C ASN B 584 -5.49 -2.58 -11.55
N ASP B 585 -5.22 -1.36 -11.09
CA ASP B 585 -4.15 -0.55 -11.66
C ASP B 585 -4.50 -0.25 -13.14
N ILE B 586 -5.79 -0.09 -13.42
CA ILE B 586 -6.28 0.04 -14.76
C ILE B 586 -5.98 1.46 -15.24
N SER B 587 -5.23 1.54 -16.34
CA SER B 587 -4.79 2.79 -16.89
C SER B 587 -5.09 2.87 -18.39
N SER B 588 -5.73 1.83 -18.94
CA SER B 588 -6.00 1.74 -20.34
C SER B 588 -7.20 0.81 -20.59
N SER B 589 -7.92 1.02 -21.69
CA SER B 589 -9.06 0.20 -22.05
C SER B 589 -9.34 0.35 -23.54
N THR B 590 -9.57 -0.77 -24.22
CA THR B 590 -9.78 -0.75 -25.65
C THR B 590 -11.13 -0.08 -25.93
N SER B 591 -12.14 -0.49 -25.17
CA SER B 591 -13.49 0.08 -25.14
C SER B 591 -13.55 1.36 -24.31
N ARG B 592 -14.48 2.25 -24.65
CA ARG B 592 -14.51 3.63 -24.17
C ARG B 592 -15.64 3.85 -23.15
N THR B 593 -16.56 2.88 -23.06
CA THR B 593 -17.74 2.95 -22.22
C THR B 593 -18.04 1.60 -21.57
N MET B 594 -18.46 1.63 -20.30
CA MET B 594 -19.04 0.45 -19.64
C MET B 594 -20.56 0.62 -19.66
N GLU B 595 -21.28 -0.48 -19.88
CA GLU B 595 -22.74 -0.52 -20.11
C GLU B 595 -23.40 -1.53 -19.15
N SER B 596 -24.49 -1.11 -18.50
CA SER B 596 -25.34 -2.05 -17.77
C SER B 596 -26.71 -1.43 -17.54
N GLU B 597 -27.73 -2.28 -17.64
CA GLU B 597 -29.11 -1.92 -17.30
C GLU B 597 -29.38 -2.22 -15.82
N SER B 598 -28.50 -3.03 -15.19
CA SER B 598 -28.75 -3.63 -13.90
C SER B 598 -27.84 -3.08 -12.80
N LEU B 599 -26.59 -2.74 -13.15
CA LEU B 599 -25.56 -2.48 -12.15
C LEU B 599 -25.94 -1.28 -11.26
N ARG B 600 -25.92 -1.51 -9.94
CA ARG B 600 -26.30 -0.53 -8.91
C ARG B 600 -25.05 0.03 -8.24
N THR B 601 -24.00 -0.79 -8.09
CA THR B 601 -22.76 -0.43 -7.36
C THR B 601 -21.50 -0.87 -8.11
N LEU B 602 -20.57 0.06 -8.26
CA LEU B 602 -19.30 -0.16 -8.88
C LEU B 602 -18.20 0.34 -7.96
N GLU B 603 -17.33 -0.56 -7.49
CA GLU B 603 -16.11 -0.22 -6.80
C GLU B 603 -14.94 -0.25 -7.82
N PHE B 604 -14.31 0.92 -8.05
CA PHE B 604 -13.22 1.12 -9.00
C PHE B 604 -12.01 1.82 -8.35
N ARG B 605 -11.78 1.48 -7.08
CA ARG B 605 -10.75 2.06 -6.22
C ARG B 605 -9.39 1.53 -6.69
N GLY B 606 -8.31 2.32 -6.59
CA GLY B 606 -6.99 1.77 -6.77
C GLY B 606 -6.71 1.44 -8.22
N ASN B 607 -7.07 2.36 -9.12
CA ASN B 607 -6.92 2.26 -10.56
C ASN B 607 -6.28 3.57 -11.04
N HIS B 608 -6.22 3.82 -12.35
CA HIS B 608 -5.53 5.01 -12.85
C HIS B 608 -6.44 5.85 -13.76
N LEU B 609 -7.58 6.28 -13.23
CA LEU B 609 -8.42 7.19 -13.95
C LEU B 609 -7.65 8.49 -14.26
N ASP B 610 -6.62 8.83 -13.48
CA ASP B 610 -5.82 10.04 -13.79
C ASP B 610 -5.20 9.92 -15.18
N VAL B 611 -4.77 8.70 -15.54
CA VAL B 611 -4.21 8.40 -16.83
C VAL B 611 -5.31 8.37 -17.88
N LEU B 612 -6.40 7.62 -17.66
CA LEU B 612 -7.52 7.56 -18.66
C LEU B 612 -8.07 8.94 -19.00
N TRP B 613 -8.19 9.79 -17.97
CA TRP B 613 -8.77 11.11 -18.08
C TRP B 613 -7.70 12.20 -18.27
N ARG B 614 -6.52 11.84 -18.79
CA ARG B 614 -5.42 12.78 -19.02
C ARG B 614 -5.99 14.07 -19.65
N ASP B 615 -5.64 15.23 -19.11
CA ASP B 615 -6.18 16.50 -19.62
C ASP B 615 -5.80 16.66 -21.10
N GLY B 616 -6.82 16.86 -21.93
CA GLY B 616 -6.66 16.86 -23.38
C GLY B 616 -7.31 15.66 -24.06
N ASP B 617 -7.56 14.58 -23.30
CA ASP B 617 -8.12 13.34 -23.83
C ASP B 617 -9.54 13.16 -23.30
N ASN B 618 -10.51 13.40 -24.19
CA ASN B 618 -11.93 13.37 -23.92
C ASN B 618 -12.51 11.95 -23.99
N ARG B 619 -11.74 10.96 -24.47
CA ARG B 619 -12.31 9.70 -24.94
C ARG B 619 -12.93 8.87 -23.81
N TYR B 620 -12.46 8.99 -22.57
CA TYR B 620 -12.98 8.10 -21.51
C TYR B 620 -13.88 8.85 -20.53
N LEU B 621 -14.22 10.11 -20.84
CA LEU B 621 -14.97 10.91 -19.91
C LEU B 621 -16.41 10.38 -19.72
N GLN B 622 -16.82 9.37 -20.50
CA GLN B 622 -18.17 8.82 -20.38
C GLN B 622 -18.10 7.30 -20.08
N LEU B 623 -17.04 6.89 -19.39
CA LEU B 623 -16.79 5.48 -19.09
C LEU B 623 -17.94 4.87 -18.26
N PHE B 624 -18.44 5.59 -17.26
CA PHE B 624 -19.47 5.06 -16.38
C PHE B 624 -20.88 5.58 -16.76
N LYS B 625 -21.00 6.44 -17.78
CA LYS B 625 -22.26 7.15 -18.11
C LYS B 625 -23.42 6.19 -18.44
N ASN B 626 -23.12 5.05 -19.07
CA ASN B 626 -24.12 4.15 -19.61
C ASN B 626 -24.42 3.01 -18.60
N LEU B 627 -24.06 3.23 -17.33
CA LEU B 627 -24.46 2.38 -16.20
C LEU B 627 -25.69 3.04 -15.56
N LEU B 628 -26.87 2.83 -16.15
CA LEU B 628 -27.97 3.78 -16.02
C LEU B 628 -28.59 3.67 -14.63
N LYS B 629 -28.49 2.50 -14.00
CA LYS B 629 -29.09 2.35 -12.70
C LYS B 629 -28.05 2.50 -11.59
N LEU B 630 -26.79 2.82 -11.93
CA LEU B 630 -25.71 2.91 -10.93
C LEU B 630 -26.01 4.01 -9.92
N GLU B 631 -25.92 3.64 -8.63
CA GLU B 631 -26.23 4.50 -7.50
C GLU B 631 -24.97 4.79 -6.65
N GLU B 632 -24.03 3.84 -6.63
CA GLU B 632 -22.83 3.94 -5.82
C GLU B 632 -21.59 3.70 -6.69
N LEU B 633 -20.66 4.66 -6.62
CA LEU B 633 -19.41 4.61 -7.35
C LEU B 633 -18.27 5.06 -6.42
N ASP B 634 -17.23 4.23 -6.38
CA ASP B 634 -16.00 4.45 -5.60
C ASP B 634 -14.80 4.62 -6.55
N ILE B 635 -14.37 5.88 -6.73
CA ILE B 635 -13.17 6.17 -7.50
C ILE B 635 -12.13 6.88 -6.60
N SER B 636 -12.05 6.43 -5.35
CA SER B 636 -10.96 6.76 -4.47
C SER B 636 -9.70 6.05 -4.99
N LYS B 637 -8.54 6.62 -4.63
CA LYS B 637 -7.25 6.08 -4.87
C LYS B 637 -7.10 5.86 -6.37
N ASN B 638 -7.31 6.92 -7.14
CA ASN B 638 -7.08 6.89 -8.57
C ASN B 638 -6.14 8.02 -8.95
N SER B 639 -5.43 8.59 -7.99
CA SER B 639 -4.42 9.66 -8.22
C SER B 639 -5.03 10.84 -8.97
N LEU B 640 -6.29 11.14 -8.70
CA LEU B 640 -6.94 12.22 -9.41
C LEU B 640 -6.64 13.53 -8.67
N SER B 641 -5.54 14.16 -9.05
CA SER B 641 -5.14 15.41 -8.42
C SER B 641 -6.02 16.60 -8.86
N PHE B 642 -6.73 16.41 -9.98
CA PHE B 642 -7.78 17.31 -10.44
C PHE B 642 -8.78 16.48 -11.24
N LEU B 643 -10.00 16.99 -11.41
CA LEU B 643 -10.98 16.35 -12.25
C LEU B 643 -11.15 17.17 -13.53
N PRO B 644 -10.76 16.63 -14.70
CA PRO B 644 -10.96 17.33 -15.96
C PRO B 644 -12.46 17.68 -16.07
N SER B 645 -12.77 18.79 -16.73
CA SER B 645 -14.16 19.12 -16.95
C SER B 645 -14.77 18.01 -17.83
N GLY B 646 -15.99 17.60 -17.48
CA GLY B 646 -16.68 16.55 -18.20
C GLY B 646 -16.81 15.28 -17.38
N VAL B 647 -16.02 15.16 -16.31
CA VAL B 647 -16.15 14.02 -15.45
C VAL B 647 -17.58 13.97 -14.90
N PHE B 648 -18.11 15.11 -14.44
CA PHE B 648 -19.38 15.12 -13.73
C PHE B 648 -20.56 14.94 -14.69
N ASP B 649 -20.47 15.60 -15.85
CA ASP B 649 -21.43 15.45 -16.92
C ASP B 649 -21.46 13.98 -17.36
N GLY B 650 -20.33 13.29 -17.26
CA GLY B 650 -20.26 11.91 -17.69
C GLY B 650 -20.78 10.91 -16.66
N MET B 651 -21.18 11.38 -15.48
CA MET B 651 -21.62 10.47 -14.44
C MET B 651 -23.05 10.06 -14.77
N PRO B 652 -23.43 8.78 -14.56
CA PRO B 652 -24.76 8.31 -14.94
C PRO B 652 -25.79 8.99 -14.04
N PRO B 653 -27.05 9.10 -14.48
CA PRO B 653 -27.96 10.07 -13.89
C PRO B 653 -28.44 9.75 -12.46
N ASN B 654 -28.37 8.51 -11.99
CA ASN B 654 -28.94 8.21 -10.67
C ASN B 654 -27.85 8.10 -9.59
N LEU B 655 -26.65 8.62 -9.83
CA LEU B 655 -25.56 8.48 -8.87
C LEU B 655 -25.98 9.13 -7.55
N LYS B 656 -25.95 8.35 -6.47
CA LYS B 656 -26.31 8.79 -5.12
C LYS B 656 -25.07 9.03 -4.26
N ASN B 657 -24.11 8.07 -4.35
CA ASN B 657 -23.05 7.86 -3.37
C ASN B 657 -21.72 7.80 -4.16
N LEU B 658 -20.89 8.84 -3.98
CA LEU B 658 -19.66 9.01 -4.72
C LEU B 658 -18.51 9.27 -3.75
N SER B 659 -17.46 8.44 -3.85
CA SER B 659 -16.22 8.62 -3.14
C SER B 659 -15.09 9.00 -4.10
N LEU B 660 -14.42 10.10 -3.74
CA LEU B 660 -13.25 10.64 -4.39
C LEU B 660 -12.15 10.76 -3.35
N ALA B 661 -12.21 9.90 -2.32
CA ALA B 661 -11.23 9.97 -1.24
C ALA B 661 -9.86 9.58 -1.78
N LYS B 662 -8.81 10.11 -1.11
CA LYS B 662 -7.46 9.59 -1.20
C LYS B 662 -6.99 9.68 -2.65
N ASN B 663 -7.21 10.85 -3.25
CA ASN B 663 -6.88 11.09 -4.63
C ASN B 663 -5.81 12.19 -4.76
N GLY B 664 -5.43 12.85 -3.65
CA GLY B 664 -4.53 13.96 -3.70
C GLY B 664 -5.11 15.11 -4.50
N LEU B 665 -6.45 15.25 -4.50
CA LEU B 665 -7.18 16.38 -5.12
C LEU B 665 -6.74 17.71 -4.51
N LYS B 666 -6.29 18.66 -5.34
CA LYS B 666 -5.84 19.96 -4.84
C LYS B 666 -6.84 21.05 -5.22
N SER B 667 -7.81 20.71 -6.07
CA SER B 667 -8.76 21.69 -6.59
C SER B 667 -10.04 20.95 -6.97
N PHE B 668 -11.16 21.67 -6.88
CA PHE B 668 -12.46 21.07 -7.07
C PHE B 668 -13.46 22.19 -7.38
N ILE B 669 -14.04 22.10 -8.59
CA ILE B 669 -15.01 23.05 -9.07
C ILE B 669 -16.37 22.58 -8.56
N TRP B 670 -16.77 23.14 -7.41
CA TRP B 670 -17.94 22.74 -6.66
C TRP B 670 -19.23 22.86 -7.49
N GLU B 671 -19.30 23.86 -8.38
CA GLU B 671 -20.49 24.17 -9.21
C GLU B 671 -20.89 22.96 -10.04
N LYS B 672 -19.86 22.25 -10.52
CA LYS B 672 -20.07 21.12 -11.38
C LYS B 672 -20.89 20.05 -10.64
N LEU B 673 -21.11 20.16 -9.33
CA LEU B 673 -21.94 19.18 -8.63
C LEU B 673 -23.41 19.26 -9.10
N ARG B 674 -23.75 20.35 -9.80
CA ARG B 674 -25.11 20.54 -10.33
C ARG B 674 -25.55 19.38 -11.24
N TYR B 675 -24.63 18.76 -11.98
CA TYR B 675 -24.96 17.65 -12.90
C TYR B 675 -25.45 16.39 -12.14
N LEU B 676 -25.02 16.23 -10.89
CA LEU B 676 -25.26 15.01 -10.11
C LEU B 676 -26.55 15.22 -9.31
N LYS B 677 -27.70 15.10 -9.98
CA LYS B 677 -28.97 15.59 -9.46
C LYS B 677 -29.54 14.67 -8.35
N ASN B 678 -29.05 13.43 -8.23
CA ASN B 678 -29.55 12.54 -7.16
C ASN B 678 -28.48 12.28 -6.09
N LEU B 679 -27.44 13.12 -6.05
CA LEU B 679 -26.30 12.96 -5.14
C LEU B 679 -26.71 13.16 -3.67
N GLU B 680 -26.41 12.16 -2.83
CA GLU B 680 -26.75 12.18 -1.41
C GLU B 680 -25.51 12.17 -0.50
N THR B 681 -24.47 11.44 -0.93
CA THR B 681 -23.19 11.30 -0.23
C THR B 681 -22.02 11.67 -1.15
N LEU B 682 -21.20 12.63 -0.71
CA LEU B 682 -19.95 12.99 -1.36
C LEU B 682 -18.81 12.81 -0.33
N ASP B 683 -17.98 11.78 -0.56
CA ASP B 683 -16.80 11.53 0.26
C ASP B 683 -15.58 12.09 -0.45
N LEU B 684 -15.04 13.18 0.11
CA LEU B 684 -13.84 13.87 -0.40
C LEU B 684 -12.71 13.83 0.63
N SER B 685 -12.78 12.89 1.58
CA SER B 685 -11.81 12.69 2.64
C SER B 685 -10.39 12.41 2.08
N HIS B 686 -9.37 12.80 2.85
CA HIS B 686 -7.93 12.55 2.58
C HIS B 686 -7.54 13.09 1.19
N ASN B 687 -7.68 14.40 1.00
CA ASN B 687 -7.28 15.09 -0.21
C ASN B 687 -6.57 16.37 0.24
N GLN B 688 -6.46 17.37 -0.65
CA GLN B 688 -5.69 18.62 -0.38
C GLN B 688 -6.55 19.84 -0.66
N LEU B 689 -7.86 19.71 -0.44
CA LEU B 689 -8.77 20.82 -0.71
C LEU B 689 -8.48 21.93 0.31
N THR B 690 -8.54 23.18 -0.16
CA THR B 690 -8.27 24.31 0.70
C THR B 690 -9.53 25.16 0.93
N THR B 691 -10.60 24.94 0.16
CA THR B 691 -11.80 25.76 0.26
C THR B 691 -13.05 24.91 0.12
N VAL B 692 -14.15 25.47 0.64
CA VAL B 692 -15.48 24.93 0.43
C VAL B 692 -16.19 25.87 -0.57
N PRO B 693 -17.36 25.47 -1.11
CA PRO B 693 -18.10 26.34 -2.04
C PRO B 693 -18.70 27.58 -1.34
N GLU B 694 -18.88 28.66 -2.11
CA GLU B 694 -19.39 29.92 -1.57
C GLU B 694 -20.81 29.70 -1.04
N ARG B 695 -21.58 28.80 -1.69
CA ARG B 695 -22.91 28.34 -1.24
C ARG B 695 -23.12 26.90 -1.67
N LEU B 696 -23.22 26.00 -0.70
CA LEU B 696 -23.42 24.60 -0.97
C LEU B 696 -24.80 24.38 -1.61
N SER B 697 -25.77 25.18 -1.17
CA SER B 697 -27.17 25.07 -1.66
C SER B 697 -27.19 25.21 -3.18
N ASN B 698 -26.36 26.13 -3.72
CA ASN B 698 -26.26 26.51 -5.15
C ASN B 698 -25.39 25.50 -5.93
N CYS B 699 -24.91 24.43 -5.28
CA CYS B 699 -24.11 23.36 -5.94
C CYS B 699 -24.93 22.06 -6.03
N SER B 700 -25.66 21.76 -4.97
CA SER B 700 -26.45 20.54 -4.86
C SER B 700 -27.60 20.77 -3.89
N ARG B 701 -28.83 20.52 -4.34
CA ARG B 701 -30.03 20.54 -3.50
C ARG B 701 -30.18 19.21 -2.75
N SER B 702 -29.60 18.15 -3.31
CA SER B 702 -29.89 16.79 -2.89
C SER B 702 -28.95 16.35 -1.77
N LEU B 703 -27.80 17.04 -1.63
CA LEU B 703 -26.66 16.50 -0.88
C LEU B 703 -27.01 16.46 0.61
N LYS B 704 -26.84 15.27 1.21
CA LYS B 704 -27.14 15.04 2.61
C LYS B 704 -25.86 14.81 3.41
N ASN B 705 -24.88 14.07 2.86
CA ASN B 705 -23.70 13.71 3.62
C ASN B 705 -22.46 14.22 2.90
N LEU B 706 -21.72 15.10 3.57
CA LEU B 706 -20.56 15.70 3.01
C LEU B 706 -19.37 15.43 3.92
N ILE B 707 -18.41 14.66 3.41
CA ILE B 707 -17.27 14.25 4.15
C ILE B 707 -16.02 14.93 3.59
N LEU B 708 -15.48 15.87 4.38
CA LEU B 708 -14.32 16.64 3.96
C LEU B 708 -13.20 16.44 4.97
N LYS B 709 -13.25 15.33 5.72
CA LYS B 709 -12.23 15.10 6.74
C LYS B 709 -10.90 14.98 6.02
N ASN B 710 -9.83 15.46 6.68
CA ASN B 710 -8.43 15.25 6.25
C ASN B 710 -8.16 16.01 4.95
N ASN B 711 -8.39 17.33 4.98
CA ASN B 711 -8.07 18.22 3.90
C ASN B 711 -7.28 19.37 4.51
N GLN B 712 -7.15 20.48 3.78
CA GLN B 712 -6.29 21.57 4.18
C GLN B 712 -7.11 22.85 4.32
N ILE B 713 -8.38 22.72 4.72
CA ILE B 713 -9.28 23.86 4.73
C ILE B 713 -8.91 24.74 5.94
N ARG B 714 -8.70 26.04 5.72
CA ARG B 714 -8.22 26.96 6.75
C ARG B 714 -9.33 27.88 7.21
N SER B 715 -10.40 27.94 6.40
CA SER B 715 -11.54 28.82 6.65
C SER B 715 -12.76 28.34 5.84
N LEU B 716 -13.94 28.83 6.23
CA LEU B 716 -15.15 28.58 5.49
C LEU B 716 -15.58 29.86 4.75
N THR B 717 -16.22 29.67 3.61
CA THR B 717 -16.82 30.77 2.89
C THR B 717 -17.87 31.43 3.79
N LYS B 718 -18.07 32.74 3.60
CA LYS B 718 -18.98 33.55 4.40
C LYS B 718 -20.36 32.90 4.58
N TYR B 719 -21.00 32.42 3.50
CA TYR B 719 -22.39 31.91 3.56
C TYR B 719 -22.47 30.43 3.19
N PHE B 720 -21.40 29.69 3.47
CA PHE B 720 -21.21 28.26 3.10
C PHE B 720 -22.55 27.50 3.14
N LEU B 721 -23.12 27.31 4.33
CA LEU B 721 -24.23 26.36 4.47
C LEU B 721 -25.60 27.06 4.32
N GLN B 722 -25.64 28.35 3.95
CA GLN B 722 -26.90 29.06 3.90
C GLN B 722 -27.85 28.35 2.93
N ASP B 723 -29.00 27.93 3.50
CA ASP B 723 -30.18 27.39 2.83
C ASP B 723 -29.94 25.96 2.37
N ALA B 724 -28.92 25.28 2.90
CA ALA B 724 -28.60 23.95 2.46
C ALA B 724 -29.39 22.94 3.29
N PHE B 725 -30.72 23.02 3.19
CA PHE B 725 -31.62 22.44 4.20
C PHE B 725 -31.60 20.90 4.18
N GLN B 726 -31.09 20.30 3.08
CA GLN B 726 -31.11 18.86 2.96
C GLN B 726 -29.93 18.25 3.71
N LEU B 727 -28.92 19.08 4.01
CA LEU B 727 -27.69 18.61 4.66
C LEU B 727 -28.02 18.01 6.03
N ARG B 728 -27.43 16.84 6.30
CA ARG B 728 -27.68 16.05 7.53
C ARG B 728 -26.39 15.61 8.22
N TYR B 729 -25.29 15.45 7.46
CA TYR B 729 -24.00 14.98 7.99
C TYR B 729 -22.89 15.86 7.42
N LEU B 730 -21.94 16.25 8.27
CA LEU B 730 -20.87 17.14 7.83
C LEU B 730 -19.61 16.83 8.64
N ASP B 731 -18.62 16.25 7.96
CA ASP B 731 -17.32 15.96 8.58
C ASP B 731 -16.27 16.98 8.10
N LEU B 732 -15.87 17.89 8.99
CA LEU B 732 -14.76 18.80 8.71
C LEU B 732 -13.57 18.50 9.63
N SER B 733 -13.54 17.31 10.18
CA SER B 733 -12.48 16.97 11.09
C SER B 733 -11.14 16.89 10.33
N SER B 734 -10.04 16.98 11.08
CA SER B 734 -8.69 16.96 10.59
C SER B 734 -8.50 17.93 9.39
N ASN B 735 -8.82 19.21 9.61
CA ASN B 735 -8.53 20.34 8.68
C ASN B 735 -7.73 21.41 9.44
N LYS B 736 -7.57 22.63 8.89
CA LYS B 736 -6.80 23.65 9.59
C LYS B 736 -7.69 24.86 9.87
N ILE B 737 -8.97 24.63 10.16
CA ILE B 737 -9.93 25.74 10.34
C ILE B 737 -9.64 26.51 11.63
N GLN B 738 -9.66 27.84 11.55
CA GLN B 738 -9.30 28.69 12.67
C GLN B 738 -10.55 29.30 13.31
N MET B 739 -11.46 29.82 12.49
CA MET B 739 -12.64 30.55 12.90
C MET B 739 -13.84 29.92 12.23
N ILE B 740 -15.01 30.03 12.85
CA ILE B 740 -16.29 29.70 12.22
C ILE B 740 -17.31 30.74 12.72
N GLN B 741 -17.96 31.45 11.79
CA GLN B 741 -18.91 32.54 12.10
C GLN B 741 -20.31 32.03 11.76
N LYS B 742 -21.32 32.68 12.36
CA LYS B 742 -22.71 32.27 12.27
C LYS B 742 -23.23 32.27 10.81
N THR B 743 -22.73 33.22 10.00
CA THR B 743 -23.11 33.32 8.58
C THR B 743 -22.83 32.00 7.85
N SER B 744 -21.63 31.43 8.04
CA SER B 744 -21.19 30.15 7.41
C SER B 744 -22.02 28.96 7.88
N PHE B 745 -22.49 29.03 9.13
CA PHE B 745 -23.07 27.92 9.85
C PHE B 745 -24.43 28.35 10.42
N PRO B 746 -25.43 28.79 9.60
CA PRO B 746 -26.69 29.27 10.16
C PRO B 746 -27.42 28.16 10.94
N GLU B 747 -28.03 28.53 12.05
CA GLU B 747 -28.57 27.56 13.01
C GLU B 747 -29.74 26.75 12.39
N ASN B 748 -30.42 27.32 11.38
CA ASN B 748 -31.57 26.63 10.77
C ASN B 748 -31.12 25.45 9.89
N VAL B 749 -29.81 25.33 9.65
CA VAL B 749 -29.22 24.13 9.02
C VAL B 749 -28.62 23.25 10.11
N LEU B 750 -27.84 23.88 11.01
CA LEU B 750 -27.06 23.13 11.97
C LEU B 750 -27.97 22.23 12.81
N ASN B 751 -29.22 22.65 13.04
CA ASN B 751 -30.02 22.01 14.06
C ASN B 751 -30.73 20.78 13.46
N ASN B 752 -30.71 20.64 12.11
CA ASN B 752 -31.20 19.42 11.43
C ASN B 752 -30.12 18.33 11.34
N LEU B 753 -28.84 18.70 11.57
CA LEU B 753 -27.71 17.80 11.35
C LEU B 753 -27.78 16.65 12.35
N LYS B 754 -27.75 15.44 11.84
CA LYS B 754 -27.62 14.27 12.64
C LYS B 754 -26.25 14.30 13.36
N MET B 755 -25.18 14.66 12.63
CA MET B 755 -23.78 14.66 13.18
C MET B 755 -22.98 15.76 12.50
N LEU B 756 -22.11 16.40 13.28
CA LEU B 756 -21.21 17.46 12.78
C LEU B 756 -19.84 17.26 13.43
N LEU B 757 -18.84 16.89 12.63
CA LEU B 757 -17.52 16.56 13.16
C LEU B 757 -16.58 17.77 12.94
N LEU B 758 -15.92 18.21 14.00
CA LEU B 758 -15.09 19.43 14.00
C LEU B 758 -13.69 19.16 14.54
N HIS B 759 -13.45 17.94 14.98
CA HIS B 759 -12.35 17.70 15.87
C HIS B 759 -11.04 17.77 15.07
N HIS B 760 -9.95 18.11 15.75
CA HIS B 760 -8.61 18.21 15.17
C HIS B 760 -8.61 19.29 14.08
N ASN B 761 -8.87 20.53 14.48
CA ASN B 761 -8.77 21.72 13.63
C ASN B 761 -7.79 22.65 14.37
N ARG B 762 -7.76 23.94 14.00
N ARG B 762 -7.66 23.91 13.95
CA ARG B 762 -6.75 24.88 14.51
CA ARG B 762 -6.72 24.80 14.63
C ARG B 762 -7.47 26.08 15.12
C ARG B 762 -7.48 26.04 15.07
N PHE B 763 -8.48 25.81 15.95
CA PHE B 763 -9.41 26.83 16.45
C PHE B 763 -8.66 27.83 17.34
N LEU B 764 -8.94 29.10 17.08
CA LEU B 764 -8.40 30.20 17.78
C LEU B 764 -9.51 30.71 18.69
N CYS B 765 -9.22 30.78 19.98
CA CYS B 765 -10.24 31.09 20.98
C CYS B 765 -10.07 32.53 21.50
N THR B 766 -10.20 33.49 20.58
CA THR B 766 -10.25 34.91 20.85
C THR B 766 -11.73 35.30 20.98
N CYS B 767 -11.95 36.59 21.23
CA CYS B 767 -13.29 37.10 21.42
C CYS B 767 -14.07 37.07 20.11
N ASP B 768 -13.40 36.86 18.97
CA ASP B 768 -14.10 36.66 17.69
C ASP B 768 -14.87 35.33 17.67
N ALA B 769 -14.50 34.36 18.51
CA ALA B 769 -15.03 32.98 18.46
C ALA B 769 -16.17 32.81 19.47
N VAL B 770 -16.64 33.94 20.00
CA VAL B 770 -17.62 33.95 21.01
C VAL B 770 -18.84 33.13 20.53
N TRP B 771 -19.34 33.40 19.31
CA TRP B 771 -20.55 32.71 18.85
C TRP B 771 -20.30 31.20 18.77
N PHE B 772 -19.21 30.82 18.13
CA PHE B 772 -18.94 29.43 17.85
C PHE B 772 -18.81 28.65 19.15
N VAL B 773 -17.98 29.18 20.05
CA VAL B 773 -17.72 28.57 21.31
C VAL B 773 -19.06 28.41 22.04
N TRP B 774 -19.88 29.47 22.06
CA TRP B 774 -21.19 29.39 22.74
C TRP B 774 -22.05 28.27 22.11
N TRP B 775 -22.18 28.29 20.78
CA TRP B 775 -23.07 27.37 20.10
C TRP B 775 -22.65 25.92 20.43
N VAL B 776 -21.33 25.62 20.41
CA VAL B 776 -20.78 24.27 20.65
C VAL B 776 -21.12 23.82 22.07
N GLN B 777 -21.04 24.75 23.01
CA GLN B 777 -21.26 24.47 24.42
C GLN B 777 -22.74 24.15 24.66
N HIS B 778 -23.63 24.81 23.91
CA HIS B 778 -25.07 24.76 24.14
C HIS B 778 -25.87 23.91 23.11
N THR B 779 -25.24 23.28 22.12
CA THR B 779 -26.02 22.63 21.05
C THR B 779 -26.38 21.18 21.46
N GLU B 780 -27.49 20.69 20.89
CA GLU B 780 -27.95 19.28 21.01
C GLU B 780 -27.18 18.41 20.00
N VAL B 781 -26.79 19.04 18.88
CA VAL B 781 -26.22 18.36 17.74
C VAL B 781 -25.02 17.56 18.20
N THR B 782 -24.94 16.33 17.69
CA THR B 782 -23.92 15.41 18.09
C THR B 782 -22.58 15.85 17.49
N ILE B 783 -21.56 15.99 18.35
CA ILE B 783 -20.24 16.36 17.97
C ILE B 783 -19.30 15.42 18.71
N PRO B 784 -18.72 14.42 18.04
CA PRO B 784 -17.82 13.51 18.72
C PRO B 784 -16.52 14.24 19.06
N TYR B 785 -15.87 13.73 20.11
CA TYR B 785 -14.57 14.09 20.58
C TYR B 785 -14.54 15.49 21.23
N LEU B 786 -15.69 16.02 21.70
CA LEU B 786 -15.70 17.28 22.47
C LEU B 786 -14.80 17.23 23.72
N ALA B 787 -14.64 16.04 24.31
CA ALA B 787 -13.85 15.86 25.52
C ALA B 787 -12.36 15.66 25.21
N THR B 788 -12.06 15.25 23.99
CA THR B 788 -10.76 14.70 23.64
C THR B 788 -9.98 15.61 22.67
N ASP B 789 -10.62 16.19 21.65
CA ASP B 789 -9.88 16.78 20.49
C ASP B 789 -10.71 17.88 19.78
N VAL B 790 -11.53 18.63 20.53
CA VAL B 790 -12.04 19.89 20.02
C VAL B 790 -11.48 21.00 20.91
N THR B 791 -10.31 21.48 20.46
CA THR B 791 -9.33 22.09 21.29
C THR B 791 -9.00 23.47 20.73
N CYS B 792 -8.65 24.42 21.59
CA CYS B 792 -8.03 25.68 21.15
C CYS B 792 -6.55 25.44 20.88
N VAL B 793 -6.00 26.10 19.85
CA VAL B 793 -4.53 26.09 19.67
C VAL B 793 -3.93 27.38 20.21
N GLY B 794 -4.78 28.33 20.61
CA GLY B 794 -4.37 29.65 21.06
C GLY B 794 -5.61 30.51 21.34
N PRO B 795 -5.42 31.78 21.73
CA PRO B 795 -4.12 32.40 21.95
C PRO B 795 -3.45 31.95 23.26
N GLY B 796 -2.11 31.80 23.23
CA GLY B 796 -1.27 31.28 24.33
C GLY B 796 -2.07 30.84 25.55
N ALA B 797 -2.73 31.81 26.20
CA ALA B 797 -3.50 31.59 27.43
C ALA B 797 -4.34 30.30 27.32
N HIS B 798 -5.20 30.19 26.30
CA HIS B 798 -6.19 29.09 26.14
C HIS B 798 -5.62 27.89 25.37
N LYS B 799 -4.32 27.89 25.05
CA LYS B 799 -3.71 26.83 24.24
C LYS B 799 -3.94 25.47 24.89
N GLY B 800 -4.31 24.47 24.09
CA GLY B 800 -4.52 23.07 24.51
C GLY B 800 -5.83 22.85 25.27
N GLN B 801 -6.60 23.91 25.49
CA GLN B 801 -7.81 23.84 26.32
C GLN B 801 -9.04 23.50 25.46
N SER B 802 -9.83 22.53 25.91
CA SER B 802 -11.10 22.12 25.26
C SER B 802 -12.05 23.33 25.14
N VAL B 803 -12.80 23.43 24.02
CA VAL B 803 -13.69 24.58 23.84
C VAL B 803 -14.97 24.38 24.66
N ILE B 804 -15.31 23.12 24.98
CA ILE B 804 -16.46 22.84 25.82
C ILE B 804 -16.27 23.51 27.23
N SER B 805 -15.04 23.52 27.75
CA SER B 805 -14.71 24.10 29.08
C SER B 805 -14.34 25.61 29.06
N LEU B 806 -14.19 26.20 27.87
CA LEU B 806 -13.68 27.59 27.66
C LEU B 806 -14.64 28.64 28.23
N ASP B 807 -14.12 29.50 29.11
CA ASP B 807 -14.82 30.62 29.71
C ASP B 807 -14.34 31.89 29.02
N LEU B 808 -15.24 32.64 28.42
CA LEU B 808 -14.92 33.82 27.61
C LEU B 808 -15.63 35.07 28.16
N TYR B 809 -15.84 35.15 29.47
CA TYR B 809 -16.62 36.27 30.05
C TYR B 809 -15.91 37.61 29.83
N THR B 810 -14.56 37.60 29.75
CA THR B 810 -13.76 38.82 29.55
C THR B 810 -14.19 39.56 28.29
N CYS B 811 -14.82 38.86 27.34
CA CYS B 811 -15.28 39.43 26.07
C CYS B 811 -16.56 40.27 26.24
N GLU B 812 -17.20 40.23 27.43
CA GLU B 812 -18.55 40.82 27.66
C GLU B 812 -18.55 41.85 28.80
N LEU B 813 -17.56 42.75 28.84
CA LEU B 813 -17.50 43.77 29.88
C LEU B 813 -17.87 45.16 29.30
C1 NAG E . -5.17 20.38 -36.27
C2 NAG E . -6.02 20.80 -35.09
C3 NAG E . -7.54 20.62 -35.36
C4 NAG E . -8.02 21.22 -36.67
C5 NAG E . -7.08 20.68 -37.74
C6 NAG E . -7.46 21.17 -39.13
C7 NAG E . -5.24 20.62 -32.77
C8 NAG E . -5.08 19.65 -31.63
N2 NAG E . -5.64 20.06 -33.90
O3 NAG E . -8.33 21.21 -34.31
O4 NAG E . -9.38 20.80 -36.90
O5 NAG E . -5.73 21.08 -37.41
O6 NAG E . -6.26 21.45 -39.90
O7 NAG E . -5.03 21.81 -32.62
C1 NAG E . -10.31 21.86 -37.24
C2 NAG E . -11.46 21.22 -38.04
C3 NAG E . -12.75 22.06 -38.02
C4 NAG E . -13.17 22.38 -36.59
C5 NAG E . -12.03 23.15 -35.89
C6 NAG E . -12.36 23.13 -34.41
C7 NAG E . -10.71 19.66 -39.84
C8 NAG E . -10.41 19.45 -41.31
N2 NAG E . -11.09 20.91 -39.43
O3 NAG E . -13.79 21.24 -38.54
O4 NAG E . -14.45 23.08 -36.53
O5 NAG E . -10.71 22.56 -36.06
O6 NAG E . -12.28 21.77 -33.93
O7 NAG E . -10.59 18.69 -39.09
C1 NAG F . 4.91 -21.29 35.89
C2 NAG F . 5.77 -20.10 35.50
C3 NAG F . 7.25 -20.49 35.37
C4 NAG F . 7.72 -21.24 36.62
C5 NAG F . 6.76 -22.40 36.82
C6 NAG F . 7.07 -23.37 37.97
C7 NAG F . 4.96 -18.30 33.99
C8 NAG F . 4.60 -18.03 32.59
N2 NAG F . 5.22 -19.60 34.26
O3 NAG F . 8.07 -19.34 35.13
O4 NAG F . 9.11 -21.65 36.46
O5 NAG F . 5.46 -21.90 37.08
O6 NAG F . 6.31 -24.57 37.79
O7 NAG F . 5.06 -17.36 34.77
C1 NAG F . 9.98 -21.31 37.56
C2 NAG F . 11.03 -22.41 37.56
C3 NAG F . 12.35 -21.99 38.16
C4 NAG F . 12.91 -20.85 37.33
C5 NAG F . 11.96 -19.66 37.50
C6 NAG F . 12.23 -18.59 36.44
C7 NAG F . 10.29 -24.72 37.69
C8 NAG F . 9.78 -25.83 38.58
N2 NAG F . 10.53 -23.56 38.31
O3 NAG F . 13.13 -23.18 38.17
O4 NAG F . 14.26 -20.55 37.73
O5 NAG F . 10.55 -19.99 37.44
O6 NAG F . 11.67 -18.95 35.17
O7 NAG F . 10.47 -24.83 36.48
C1 NAG G . 16.13 -25.57 9.72
C2 NAG G . 17.20 -26.64 9.59
C3 NAG G . 16.55 -28.00 9.57
C4 NAG G . 15.94 -28.19 10.95
C5 NAG G . 14.85 -27.16 11.11
C6 NAG G . 14.22 -27.23 12.50
C7 NAG G . 19.26 -25.97 8.52
C8 NAG G . 19.93 -25.72 7.18
N2 NAG G . 18.00 -26.41 8.39
O3 NAG G . 17.43 -29.04 9.16
O4 NAG G . 15.39 -29.50 11.05
O5 NAG G . 15.37 -25.84 10.89
O6 NAG G . 13.08 -26.34 12.58
O7 NAG G . 19.82 -25.77 9.63
C1 NAG H . 12.74 -8.64 -13.47
C2 NAG H . 13.61 -7.46 -13.19
C3 NAG H . 12.78 -6.39 -12.53
C4 NAG H . 11.54 -5.96 -13.27
C5 NAG H . 10.82 -7.28 -13.59
C6 NAG H . 9.47 -7.08 -14.25
C7 NAG H . 15.96 -7.57 -12.40
C8 NAG H . 16.91 -8.13 -11.38
N2 NAG H . 14.66 -7.88 -12.29
O3 NAG H . 13.61 -5.26 -12.39
O4 NAG H . 10.85 -5.11 -12.34
O5 NAG H . 11.69 -8.19 -14.34
O6 NAG H . 9.65 -7.03 -15.66
O7 NAG H . 16.42 -6.88 -13.27
C1 NAG I . 14.36 -28.87 -25.64
C2 NAG I . 13.82 -30.29 -25.48
C3 NAG I . 14.97 -31.18 -25.03
C4 NAG I . 16.17 -31.06 -26.00
C5 NAG I . 16.54 -29.60 -26.23
C6 NAG I . 17.68 -29.38 -27.21
C7 NAG I . 11.44 -30.58 -25.10
C8 NAG I . 10.22 -30.74 -24.24
N2 NAG I . 12.67 -30.39 -24.57
O3 NAG I . 14.48 -32.50 -24.96
O4 NAG I . 17.30 -31.71 -25.43
O5 NAG I . 15.35 -28.93 -26.67
O6 NAG I . 18.41 -28.18 -26.83
O7 NAG I . 11.34 -30.62 -26.29
C1 NAG J . 28.03 7.00 29.25
C2 NAG J . 29.18 5.98 29.20
C3 NAG J . 29.55 5.42 30.55
C4 NAG J . 29.96 6.61 31.41
C5 NAG J . 28.83 7.66 31.50
C6 NAG J . 29.33 8.94 32.20
C7 NAG J . 29.21 4.98 27.07
C8 NAG J . 28.93 3.79 26.18
N2 NAG J . 28.86 4.86 28.34
O3 NAG J . 30.63 4.48 30.43
O4 NAG J . 30.26 6.14 32.71
O5 NAG J . 28.30 8.04 30.21
O6 NAG J . 30.17 9.65 31.29
O7 NAG J . 29.76 6.02 26.74
C1 NAG K . 7.22 -16.46 -44.37
C2 NAG K . 6.74 -17.65 -45.17
C3 NAG K . 6.75 -17.33 -46.69
C4 NAG K . 6.24 -15.93 -47.01
C5 NAG K . 7.09 -14.93 -46.28
C6 NAG K . 6.74 -13.51 -46.69
C7 NAG K . 7.46 -19.55 -43.85
C8 NAG K . 8.55 -20.53 -43.54
N2 NAG K . 7.66 -18.75 -44.90
O3 NAG K . 5.94 -18.24 -47.45
O4 NAG K . 6.35 -15.69 -48.40
O5 NAG K . 6.82 -15.18 -44.90
O6 NAG K . 5.39 -13.27 -46.31
O7 NAG K . 6.47 -19.42 -43.17
C1 NAG L . 13.67 -32.92 -4.09
C2 NAG L . 14.47 -33.88 -3.18
C3 NAG L . 14.27 -35.35 -3.58
C4 NAG L . 13.32 -35.64 -4.78
C5 NAG L . 13.21 -34.45 -5.72
C6 NAG L . 12.44 -34.76 -7.01
C7 NAG L . 16.52 -32.90 -2.01
C8 NAG L . 17.99 -32.54 -2.19
N2 NAG L . 15.90 -33.48 -3.08
O3 NAG L . 13.78 -35.88 -2.36
O4 NAG L . 13.80 -36.64 -5.67
O5 NAG L . 12.63 -33.45 -4.90
O6 NAG L . 11.48 -33.74 -7.31
O7 NAG L . 15.98 -32.64 -0.94
C1 NAG M . 25.90 27.02 -19.13
C2 NAG M . 25.71 25.48 -19.17
C3 NAG M . 26.57 24.84 -20.26
C4 NAG M . 26.11 25.32 -21.64
C5 NAG M . 26.26 26.85 -21.57
C6 NAG M . 25.71 27.44 -22.86
C7 NAG M . 25.00 24.77 -16.89
C8 NAG M . 25.41 23.90 -15.73
N2 NAG M . 25.90 24.79 -17.89
O3 NAG M . 26.37 23.45 -20.22
O4 NAG M . 26.76 24.63 -22.77
O5 NAG M . 25.53 27.47 -20.45
O6 NAG M . 24.29 27.65 -22.76
O7 NAG M . 23.93 25.39 -16.93
C1 NAG N . 21.98 2.35 3.94
C2 NAG N . 22.72 3.13 2.84
C3 NAG N . 21.66 3.82 1.95
C4 NAG N . 20.58 2.89 1.36
C5 NAG N . 19.93 2.19 2.54
C6 NAG N . 18.89 1.11 2.12
C7 NAG N . 25.00 3.78 3.78
C8 NAG N . 25.85 4.94 4.20
N2 NAG N . 23.75 4.08 3.35
O3 NAG N . 22.29 4.40 0.82
O4 NAG N . 19.61 3.59 0.51
O5 NAG N . 20.95 1.58 3.33
O6 NAG N . 18.55 0.27 3.24
O7 NAG N . 25.46 2.66 3.86
S SO4 O . 14.19 -29.51 4.94
O1 SO4 O . 14.66 -28.33 4.19
O2 SO4 O . 13.00 -30.09 4.22
O3 SO4 O . 15.35 -30.45 4.90
O4 SO4 O . 13.86 -28.88 6.26
S SO4 P . -2.62 19.77 -9.92
O1 SO4 P . -2.71 19.42 -11.36
O2 SO4 P . -3.95 20.32 -9.52
O3 SO4 P . -2.26 18.48 -9.26
O4 SO4 P . -1.54 20.70 -9.53
S SO4 Q . 12.60 -26.42 -30.31
O1 SO4 Q . 13.32 -25.99 -31.53
O2 SO4 Q . 11.49 -27.33 -30.75
O3 SO4 Q . 13.55 -27.14 -29.43
O4 SO4 Q . 12.12 -25.18 -29.60
O 9K9 R . -3.78 -14.37 -24.38
C2 9K9 R . -3.96 -13.25 -24.86
C 9K9 R . -3.68 -13.05 -26.31
N3 9K9 R . -3.28 -13.82 -27.35
C4 9K9 R . -3.28 -12.98 -28.41
N1 9K9 R . -4.37 -12.19 -24.12
C3 9K9 R . -4.56 -10.94 -24.67
N4 9K9 R . -5.01 -9.88 -23.94
N 9K9 R . -4.35 -10.74 -25.97
C1 9K9 R . -3.95 -11.70 -26.80
N2 9K9 R . -3.67 -11.73 -28.08
C5 9K9 R . -3.79 -10.55 -28.94
C6 9K9 R . -5.20 -9.98 -28.91
O3 9K9 R . -5.97 -10.20 -30.11
O1 9K9 R . -2.90 -9.54 -28.49
C8 9K9 R . -3.48 -8.25 -28.77
C9 9K9 R . -3.06 -7.19 -27.75
O2 9K9 R . -3.33 -7.72 -26.45
C7 9K9 R . -4.98 -8.48 -28.74
O4 9K9 R . -5.63 -7.78 -29.79
P 9K9 R . -6.36 -8.79 -30.77
O6 9K9 R . -5.54 -8.80 -32.03
O5 9K9 R . -7.86 -8.46 -30.85
C1 NAG S . -16.79 -3.79 -26.76
C2 NAG S . -17.84 -4.60 -27.54
C3 NAG S . -17.25 -5.36 -28.72
C4 NAG S . -16.23 -4.53 -29.51
C5 NAG S . -15.35 -3.62 -28.66
C6 NAG S . -14.74 -2.66 -29.64
C7 NAG S . -19.64 -5.32 -26.09
C8 NAG S . -20.13 -6.48 -25.28
N2 NAG S . -18.50 -5.59 -26.73
O3 NAG S . -18.31 -5.79 -29.59
O4 NAG S . -15.39 -5.47 -30.22
O5 NAG S . -16.08 -2.91 -27.63
O6 NAG S . -13.95 -1.71 -28.91
O7 NAG S . -20.25 -4.25 -26.14
C1 NAG T . -13.30 -15.74 -0.47
C2 NAG T . -14.12 -14.91 0.45
C3 NAG T . -13.24 -13.85 1.11
C4 NAG T . -11.94 -14.47 1.61
C5 NAG T . -11.26 -15.18 0.44
C6 NAG T . -9.81 -15.68 0.57
C7 NAG T . -16.27 -13.96 -0.09
C8 NAG T . -16.97 -13.09 -1.09
N2 NAG T . -15.04 -14.27 -0.44
O3 NAG T . -13.98 -13.27 2.17
O4 NAG T . -11.21 -13.38 2.15
O5 NAG T . -12.16 -16.29 0.18
O6 NAG T . -9.61 -16.46 1.74
O7 NAG T . -16.74 -14.32 0.94
C1 NAG U . -25.54 -2.23 33.49
C2 NAG U . -25.48 -3.05 32.19
C3 NAG U . -26.43 -4.23 32.22
C4 NAG U . -25.98 -5.13 33.35
C5 NAG U . -25.88 -4.33 34.70
C6 NAG U . -25.25 -5.10 35.88
C7 NAG U . -24.82 -1.45 30.55
C8 NAG U . -25.33 -0.66 29.36
N2 NAG U . -25.77 -2.21 31.08
O3 NAG U . -26.42 -5.04 31.04
O4 NAG U . -26.88 -6.28 33.22
O5 NAG U . -25.15 -3.09 34.60
O6 NAG U . -23.85 -5.42 35.71
O7 NAG U . -23.65 -1.43 31.00
C1 NAG V . -15.36 -36.11 -12.12
C2 NAG V . -14.85 -36.80 -13.40
C3 NAG V . -15.92 -36.87 -14.51
C4 NAG V . -17.16 -37.57 -13.92
C5 NAG V . -17.58 -36.87 -12.64
C6 NAG V . -18.80 -37.50 -11.96
C7 NAG V . -12.45 -36.83 -13.79
C8 NAG V . -11.29 -36.21 -14.53
N2 NAG V . -13.62 -36.19 -13.88
O3 NAG V . -15.44 -37.53 -15.71
O4 NAG V . -18.28 -37.49 -14.81
O5 NAG V . -16.51 -36.87 -11.69
O6 NAG V . -19.01 -36.84 -10.71
O7 NAG V . -12.35 -37.89 -13.18
C1 NAG W . -14.53 -19.77 -26.16
C2 NAG W . -15.48 -19.81 -27.37
C3 NAG W . -15.83 -21.28 -27.60
C4 NAG W . -14.57 -22.16 -27.59
C5 NAG W . -13.81 -22.04 -26.30
C6 NAG W . -12.69 -23.11 -26.28
C7 NAG W . -17.05 -17.86 -27.57
C8 NAG W . -18.30 -17.18 -26.98
N2 NAG W . -16.71 -19.06 -27.06
O3 NAG W . -16.51 -21.52 -28.84
O4 NAG W . -14.96 -23.52 -27.69
O5 NAG W . -13.41 -20.67 -26.27
O6 NAG W . -11.89 -23.03 -25.10
O7 NAG W . -16.38 -17.32 -28.44
S SO4 X . 2.93 1.26 22.00
O1 SO4 X . 2.33 1.20 20.66
O2 SO4 X . 1.77 1.83 22.75
O3 SO4 X . 3.39 -0.09 22.47
O4 SO4 X . 4.16 2.13 22.10
S SO4 Y . -15.03 -9.91 -27.73
O1 SO4 Y . -15.09 -9.49 -29.14
O2 SO4 Y . -16.34 -10.27 -27.15
O3 SO4 Y . -14.18 -11.13 -27.54
O4 SO4 Y . -14.64 -8.65 -27.03
S SO4 Z . -8.58 36.54 29.19
O1 SO4 Z . -9.00 37.81 28.48
O2 SO4 Z . -9.24 35.30 28.65
O3 SO4 Z . -7.14 36.26 29.04
O4 SO4 Z . -8.94 36.64 30.64
S SO4 AA . -8.56 -22.04 23.43
O1 SO4 AA . -8.43 -21.26 22.17
O2 SO4 AA . -9.81 -22.89 23.66
O3 SO4 AA . -7.34 -22.89 23.50
O4 SO4 AA . -8.57 -20.99 24.48
S SO4 BA . -2.00 -43.15 3.45
O1 SO4 BA . -1.99 -44.18 2.37
O2 SO4 BA . -3.41 -42.63 3.61
O3 SO4 BA . -1.51 -43.76 4.73
O4 SO4 BA . -1.00 -42.10 3.11
S SO4 CA . 0.46 24.50 8.78
O1 SO4 CA . 1.21 23.70 7.76
O2 SO4 CA . -0.94 24.78 8.38
O3 SO4 CA . 0.43 23.71 10.03
O4 SO4 CA . 1.12 25.81 9.01
O 9K9 DA . 2.91 -28.26 -0.28
C2 9K9 DA . 3.15 -28.24 0.95
C 9K9 DA . 2.91 -29.42 1.82
N3 9K9 DA . 2.50 -30.69 1.68
C4 9K9 DA . 2.52 -31.24 2.93
N1 9K9 DA . 3.58 -27.13 1.50
C3 9K9 DA . 3.81 -27.00 2.82
N4 9K9 DA . 4.28 -25.82 3.28
N 9K9 DA . 3.61 -28.01 3.70
C1 9K9 DA . 3.17 -29.20 3.26
N2 9K9 DA . 2.95 -30.35 3.88
C5 9K9 DA . 3.08 -30.53 5.36
C6 9K9 DA . 4.40 -30.11 5.94
O3 9K9 DA . 5.21 -31.18 6.30
O1 9K9 DA . 2.15 -29.63 5.98
C8 9K9 DA . 2.62 -29.22 7.27
C9 9K9 DA . 2.16 -27.81 7.55
O2 9K9 DA . 2.53 -26.96 6.42
C7 9K9 DA . 4.13 -29.30 7.21
O4 9K9 DA . 4.80 -29.92 8.32
P 9K9 DA . 5.54 -31.21 7.83
O6 9K9 DA . 7.02 -31.20 7.96
O5 9K9 DA . 4.78 -32.40 8.34
#